data_5LZ6
# 
_entry.id   5LZ6 
# 
_audit_conform.dict_name       mmcif_pdbx.dic 
_audit_conform.dict_version    5.383 
_audit_conform.dict_location   http://mmcif.pdb.org/dictionaries/ascii/mmcif_pdbx.dic 
# 
loop_
_database_2.database_id 
_database_2.database_code 
_database_2.pdbx_database_accession 
_database_2.pdbx_DOI 
PDB   5LZ6         pdb_00005lz6 10.2210/pdb5lz6/pdb 
WWPDB D_1200001621 ?            ?                   
# 
loop_
_pdbx_audit_revision_history.ordinal 
_pdbx_audit_revision_history.data_content_type 
_pdbx_audit_revision_history.major_revision 
_pdbx_audit_revision_history.minor_revision 
_pdbx_audit_revision_history.revision_date 
1 'Structure model' 1 0 2016-12-14 
2 'Structure model' 1 1 2017-12-13 
3 'Structure model' 1 2 2020-07-29 
4 'Structure model' 1 3 2024-01-17 
# 
loop_
_pdbx_audit_revision_details.ordinal 
_pdbx_audit_revision_details.revision_ordinal 
_pdbx_audit_revision_details.data_content_type 
_pdbx_audit_revision_details.provider 
_pdbx_audit_revision_details.type 
_pdbx_audit_revision_details.description 
_pdbx_audit_revision_details.details 
1 1 'Structure model' repository 'Initial release' ?                          ? 
2 3 'Structure model' repository Remediation       'Carbohydrate remediation' ? 
# 
loop_
_pdbx_audit_revision_group.ordinal 
_pdbx_audit_revision_group.revision_ordinal 
_pdbx_audit_revision_group.data_content_type 
_pdbx_audit_revision_group.group 
1 2 'Structure model' 'Database references'    
2 3 'Structure model' 'Data collection'        
3 3 'Structure model' 'Derived calculations'   
4 3 'Structure model' 'Structure summary'      
5 4 'Structure model' 'Data collection'        
6 4 'Structure model' 'Database references'    
7 4 'Structure model' 'Refinement description' 
8 4 'Structure model' 'Structure summary'      
# 
loop_
_pdbx_audit_revision_category.ordinal 
_pdbx_audit_revision_category.revision_ordinal 
_pdbx_audit_revision_category.data_content_type 
_pdbx_audit_revision_category.category 
1  2 'Structure model' citation                      
2  2 'Structure model' citation_author               
3  3 'Structure model' chem_comp                     
4  3 'Structure model' entity                        
5  3 'Structure model' pdbx_chem_comp_identifier     
6  3 'Structure model' pdbx_entity_nonpoly           
7  3 'Structure model' struct_site                   
8  3 'Structure model' struct_site_gen               
9  4 'Structure model' chem_comp                     
10 4 'Structure model' chem_comp_atom                
11 4 'Structure model' chem_comp_bond                
12 4 'Structure model' database_2                    
13 4 'Structure model' pdbx_initial_refinement_model 
# 
loop_
_pdbx_audit_revision_item.ordinal 
_pdbx_audit_revision_item.revision_ordinal 
_pdbx_audit_revision_item.data_content_type 
_pdbx_audit_revision_item.item 
1  2 'Structure model' '_citation.country'                   
2  2 'Structure model' '_citation.journal_abbrev'            
3  2 'Structure model' '_citation.journal_id_ASTM'           
4  2 'Structure model' '_citation.journal_id_CSD'            
5  2 'Structure model' '_citation.journal_id_ISSN'           
6  2 'Structure model' '_citation.journal_volume'            
7  2 'Structure model' '_citation.page_first'                
8  2 'Structure model' '_citation.page_last'                 
9  2 'Structure model' '_citation.pdbx_database_id_DOI'      
10 2 'Structure model' '_citation.pdbx_database_id_PubMed'   
11 2 'Structure model' '_citation.title'                     
12 2 'Structure model' '_citation.year'                      
13 3 'Structure model' '_chem_comp.name'                     
14 3 'Structure model' '_chem_comp.type'                     
15 3 'Structure model' '_entity.pdbx_description'            
16 3 'Structure model' '_pdbx_entity_nonpoly.name'           
17 4 'Structure model' '_chem_comp.pdbx_synonyms'            
18 4 'Structure model' '_database_2.pdbx_DOI'                
19 4 'Structure model' '_database_2.pdbx_database_accession' 
# 
_pdbx_database_status.status_code                     REL 
_pdbx_database_status.status_code_sf                  REL 
_pdbx_database_status.status_code_mr                  ? 
_pdbx_database_status.entry_id                        5LZ6 
_pdbx_database_status.recvd_initial_deposition_date   2016-09-29 
_pdbx_database_status.SG_entry                        N 
_pdbx_database_status.deposit_site                    PDBE 
_pdbx_database_status.process_site                    PDBE 
_pdbx_database_status.status_code_cs                  ? 
_pdbx_database_status.methods_development_category    ? 
_pdbx_database_status.pdb_format_compatible           Y 
_pdbx_database_status.status_code_nmr_data            ? 
# 
loop_
_audit_author.name 
_audit_author.pdbx_ordinal 
'Klima, M.' 1 
'Boura, E.' 2 
# 
_citation.abstract                  ? 
_citation.abstract_id_CAS           ? 
_citation.book_id_ISBN              ? 
_citation.book_publisher            ? 
_citation.book_publisher_city       ? 
_citation.book_title                ? 
_citation.coordinate_linkage        ? 
_citation.country                   UK 
_citation.database_id_Medline       ? 
_citation.details                   ? 
_citation.id                        primary 
_citation.journal_abbrev            Structure 
_citation.journal_id_ASTM           STRUE6 
_citation.journal_id_CSD            2005 
_citation.journal_id_ISSN           1878-4186 
_citation.journal_full              ? 
_citation.journal_issue             ? 
_citation.journal_volume            25 
_citation.language                  ? 
_citation.page_first                219 
_citation.page_last                 230 
_citation.title                     
'Kobuviral Non-structural 3A Proteins Act as Molecular Harnesses to Hijack the Host ACBD3 Protein.' 
_citation.year                      2017 
_citation.database_id_CSD           ? 
_citation.pdbx_database_id_DOI      10.1016/j.str.2016.11.021 
_citation.pdbx_database_id_PubMed   28065508 
_citation.unpublished_flag          ? 
# 
loop_
_citation_author.citation_id 
_citation_author.name 
_citation_author.ordinal 
_citation_author.identifier_ORCID 
primary 'Klima, M.'        1 ? 
primary 'Chalupska, D.'    2 ? 
primary 'Rozycki, B.'      3 ? 
primary 'Humpolickova, J.' 4 ? 
primary 'Rezabkova, L.'    5 ? 
primary 'Silhan, J.'       6 ? 
primary 'Baumlova, A.'     7 ? 
primary 'Dubankova, A.'    8 ? 
primary 'Boura, E.'        9 ? 
# 
loop_
_entity.id 
_entity.type 
_entity.src_method 
_entity.pdbx_description 
_entity.formula_weight 
_entity.pdbx_number_of_molecules 
_entity.pdbx_ec 
_entity.pdbx_mutation 
_entity.pdbx_fragment 
_entity.details 
1 polymer     man 'Golgi resident protein GCP60' 19261.217 1 ? ? ? ? 
2 polymer     man 3A                             4182.599  1 ? ? ? ? 
3 non-polymer man beta-D-glucopyranose           180.156   1 ? ? ? ? 
# 
_entity_name_com.entity_id   1 
_entity_name_com.name        
;Acyl-CoA-binding domain-containing protein 3,Golgi complex-associated protein 1,GOCAP1,Golgi phosphoprotein 1,GOLPH1,PBR- and PKA-associated protein 7,Peripheral benzodiazepine receptor-associated protein PAP7
;
# 
loop_
_entity_poly.entity_id 
_entity_poly.type 
_entity_poly.nstd_linkage 
_entity_poly.nstd_monomer 
_entity_poly.pdbx_seq_one_letter_code 
_entity_poly.pdbx_seq_one_letter_code_can 
_entity_poly.pdbx_strand_id 
_entity_poly.pdbx_target_identifier 
1 'polypeptide(L)' no no 
;MESLPVIAAPSMWTRPQIKDFKEKIQQDADSVITVGRGEVVTVRVPTHEEGSYLFWEFATDNYDIGFGVYFEWTDSPNTA
VSVHVSESSDDDEEEEENIGCEEKAKKNANKPLLDEIVPVYRRDCHEEVYAGSHQYPGRGVYLLKFDNSYSLWRSKSVYY
RVYYTR
;
;MESLPVIAAPSMWTRPQIKDFKEKIQQDADSVITVGRGEVVTVRVPTHEEGSYLFWEFATDNYDIGFGVYFEWTDSPNTA
VSVHVSESSDDDEEEEENIGCEEKAKKNANKPLLDEIVPVYRRDCHEEVYAGSHQYPGRGVYLLKFDNSYSLWRSKSVYY
RVYYTR
;
A ? 
2 'polypeptide(L)' no no GAHSERTFETAPSEIDADEVLEILSKSKPAPTHLTLER GAHSERTFETAPSEIDADEVLEILSKSKPAPTHLTLER B ? 
# 
_pdbx_entity_nonpoly.entity_id   3 
_pdbx_entity_nonpoly.name        beta-D-glucopyranose 
_pdbx_entity_nonpoly.comp_id     BGC 
# 
loop_
_entity_poly_seq.entity_id 
_entity_poly_seq.num 
_entity_poly_seq.mon_id 
_entity_poly_seq.hetero 
1 1   MET n 
1 2   GLU n 
1 3   SER n 
1 4   LEU n 
1 5   PRO n 
1 6   VAL n 
1 7   ILE n 
1 8   ALA n 
1 9   ALA n 
1 10  PRO n 
1 11  SER n 
1 12  MET n 
1 13  TRP n 
1 14  THR n 
1 15  ARG n 
1 16  PRO n 
1 17  GLN n 
1 18  ILE n 
1 19  LYS n 
1 20  ASP n 
1 21  PHE n 
1 22  LYS n 
1 23  GLU n 
1 24  LYS n 
1 25  ILE n 
1 26  GLN n 
1 27  GLN n 
1 28  ASP n 
1 29  ALA n 
1 30  ASP n 
1 31  SER n 
1 32  VAL n 
1 33  ILE n 
1 34  THR n 
1 35  VAL n 
1 36  GLY n 
1 37  ARG n 
1 38  GLY n 
1 39  GLU n 
1 40  VAL n 
1 41  VAL n 
1 42  THR n 
1 43  VAL n 
1 44  ARG n 
1 45  VAL n 
1 46  PRO n 
1 47  THR n 
1 48  HIS n 
1 49  GLU n 
1 50  GLU n 
1 51  GLY n 
1 52  SER n 
1 53  TYR n 
1 54  LEU n 
1 55  PHE n 
1 56  TRP n 
1 57  GLU n 
1 58  PHE n 
1 59  ALA n 
1 60  THR n 
1 61  ASP n 
1 62  ASN n 
1 63  TYR n 
1 64  ASP n 
1 65  ILE n 
1 66  GLY n 
1 67  PHE n 
1 68  GLY n 
1 69  VAL n 
1 70  TYR n 
1 71  PHE n 
1 72  GLU n 
1 73  TRP n 
1 74  THR n 
1 75  ASP n 
1 76  SER n 
1 77  PRO n 
1 78  ASN n 
1 79  THR n 
1 80  ALA n 
1 81  VAL n 
1 82  SER n 
1 83  VAL n 
1 84  HIS n 
1 85  VAL n 
1 86  SER n 
1 87  GLU n 
1 88  SER n 
1 89  SER n 
1 90  ASP n 
1 91  ASP n 
1 92  ASP n 
1 93  GLU n 
1 94  GLU n 
1 95  GLU n 
1 96  GLU n 
1 97  GLU n 
1 98  ASN n 
1 99  ILE n 
1 100 GLY n 
1 101 CYS n 
1 102 GLU n 
1 103 GLU n 
1 104 LYS n 
1 105 ALA n 
1 106 LYS n 
1 107 LYS n 
1 108 ASN n 
1 109 ALA n 
1 110 ASN n 
1 111 LYS n 
1 112 PRO n 
1 113 LEU n 
1 114 LEU n 
1 115 ASP n 
1 116 GLU n 
1 117 ILE n 
1 118 VAL n 
1 119 PRO n 
1 120 VAL n 
1 121 TYR n 
1 122 ARG n 
1 123 ARG n 
1 124 ASP n 
1 125 CYS n 
1 126 HIS n 
1 127 GLU n 
1 128 GLU n 
1 129 VAL n 
1 130 TYR n 
1 131 ALA n 
1 132 GLY n 
1 133 SER n 
1 134 HIS n 
1 135 GLN n 
1 136 TYR n 
1 137 PRO n 
1 138 GLY n 
1 139 ARG n 
1 140 GLY n 
1 141 VAL n 
1 142 TYR n 
1 143 LEU n 
1 144 LEU n 
1 145 LYS n 
1 146 PHE n 
1 147 ASP n 
1 148 ASN n 
1 149 SER n 
1 150 TYR n 
1 151 SER n 
1 152 LEU n 
1 153 TRP n 
1 154 ARG n 
1 155 SER n 
1 156 LYS n 
1 157 SER n 
1 158 VAL n 
1 159 TYR n 
1 160 TYR n 
1 161 ARG n 
1 162 VAL n 
1 163 TYR n 
1 164 TYR n 
1 165 THR n 
1 166 ARG n 
2 1   GLY n 
2 2   ALA n 
2 3   HIS n 
2 4   SER n 
2 5   GLU n 
2 6   ARG n 
2 7   THR n 
2 8   PHE n 
2 9   GLU n 
2 10  THR n 
2 11  ALA n 
2 12  PRO n 
2 13  SER n 
2 14  GLU n 
2 15  ILE n 
2 16  ASP n 
2 17  ALA n 
2 18  ASP n 
2 19  GLU n 
2 20  VAL n 
2 21  LEU n 
2 22  GLU n 
2 23  ILE n 
2 24  LEU n 
2 25  SER n 
2 26  LYS n 
2 27  SER n 
2 28  LYS n 
2 29  PRO n 
2 30  ALA n 
2 31  PRO n 
2 32  THR n 
2 33  HIS n 
2 34  LEU n 
2 35  THR n 
2 36  LEU n 
2 37  GLU n 
2 38  ARG n 
# 
loop_
_entity_src_gen.entity_id 
_entity_src_gen.pdbx_src_id 
_entity_src_gen.pdbx_alt_source_flag 
_entity_src_gen.pdbx_seq_type 
_entity_src_gen.pdbx_beg_seq_num 
_entity_src_gen.pdbx_end_seq_num 
_entity_src_gen.gene_src_common_name 
_entity_src_gen.gene_src_genus 
_entity_src_gen.pdbx_gene_src_gene 
_entity_src_gen.gene_src_species 
_entity_src_gen.gene_src_strain 
_entity_src_gen.gene_src_tissue 
_entity_src_gen.gene_src_tissue_fraction 
_entity_src_gen.gene_src_details 
_entity_src_gen.pdbx_gene_src_fragment 
_entity_src_gen.pdbx_gene_src_scientific_name 
_entity_src_gen.pdbx_gene_src_ncbi_taxonomy_id 
_entity_src_gen.pdbx_gene_src_variant 
_entity_src_gen.pdbx_gene_src_cell_line 
_entity_src_gen.pdbx_gene_src_atcc 
_entity_src_gen.pdbx_gene_src_organ 
_entity_src_gen.pdbx_gene_src_organelle 
_entity_src_gen.pdbx_gene_src_cell 
_entity_src_gen.pdbx_gene_src_cellular_location 
_entity_src_gen.host_org_common_name 
_entity_src_gen.pdbx_host_org_scientific_name 
_entity_src_gen.pdbx_host_org_ncbi_taxonomy_id 
_entity_src_gen.host_org_genus 
_entity_src_gen.pdbx_host_org_gene 
_entity_src_gen.pdbx_host_org_organ 
_entity_src_gen.host_org_species 
_entity_src_gen.pdbx_host_org_tissue 
_entity_src_gen.pdbx_host_org_tissue_fraction 
_entity_src_gen.pdbx_host_org_strain 
_entity_src_gen.pdbx_host_org_variant 
_entity_src_gen.pdbx_host_org_cell_line 
_entity_src_gen.pdbx_host_org_atcc 
_entity_src_gen.pdbx_host_org_culture_collection 
_entity_src_gen.pdbx_host_org_cell 
_entity_src_gen.pdbx_host_org_organelle 
_entity_src_gen.pdbx_host_org_cellular_location 
_entity_src_gen.pdbx_host_org_vector_type 
_entity_src_gen.pdbx_host_org_vector 
_entity_src_gen.host_org_details 
_entity_src_gen.expression_system_id 
_entity_src_gen.plasmid_name 
_entity_src_gen.plasmid_details 
_entity_src_gen.pdbx_description 
1 1 sample 'Biological sequence' 1 166 Human ? 'ACBD3, GCP60, GOCAP1, GOLPH1' ? ? ? ? ? ? 'Homo sapiens' 9606   ? ? ? ? ? ? ? ? 
'Escherichia coli BL21' 511693 ? ? ? ? ? ? ? ? ? ? ? ? ? ? ? ? ? ? ? ? ? 
2 1 sample 'Biological sequence' 1 38  ?     ? ?                              ? ? ? ? ? ? 'Aichivirus B' 194965 ? ? ? ? ? ? ? ? 
'Escherichia coli BL21' 511693 ? ? ? ? ? ? ? ? ? ? ? ? ? ? ? ? ? ? ? ? ? 
# 
loop_
_chem_comp.id 
_chem_comp.type 
_chem_comp.mon_nstd_flag 
_chem_comp.name 
_chem_comp.pdbx_synonyms 
_chem_comp.formula 
_chem_comp.formula_weight 
ALA 'L-peptide linking'          y ALANINE              ?                                    'C3 H7 N O2'     89.093  
ARG 'L-peptide linking'          y ARGININE             ?                                    'C6 H15 N4 O2 1' 175.209 
ASN 'L-peptide linking'          y ASPARAGINE           ?                                    'C4 H8 N2 O3'    132.118 
ASP 'L-peptide linking'          y 'ASPARTIC ACID'      ?                                    'C4 H7 N O4'     133.103 
BGC 'D-saccharide, beta linking' . beta-D-glucopyranose 'beta-D-glucose; D-glucose; glucose' 'C6 H12 O6'      180.156 
CYS 'L-peptide linking'          y CYSTEINE             ?                                    'C3 H7 N O2 S'   121.158 
GLN 'L-peptide linking'          y GLUTAMINE            ?                                    'C5 H10 N2 O3'   146.144 
GLU 'L-peptide linking'          y 'GLUTAMIC ACID'      ?                                    'C5 H9 N O4'     147.129 
GLY 'peptide linking'            y GLYCINE              ?                                    'C2 H5 N O2'     75.067  
HIS 'L-peptide linking'          y HISTIDINE            ?                                    'C6 H10 N3 O2 1' 156.162 
ILE 'L-peptide linking'          y ISOLEUCINE           ?                                    'C6 H13 N O2'    131.173 
LEU 'L-peptide linking'          y LEUCINE              ?                                    'C6 H13 N O2'    131.173 
LYS 'L-peptide linking'          y LYSINE               ?                                    'C6 H15 N2 O2 1' 147.195 
MET 'L-peptide linking'          y METHIONINE           ?                                    'C5 H11 N O2 S'  149.211 
PHE 'L-peptide linking'          y PHENYLALANINE        ?                                    'C9 H11 N O2'    165.189 
PRO 'L-peptide linking'          y PROLINE              ?                                    'C5 H9 N O2'     115.130 
SER 'L-peptide linking'          y SERINE               ?                                    'C3 H7 N O3'     105.093 
THR 'L-peptide linking'          y THREONINE            ?                                    'C4 H9 N O3'     119.119 
TRP 'L-peptide linking'          y TRYPTOPHAN           ?                                    'C11 H12 N2 O2'  204.225 
TYR 'L-peptide linking'          y TYROSINE             ?                                    'C9 H11 N O3'    181.189 
VAL 'L-peptide linking'          y VALINE               ?                                    'C5 H11 N O2'    117.146 
# 
loop_
_pdbx_chem_comp_identifier.comp_id 
_pdbx_chem_comp_identifier.type 
_pdbx_chem_comp_identifier.program 
_pdbx_chem_comp_identifier.program_version 
_pdbx_chem_comp_identifier.identifier 
BGC 'CONDENSED IUPAC CARBOHYDRATE SYMBOL' GMML     1.0 DGlcpb            
BGC 'COMMON NAME'                         GMML     1.0 b-D-glucopyranose 
BGC 'IUPAC CARBOHYDRATE SYMBOL'           PDB-CARE 1.0 b-D-Glcp          
BGC 'SNFG CARBOHYDRATE SYMBOL'            GMML     1.0 Glc               
# 
loop_
_pdbx_poly_seq_scheme.asym_id 
_pdbx_poly_seq_scheme.entity_id 
_pdbx_poly_seq_scheme.seq_id 
_pdbx_poly_seq_scheme.mon_id 
_pdbx_poly_seq_scheme.ndb_seq_num 
_pdbx_poly_seq_scheme.pdb_seq_num 
_pdbx_poly_seq_scheme.auth_seq_num 
_pdbx_poly_seq_scheme.pdb_mon_id 
_pdbx_poly_seq_scheme.auth_mon_id 
_pdbx_poly_seq_scheme.pdb_strand_id 
_pdbx_poly_seq_scheme.pdb_ins_code 
_pdbx_poly_seq_scheme.hetero 
A 1 1   MET 1   363 ?   ?   ?   A . n 
A 1 2   GLU 2   364 ?   ?   ?   A . n 
A 1 3   SER 3   365 ?   ?   ?   A . n 
A 1 4   LEU 4   366 366 LEU LEU A . n 
A 1 5   PRO 5   367 367 PRO PRO A . n 
A 1 6   VAL 6   368 368 VAL VAL A . n 
A 1 7   ILE 7   369 369 ILE ILE A . n 
A 1 8   ALA 8   370 370 ALA ALA A . n 
A 1 9   ALA 9   371 371 ALA ALA A . n 
A 1 10  PRO 10  372 372 PRO PRO A . n 
A 1 11  SER 11  373 373 SER SER A . n 
A 1 12  MET 12  374 374 MET MET A . n 
A 1 13  TRP 13  375 375 TRP TRP A . n 
A 1 14  THR 14  376 376 THR THR A . n 
A 1 15  ARG 15  377 377 ARG ARG A . n 
A 1 16  PRO 16  378 378 PRO PRO A . n 
A 1 17  GLN 17  379 379 GLN GLN A . n 
A 1 18  ILE 18  380 380 ILE ILE A . n 
A 1 19  LYS 19  381 381 LYS LYS A . n 
A 1 20  ASP 20  382 382 ASP ASP A . n 
A 1 21  PHE 21  383 383 PHE PHE A . n 
A 1 22  LYS 22  384 384 LYS LYS A . n 
A 1 23  GLU 23  385 385 GLU GLU A . n 
A 1 24  LYS 24  386 386 LYS LYS A . n 
A 1 25  ILE 25  387 387 ILE ILE A . n 
A 1 26  GLN 26  388 388 GLN GLN A . n 
A 1 27  GLN 27  389 389 GLN GLN A . n 
A 1 28  ASP 28  390 390 ASP ASP A . n 
A 1 29  ALA 29  391 391 ALA ALA A . n 
A 1 30  ASP 30  392 392 ASP ASP A . n 
A 1 31  SER 31  393 393 SER SER A . n 
A 1 32  VAL 32  394 394 VAL VAL A . n 
A 1 33  ILE 33  395 395 ILE ILE A . n 
A 1 34  THR 34  396 396 THR THR A . n 
A 1 35  VAL 35  397 397 VAL VAL A . n 
A 1 36  GLY 36  398 398 GLY GLY A . n 
A 1 37  ARG 37  399 399 ARG ARG A . n 
A 1 38  GLY 38  400 400 GLY GLY A . n 
A 1 39  GLU 39  401 401 GLU GLU A . n 
A 1 40  VAL 40  402 402 VAL VAL A . n 
A 1 41  VAL 41  403 403 VAL VAL A . n 
A 1 42  THR 42  404 404 THR THR A . n 
A 1 43  VAL 43  405 405 VAL VAL A . n 
A 1 44  ARG 44  406 406 ARG ARG A . n 
A 1 45  VAL 45  407 407 VAL VAL A . n 
A 1 46  PRO 46  408 408 PRO PRO A . n 
A 1 47  THR 47  409 409 THR THR A . n 
A 1 48  HIS 48  410 410 HIS HIS A . n 
A 1 49  GLU 49  411 411 GLU GLU A . n 
A 1 50  GLU 50  412 412 GLU GLU A . n 
A 1 51  GLY 51  413 413 GLY GLY A . n 
A 1 52  SER 52  414 414 SER SER A . n 
A 1 53  TYR 53  415 415 TYR TYR A . n 
A 1 54  LEU 54  416 416 LEU LEU A . n 
A 1 55  PHE 55  417 417 PHE PHE A . n 
A 1 56  TRP 56  418 418 TRP TRP A . n 
A 1 57  GLU 57  419 419 GLU GLU A . n 
A 1 58  PHE 58  420 420 PHE PHE A . n 
A 1 59  ALA 59  421 421 ALA ALA A . n 
A 1 60  THR 60  422 422 THR THR A . n 
A 1 61  ASP 61  423 423 ASP ASP A . n 
A 1 62  ASN 62  424 424 ASN ASN A . n 
A 1 63  TYR 63  425 425 TYR TYR A . n 
A 1 64  ASP 64  426 426 ASP ASP A . n 
A 1 65  ILE 65  427 427 ILE ILE A . n 
A 1 66  GLY 66  428 428 GLY GLY A . n 
A 1 67  PHE 67  429 429 PHE PHE A . n 
A 1 68  GLY 68  430 430 GLY GLY A . n 
A 1 69  VAL 69  431 431 VAL VAL A . n 
A 1 70  TYR 70  432 432 TYR TYR A . n 
A 1 71  PHE 71  433 433 PHE PHE A . n 
A 1 72  GLU 72  434 434 GLU GLU A . n 
A 1 73  TRP 73  435 435 TRP TRP A . n 
A 1 74  THR 74  436 436 THR THR A . n 
A 1 75  ASP 75  437 ?   ?   ?   A . n 
A 1 76  SER 76  438 ?   ?   ?   A . n 
A 1 77  PRO 77  439 ?   ?   ?   A . n 
A 1 78  ASN 78  440 ?   ?   ?   A . n 
A 1 79  THR 79  441 ?   ?   ?   A . n 
A 1 80  ALA 80  442 ?   ?   ?   A . n 
A 1 81  VAL 81  443 ?   ?   ?   A . n 
A 1 82  SER 82  444 ?   ?   ?   A . n 
A 1 83  VAL 83  445 ?   ?   ?   A . n 
A 1 84  HIS 84  446 ?   ?   ?   A . n 
A 1 85  VAL 85  447 ?   ?   ?   A . n 
A 1 86  SER 86  448 ?   ?   ?   A . n 
A 1 87  GLU 87  449 ?   ?   ?   A . n 
A 1 88  SER 88  450 ?   ?   ?   A . n 
A 1 89  SER 89  451 ?   ?   ?   A . n 
A 1 90  ASP 90  452 ?   ?   ?   A . n 
A 1 91  ASP 91  453 ?   ?   ?   A . n 
A 1 92  ASP 92  454 ?   ?   ?   A . n 
A 1 93  GLU 93  455 ?   ?   ?   A . n 
A 1 94  GLU 94  456 ?   ?   ?   A . n 
A 1 95  GLU 95  457 ?   ?   ?   A . n 
A 1 96  GLU 96  458 ?   ?   ?   A . n 
A 1 97  GLU 97  459 ?   ?   ?   A . n 
A 1 98  ASN 98  460 ?   ?   ?   A . n 
A 1 99  ILE 99  461 ?   ?   ?   A . n 
A 1 100 GLY 100 462 ?   ?   ?   A . n 
A 1 101 CYS 101 463 ?   ?   ?   A . n 
A 1 102 GLU 102 464 ?   ?   ?   A . n 
A 1 103 GLU 103 465 ?   ?   ?   A . n 
A 1 104 LYS 104 466 ?   ?   ?   A . n 
A 1 105 ALA 105 467 ?   ?   ?   A . n 
A 1 106 LYS 106 468 ?   ?   ?   A . n 
A 1 107 LYS 107 469 ?   ?   ?   A . n 
A 1 108 ASN 108 470 ?   ?   ?   A . n 
A 1 109 ALA 109 471 ?   ?   ?   A . n 
A 1 110 ASN 110 472 ?   ?   ?   A . n 
A 1 111 LYS 111 473 ?   ?   ?   A . n 
A 1 112 PRO 112 474 474 PRO PRO A . n 
A 1 113 LEU 113 475 475 LEU LEU A . n 
A 1 114 LEU 114 476 476 LEU LEU A . n 
A 1 115 ASP 115 477 477 ASP ASP A . n 
A 1 116 GLU 116 478 478 GLU GLU A . n 
A 1 117 ILE 117 479 479 ILE ILE A . n 
A 1 118 VAL 118 480 480 VAL VAL A . n 
A 1 119 PRO 119 481 481 PRO PRO A . n 
A 1 120 VAL 120 482 482 VAL VAL A . n 
A 1 121 TYR 121 483 483 TYR TYR A . n 
A 1 122 ARG 122 484 484 ARG ARG A . n 
A 1 123 ARG 123 485 485 ARG ARG A . n 
A 1 124 ASP 124 486 486 ASP ASP A . n 
A 1 125 CYS 125 487 487 CYS CYS A . n 
A 1 126 HIS 126 488 488 HIS HIS A . n 
A 1 127 GLU 127 489 489 GLU GLU A . n 
A 1 128 GLU 128 490 490 GLU GLU A . n 
A 1 129 VAL 129 491 491 VAL VAL A . n 
A 1 130 TYR 130 492 492 TYR TYR A . n 
A 1 131 ALA 131 493 493 ALA ALA A . n 
A 1 132 GLY 132 494 494 GLY GLY A . n 
A 1 133 SER 133 495 495 SER SER A . n 
A 1 134 HIS 134 496 496 HIS HIS A . n 
A 1 135 GLN 135 497 497 GLN GLN A . n 
A 1 136 TYR 136 498 498 TYR TYR A . n 
A 1 137 PRO 137 499 499 PRO PRO A . n 
A 1 138 GLY 138 500 500 GLY GLY A . n 
A 1 139 ARG 139 501 501 ARG ARG A . n 
A 1 140 GLY 140 502 502 GLY GLY A . n 
A 1 141 VAL 141 503 503 VAL VAL A . n 
A 1 142 TYR 142 504 504 TYR TYR A . n 
A 1 143 LEU 143 505 505 LEU LEU A . n 
A 1 144 LEU 144 506 506 LEU LEU A . n 
A 1 145 LYS 145 507 507 LYS LYS A . n 
A 1 146 PHE 146 508 508 PHE PHE A . n 
A 1 147 ASP 147 509 509 ASP ASP A . n 
A 1 148 ASN 148 510 510 ASN ASN A . n 
A 1 149 SER 149 511 511 SER SER A . n 
A 1 150 TYR 150 512 512 TYR TYR A . n 
A 1 151 SER 151 513 513 SER SER A . n 
A 1 152 LEU 152 514 514 LEU LEU A . n 
A 1 153 TRP 153 515 515 TRP TRP A . n 
A 1 154 ARG 154 516 516 ARG ARG A . n 
A 1 155 SER 155 517 517 SER SER A . n 
A 1 156 LYS 156 518 518 LYS LYS A . n 
A 1 157 SER 157 519 519 SER SER A . n 
A 1 158 VAL 158 520 520 VAL VAL A . n 
A 1 159 TYR 159 521 521 TYR TYR A . n 
A 1 160 TYR 160 522 522 TYR TYR A . n 
A 1 161 ARG 161 523 523 ARG ARG A . n 
A 1 162 VAL 162 524 524 VAL VAL A . n 
A 1 163 TYR 163 525 525 TYR TYR A . n 
A 1 164 TYR 164 526 526 TYR TYR A . n 
A 1 165 THR 165 527 527 THR THR A . n 
A 1 166 ARG 166 528 528 ARG ARG A . n 
B 2 1   GLY 1   1   ?   ?   ?   B . n 
B 2 2   ALA 2   2   ?   ?   ?   B . n 
B 2 3   HIS 3   3   ?   ?   ?   B . n 
B 2 4   SER 4   4   4   SER SER B . n 
B 2 5   GLU 5   5   5   GLU GLU B . n 
B 2 6   ARG 6   6   6   ARG ARG B . n 
B 2 7   THR 7   7   7   THR THR B . n 
B 2 8   PHE 8   8   8   PHE PHE B . n 
B 2 9   GLU 9   9   9   GLU GLU B . n 
B 2 10  THR 10  10  10  THR THR B . n 
B 2 11  ALA 11  11  11  ALA ALA B . n 
B 2 12  PRO 12  12  12  PRO PRO B . n 
B 2 13  SER 13  13  13  SER SER B . n 
B 2 14  GLU 14  14  14  GLU GLU B . n 
B 2 15  ILE 15  15  15  ILE ILE B . n 
B 2 16  ASP 16  16  16  ASP ASP B . n 
B 2 17  ALA 17  17  17  ALA ALA B . n 
B 2 18  ASP 18  18  18  ASP ASP B . n 
B 2 19  GLU 19  19  19  GLU GLU B . n 
B 2 20  VAL 20  20  20  VAL VAL B . n 
B 2 21  LEU 21  21  21  LEU LEU B . n 
B 2 22  GLU 22  22  22  GLU GLU B . n 
B 2 23  ILE 23  23  23  ILE ILE B . n 
B 2 24  LEU 24  24  24  LEU LEU B . n 
B 2 25  SER 25  25  25  SER SER B . n 
B 2 26  LYS 26  26  26  LYS LYS B . n 
B 2 27  SER 27  27  27  SER SER B . n 
B 2 28  LYS 28  28  28  LYS LYS B . n 
B 2 29  PRO 29  29  29  PRO PRO B . n 
B 2 30  ALA 30  30  30  ALA ALA B . n 
B 2 31  PRO 31  31  31  PRO PRO B . n 
B 2 32  THR 32  32  32  THR THR B . n 
B 2 33  HIS 33  33  33  HIS HIS B . n 
B 2 34  LEU 34  34  34  LEU LEU B . n 
B 2 35  THR 35  35  ?   ?   ?   B . n 
B 2 36  LEU 36  36  ?   ?   ?   B . n 
B 2 37  GLU 37  37  ?   ?   ?   B . n 
B 2 38  ARG 38  38  ?   ?   ?   B . n 
# 
_pdbx_nonpoly_scheme.asym_id         C 
_pdbx_nonpoly_scheme.entity_id       3 
_pdbx_nonpoly_scheme.mon_id          BGC 
_pdbx_nonpoly_scheme.ndb_seq_num     1 
_pdbx_nonpoly_scheme.pdb_seq_num     601 
_pdbx_nonpoly_scheme.auth_seq_num    1 
_pdbx_nonpoly_scheme.pdb_mon_id      BGC 
_pdbx_nonpoly_scheme.auth_mon_id     BGC 
_pdbx_nonpoly_scheme.pdb_strand_id   A 
_pdbx_nonpoly_scheme.pdb_ins_code    . 
# 
loop_
_pdbx_unobs_or_zero_occ_atoms.id 
_pdbx_unobs_or_zero_occ_atoms.PDB_model_num 
_pdbx_unobs_or_zero_occ_atoms.polymer_flag 
_pdbx_unobs_or_zero_occ_atoms.occupancy_flag 
_pdbx_unobs_or_zero_occ_atoms.auth_asym_id 
_pdbx_unobs_or_zero_occ_atoms.auth_comp_id 
_pdbx_unobs_or_zero_occ_atoms.auth_seq_id 
_pdbx_unobs_or_zero_occ_atoms.PDB_ins_code 
_pdbx_unobs_or_zero_occ_atoms.auth_atom_id 
_pdbx_unobs_or_zero_occ_atoms.label_alt_id 
_pdbx_unobs_or_zero_occ_atoms.label_asym_id 
_pdbx_unobs_or_zero_occ_atoms.label_comp_id 
_pdbx_unobs_or_zero_occ_atoms.label_seq_id 
_pdbx_unobs_or_zero_occ_atoms.label_atom_id 
1  1 Y 1 A LYS 386 ? CG  ? A LYS 24  CG  
2  1 Y 1 A LYS 386 ? CD  ? A LYS 24  CD  
3  1 Y 1 A LYS 386 ? CE  ? A LYS 24  CE  
4  1 Y 1 A LYS 386 ? NZ  ? A LYS 24  NZ  
5  1 Y 1 A ASP 392 ? CG  ? A ASP 30  CG  
6  1 Y 1 A ASP 392 ? OD1 ? A ASP 30  OD1 
7  1 Y 1 A ASP 392 ? OD2 ? A ASP 30  OD2 
8  1 Y 1 A GLU 411 ? CG  ? A GLU 49  CG  
9  1 Y 1 A GLU 411 ? CD  ? A GLU 49  CD  
10 1 Y 1 A GLU 411 ? OE1 ? A GLU 49  OE1 
11 1 Y 1 A GLU 411 ? OE2 ? A GLU 49  OE2 
12 1 Y 1 A GLU 412 ? CG  ? A GLU 50  CG  
13 1 Y 1 A GLU 412 ? CD  ? A GLU 50  CD  
14 1 Y 1 A GLU 412 ? OE1 ? A GLU 50  OE1 
15 1 Y 1 A GLU 412 ? OE2 ? A GLU 50  OE2 
16 1 Y 1 A TYR 483 ? CG  ? A TYR 121 CG  
17 1 Y 1 A TYR 483 ? CD1 ? A TYR 121 CD1 
18 1 Y 1 A TYR 483 ? CD2 ? A TYR 121 CD2 
19 1 Y 1 A TYR 483 ? CE1 ? A TYR 121 CE1 
20 1 Y 1 A TYR 483 ? CE2 ? A TYR 121 CE2 
21 1 Y 1 A TYR 483 ? CZ  ? A TYR 121 CZ  
22 1 Y 1 A TYR 483 ? OH  ? A TYR 121 OH  
23 1 Y 1 A ARG 528 ? CG  ? A ARG 166 CG  
24 1 Y 1 A ARG 528 ? CD  ? A ARG 166 CD  
25 1 Y 1 A ARG 528 ? NE  ? A ARG 166 NE  
26 1 Y 1 A ARG 528 ? CZ  ? A ARG 166 CZ  
27 1 Y 1 A ARG 528 ? NH1 ? A ARG 166 NH1 
28 1 Y 1 A ARG 528 ? NH2 ? A ARG 166 NH2 
# 
loop_
_software.citation_id 
_software.classification 
_software.compiler_name 
_software.compiler_version 
_software.contact_author 
_software.contact_author_email 
_software.date 
_software.description 
_software.dependencies 
_software.hardware 
_software.language 
_software.location 
_software.mods 
_software.name 
_software.os 
_software.os_version 
_software.type 
_software.version 
_software.pdbx_ordinal 
? refinement       ? ? ? ? ? ? ? ? ? ? ? PHENIX ? ? ? 1.9_1692               1 
? 'data reduction' ? ? ? ? ? ? ? ? ? ? ? XDS    ? ? ? 'version Oct 15, 2015' 2 
? 'data scaling'   ? ? ? ? ? ? ? ? ? ? ? XDS    ? ? ? 'version Oct 15, 2015' 3 
? phasing          ? ? ? ? ? ? ? ? ? ? ? PHASER ? ? ? 2.5.6                  4 
# 
_cell.angle_alpha                  90.00 
_cell.angle_alpha_esd              ? 
_cell.angle_beta                   90.00 
_cell.angle_beta_esd               ? 
_cell.angle_gamma                  120.00 
_cell.angle_gamma_esd              ? 
_cell.entry_id                     5LZ6 
_cell.details                      ? 
_cell.formula_units_Z              ? 
_cell.length_a                     55.630 
_cell.length_a_esd                 ? 
_cell.length_b                     55.630 
_cell.length_b_esd                 ? 
_cell.length_c                     144.270 
_cell.length_c_esd                 ? 
_cell.volume                       ? 
_cell.volume_esd                   ? 
_cell.Z_PDB                        6 
_cell.reciprocal_angle_alpha       ? 
_cell.reciprocal_angle_beta        ? 
_cell.reciprocal_angle_gamma       ? 
_cell.reciprocal_angle_alpha_esd   ? 
_cell.reciprocal_angle_beta_esd    ? 
_cell.reciprocal_angle_gamma_esd   ? 
_cell.reciprocal_length_a          ? 
_cell.reciprocal_length_b          ? 
_cell.reciprocal_length_c          ? 
_cell.reciprocal_length_a_esd      ? 
_cell.reciprocal_length_b_esd      ? 
_cell.reciprocal_length_c_esd      ? 
_cell.pdbx_unique_axis             ? 
# 
_symmetry.entry_id                         5LZ6 
_symmetry.cell_setting                     ? 
_symmetry.Int_Tables_number                152 
_symmetry.space_group_name_Hall            ? 
_symmetry.space_group_name_H-M             'P 31 2 1' 
_symmetry.pdbx_full_space_group_name_H-M   ? 
# 
_exptl.absorpt_coefficient_mu     ? 
_exptl.absorpt_correction_T_max   ? 
_exptl.absorpt_correction_T_min   ? 
_exptl.absorpt_correction_type    ? 
_exptl.absorpt_process_details    ? 
_exptl.entry_id                   5LZ6 
_exptl.crystals_number            1 
_exptl.details                    ? 
_exptl.method                     'X-RAY DIFFRACTION' 
_exptl.method_details             ? 
# 
_exptl_crystal.colour                      ? 
_exptl_crystal.density_diffrn              ? 
_exptl_crystal.density_Matthews            2.75 
_exptl_crystal.density_method              ? 
_exptl_crystal.density_percent_sol         55.25 
_exptl_crystal.description                 ? 
_exptl_crystal.F_000                       ? 
_exptl_crystal.id                          1 
_exptl_crystal.preparation                 ? 
_exptl_crystal.size_max                    ? 
_exptl_crystal.size_mid                    ? 
_exptl_crystal.size_min                    ? 
_exptl_crystal.size_rad                    ? 
_exptl_crystal.colour_lustre               ? 
_exptl_crystal.colour_modifier             ? 
_exptl_crystal.colour_primary              ? 
_exptl_crystal.density_meas                ? 
_exptl_crystal.density_meas_esd            ? 
_exptl_crystal.density_meas_gt             ? 
_exptl_crystal.density_meas_lt             ? 
_exptl_crystal.density_meas_temp           ? 
_exptl_crystal.density_meas_temp_esd       ? 
_exptl_crystal.density_meas_temp_gt        ? 
_exptl_crystal.density_meas_temp_lt        ? 
_exptl_crystal.pdbx_crystal_image_url      ? 
_exptl_crystal.pdbx_crystal_image_format   ? 
_exptl_crystal.pdbx_mosaicity              ? 
_exptl_crystal.pdbx_mosaicity_esd          ? 
# 
_exptl_crystal_grow.apparatus       ? 
_exptl_crystal_grow.atmosphere      ? 
_exptl_crystal_grow.crystal_id      1 
_exptl_crystal_grow.details         ? 
_exptl_crystal_grow.method          'VAPOR DIFFUSION, SITTING DROP' 
_exptl_crystal_grow.method_ref      ? 
_exptl_crystal_grow.pH              ? 
_exptl_crystal_grow.pressure        ? 
_exptl_crystal_grow.pressure_esd    ? 
_exptl_crystal_grow.seeding         ? 
_exptl_crystal_grow.seeding_ref     ? 
_exptl_crystal_grow.temp            291 
_exptl_crystal_grow.temp_details    ? 
_exptl_crystal_grow.temp_esd        ? 
_exptl_crystal_grow.time            ? 
_exptl_crystal_grow.pdbx_details    
;100mM MOPSO/Bis-Tris pH 6.5, 15% w/v PEG 3.000, 1% w/v DDAO, 10% 1,4-butanediol, 10% w/v glucose, 20mM L-arginine/L-threonine/L-histidine/betaine, 10mM trans-4-hydroxy-L-proline
;
_exptl_crystal_grow.pdbx_pH_range   ? 
# 
_diffrn.ambient_environment    ? 
_diffrn.ambient_temp           100 
_diffrn.ambient_temp_details   ? 
_diffrn.ambient_temp_esd       ? 
_diffrn.crystal_id             1 
_diffrn.crystal_support        ? 
_diffrn.crystal_treatment      ? 
_diffrn.details                ? 
_diffrn.id                     1 
_diffrn.ambient_pressure       ? 
_diffrn.ambient_pressure_esd   ? 
_diffrn.ambient_pressure_gt    ? 
_diffrn.ambient_pressure_lt    ? 
_diffrn.ambient_temp_gt        ? 
_diffrn.ambient_temp_lt        ? 
# 
_diffrn_detector.details                      ? 
_diffrn_detector.detector                     PIXEL 
_diffrn_detector.diffrn_id                    1 
_diffrn_detector.type                         'DECTRIS PILATUS 6M' 
_diffrn_detector.area_resol_mean              ? 
_diffrn_detector.dtime                        ? 
_diffrn_detector.pdbx_frames_total            ? 
_diffrn_detector.pdbx_collection_time_total   ? 
_diffrn_detector.pdbx_collection_date         2016-03-17 
# 
_diffrn_radiation.collimation                      ? 
_diffrn_radiation.diffrn_id                        1 
_diffrn_radiation.filter_edge                      ? 
_diffrn_radiation.inhomogeneity                    ? 
_diffrn_radiation.monochromator                    ? 
_diffrn_radiation.polarisn_norm                    ? 
_diffrn_radiation.polarisn_ratio                   ? 
_diffrn_radiation.probe                            ? 
_diffrn_radiation.type                             ? 
_diffrn_radiation.xray_symbol                      ? 
_diffrn_radiation.wavelength_id                    1 
_diffrn_radiation.pdbx_monochromatic_or_laue_m_l   M 
_diffrn_radiation.pdbx_wavelength_list             ? 
_diffrn_radiation.pdbx_wavelength                  ? 
_diffrn_radiation.pdbx_diffrn_protocol             'SINGLE WAVELENGTH' 
_diffrn_radiation.pdbx_analyzer                    ? 
_diffrn_radiation.pdbx_scattering_type             x-ray 
# 
_diffrn_radiation_wavelength.id           1 
_diffrn_radiation_wavelength.wavelength   0.979810 
_diffrn_radiation_wavelength.wt           1.0 
# 
_diffrn_source.current                     ? 
_diffrn_source.details                     ? 
_diffrn_source.diffrn_id                   1 
_diffrn_source.power                       ? 
_diffrn_source.size                        ? 
_diffrn_source.source                      SYNCHROTRON 
_diffrn_source.target                      ? 
_diffrn_source.type                        'BESSY BEAMLINE 14.1' 
_diffrn_source.voltage                     ? 
_diffrn_source.take-off_angle              ? 
_diffrn_source.pdbx_wavelength_list        0.979810 
_diffrn_source.pdbx_wavelength             ? 
_diffrn_source.pdbx_synchrotron_beamline   14.1 
_diffrn_source.pdbx_synchrotron_site       BESSY 
# 
_reflns.B_iso_Wilson_estimate            77.41 
_reflns.entry_id                         5LZ6 
_reflns.data_reduction_details           ? 
_reflns.data_reduction_method            ? 
_reflns.d_resolution_high                2.6 
_reflns.d_resolution_low                 48.18 
_reflns.details                          ? 
_reflns.limit_h_max                      ? 
_reflns.limit_h_min                      ? 
_reflns.limit_k_max                      ? 
_reflns.limit_k_min                      ? 
_reflns.limit_l_max                      ? 
_reflns.limit_l_min                      ? 
_reflns.number_all                       ? 
_reflns.number_obs                       8472 
_reflns.observed_criterion               ? 
_reflns.observed_criterion_F_max         ? 
_reflns.observed_criterion_F_min         ? 
_reflns.observed_criterion_I_max         ? 
_reflns.observed_criterion_I_min         ? 
_reflns.observed_criterion_sigma_F       ? 
_reflns.observed_criterion_sigma_I       ? 
_reflns.percent_possible_obs             99.96 
_reflns.R_free_details                   ? 
_reflns.Rmerge_F_all                     ? 
_reflns.Rmerge_F_obs                     ? 
_reflns.Friedel_coverage                 ? 
_reflns.number_gt                        ? 
_reflns.threshold_expression             ? 
_reflns.pdbx_redundancy                  10.4 
_reflns.pdbx_Rmerge_I_obs                0.07815 
_reflns.pdbx_Rmerge_I_all                ? 
_reflns.pdbx_Rsym_value                  0.07815 
_reflns.pdbx_netI_over_av_sigmaI         ? 
_reflns.pdbx_netI_over_sigmaI            22.47 
_reflns.pdbx_res_netI_over_av_sigmaI_2   ? 
_reflns.pdbx_res_netI_over_sigmaI_2      ? 
_reflns.pdbx_chi_squared                 ? 
_reflns.pdbx_scaling_rejects             ? 
_reflns.pdbx_d_res_high_opt              ? 
_reflns.pdbx_d_res_low_opt               ? 
_reflns.pdbx_d_res_opt_method            ? 
_reflns.phase_calculation_details        ? 
_reflns.pdbx_Rrim_I_all                  ? 
_reflns.pdbx_Rpim_I_all                  ? 
_reflns.pdbx_d_opt                       ? 
_reflns.pdbx_number_measured_all         ? 
_reflns.pdbx_diffrn_id                   1 
_reflns.pdbx_ordinal                     1 
_reflns.pdbx_CC_half                     1.000 
_reflns.pdbx_R_split                     ? 
# 
_reflns_shell.d_res_high                  2.6 
_reflns_shell.d_res_low                   2.693 
_reflns_shell.meanI_over_sigI_all         ? 
_reflns_shell.meanI_over_sigI_obs         1.24 
_reflns_shell.number_measured_all         ? 
_reflns_shell.number_measured_obs         ? 
_reflns_shell.number_possible             ? 
_reflns_shell.number_unique_all           ? 
_reflns_shell.number_unique_obs           ? 
_reflns_shell.percent_possible_all        100.00 
_reflns_shell.percent_possible_obs        ? 
_reflns_shell.Rmerge_F_all                ? 
_reflns_shell.Rmerge_F_obs                ? 
_reflns_shell.Rmerge_I_all                ? 
_reflns_shell.Rmerge_I_obs                1.984 
_reflns_shell.meanI_over_sigI_gt          ? 
_reflns_shell.meanI_over_uI_all           ? 
_reflns_shell.meanI_over_uI_gt            ? 
_reflns_shell.number_measured_gt          ? 
_reflns_shell.number_unique_gt            ? 
_reflns_shell.percent_possible_gt         ? 
_reflns_shell.Rmerge_F_gt                 ? 
_reflns_shell.Rmerge_I_gt                 ? 
_reflns_shell.pdbx_redundancy             10.8 
_reflns_shell.pdbx_Rsym_value             ? 
_reflns_shell.pdbx_chi_squared            ? 
_reflns_shell.pdbx_netI_over_sigmaI_all   ? 
_reflns_shell.pdbx_netI_over_sigmaI_obs   ? 
_reflns_shell.pdbx_Rrim_I_all             ? 
_reflns_shell.pdbx_Rpim_I_all             ? 
_reflns_shell.pdbx_rejects                ? 
_reflns_shell.pdbx_ordinal                1 
_reflns_shell.pdbx_diffrn_id              1 
_reflns_shell.pdbx_CC_half                0.454 
_reflns_shell.pdbx_R_split                ? 
# 
_refine.aniso_B[1][1]                            ? 
_refine.aniso_B[1][2]                            ? 
_refine.aniso_B[1][3]                            ? 
_refine.aniso_B[2][2]                            ? 
_refine.aniso_B[2][3]                            ? 
_refine.aniso_B[3][3]                            ? 
_refine.B_iso_max                                ? 
_refine.B_iso_mean                               ? 
_refine.B_iso_min                                ? 
_refine.correlation_coeff_Fo_to_Fc               ? 
_refine.correlation_coeff_Fo_to_Fc_free          ? 
_refine.details                                  ? 
_refine.diff_density_max                         ? 
_refine.diff_density_max_esd                     ? 
_refine.diff_density_min                         ? 
_refine.diff_density_min_esd                     ? 
_refine.diff_density_rms                         ? 
_refine.diff_density_rms_esd                     ? 
_refine.entry_id                                 5LZ6 
_refine.pdbx_refine_id                           'X-RAY DIFFRACTION' 
_refine.ls_abs_structure_details                 ? 
_refine.ls_abs_structure_Flack                   ? 
_refine.ls_abs_structure_Flack_esd               ? 
_refine.ls_abs_structure_Rogers                  ? 
_refine.ls_abs_structure_Rogers_esd              ? 
_refine.ls_d_res_high                            2.600 
_refine.ls_d_res_low                             48.177 
_refine.ls_extinction_coef                       ? 
_refine.ls_extinction_coef_esd                   ? 
_refine.ls_extinction_expression                 ? 
_refine.ls_extinction_method                     ? 
_refine.ls_goodness_of_fit_all                   ? 
_refine.ls_goodness_of_fit_all_esd               ? 
_refine.ls_goodness_of_fit_obs                   ? 
_refine.ls_goodness_of_fit_obs_esd               ? 
_refine.ls_hydrogen_treatment                    ? 
_refine.ls_matrix_type                           ? 
_refine.ls_number_constraints                    ? 
_refine.ls_number_parameters                     ? 
_refine.ls_number_reflns_all                     ? 
_refine.ls_number_reflns_obs                     8471 
_refine.ls_number_reflns_R_free                  424 
_refine.ls_number_reflns_R_work                  ? 
_refine.ls_number_restraints                     ? 
_refine.ls_percent_reflns_obs                    99.95 
_refine.ls_percent_reflns_R_free                 5.01 
_refine.ls_R_factor_all                          ? 
_refine.ls_R_factor_obs                          0.2171 
_refine.ls_R_factor_R_free                       0.2603 
_refine.ls_R_factor_R_free_error                 ? 
_refine.ls_R_factor_R_free_error_details         ? 
_refine.ls_R_factor_R_work                       0.2149 
_refine.ls_R_Fsqd_factor_obs                     ? 
_refine.ls_R_I_factor_obs                        ? 
_refine.ls_redundancy_reflns_all                 ? 
_refine.ls_redundancy_reflns_obs                 ? 
_refine.ls_restrained_S_all                      ? 
_refine.ls_restrained_S_obs                      ? 
_refine.ls_shift_over_esd_max                    ? 
_refine.ls_shift_over_esd_mean                   ? 
_refine.ls_structure_factor_coef                 ? 
_refine.ls_weighting_details                     ? 
_refine.ls_weighting_scheme                      ? 
_refine.ls_wR_factor_all                         ? 
_refine.ls_wR_factor_obs                         ? 
_refine.ls_wR_factor_R_free                      ? 
_refine.ls_wR_factor_R_work                      ? 
_refine.occupancy_max                            ? 
_refine.occupancy_min                            ? 
_refine.solvent_model_details                    ? 
_refine.solvent_model_param_bsol                 ? 
_refine.solvent_model_param_ksol                 ? 
_refine.ls_R_factor_gt                           ? 
_refine.ls_goodness_of_fit_gt                    ? 
_refine.ls_goodness_of_fit_ref                   ? 
_refine.ls_shift_over_su_max                     ? 
_refine.ls_shift_over_su_max_lt                  ? 
_refine.ls_shift_over_su_mean                    ? 
_refine.ls_shift_over_su_mean_lt                 ? 
_refine.pdbx_ls_sigma_I                          ? 
_refine.pdbx_ls_sigma_F                          1.36 
_refine.pdbx_ls_sigma_Fsqd                       ? 
_refine.pdbx_data_cutoff_high_absF               ? 
_refine.pdbx_data_cutoff_high_rms_absF           ? 
_refine.pdbx_data_cutoff_low_absF                ? 
_refine.pdbx_isotropic_thermal_model             ? 
_refine.pdbx_ls_cross_valid_method               'FREE R-VALUE' 
_refine.pdbx_method_to_determine_struct          'MOLECULAR REPLACEMENT' 
_refine.pdbx_starting_model                      5LZ1 
_refine.pdbx_stereochemistry_target_values       ? 
_refine.pdbx_R_Free_selection_details            'random selection' 
_refine.pdbx_stereochem_target_val_spec_case     ? 
_refine.pdbx_overall_ESU_R                       ? 
_refine.pdbx_overall_ESU_R_Free                  ? 
_refine.pdbx_solvent_vdw_probe_radii             1.11 
_refine.pdbx_solvent_ion_probe_radii             ? 
_refine.pdbx_solvent_shrinkage_radii             0.90 
_refine.pdbx_real_space_R                        ? 
_refine.pdbx_density_correlation                 ? 
_refine.pdbx_pd_number_of_powder_patterns        ? 
_refine.pdbx_pd_number_of_points                 ? 
_refine.pdbx_pd_meas_number_of_points            ? 
_refine.pdbx_pd_proc_ls_prof_R_factor            ? 
_refine.pdbx_pd_proc_ls_prof_wR_factor           ? 
_refine.pdbx_pd_Marquardt_correlation_coeff      ? 
_refine.pdbx_pd_Fsqrd_R_factor                   ? 
_refine.pdbx_pd_ls_matrix_band_width             ? 
_refine.pdbx_overall_phase_error                 31.31 
_refine.pdbx_overall_SU_R_free_Cruickshank_DPI   ? 
_refine.pdbx_overall_SU_R_free_Blow_DPI          ? 
_refine.pdbx_overall_SU_R_Blow_DPI               ? 
_refine.pdbx_TLS_residual_ADP_flag               ? 
_refine.pdbx_diffrn_id                           1 
_refine.overall_SU_B                             ? 
_refine.overall_SU_ML                            0.46 
_refine.overall_SU_R_Cruickshank_DPI             ? 
_refine.overall_SU_R_free                        ? 
_refine.overall_FOM_free_R_set                   ? 
_refine.overall_FOM_work_R_set                   ? 
_refine.pdbx_average_fsc_overall                 ? 
_refine.pdbx_average_fsc_work                    ? 
_refine.pdbx_average_fsc_free                    ? 
# 
_refine_hist.pdbx_refine_id                   'X-RAY DIFFRACTION' 
_refine_hist.cycle_id                         LAST 
_refine_hist.pdbx_number_atoms_protein        1267 
_refine_hist.pdbx_number_atoms_nucleic_acid   0 
_refine_hist.pdbx_number_atoms_ligand         12 
_refine_hist.number_atoms_solvent             0 
_refine_hist.number_atoms_total               1279 
_refine_hist.d_res_high                       2.600 
_refine_hist.d_res_low                        48.177 
# 
loop_
_refine_ls_restr.pdbx_refine_id 
_refine_ls_restr.criterion 
_refine_ls_restr.dev_ideal 
_refine_ls_restr.dev_ideal_target 
_refine_ls_restr.number 
_refine_ls_restr.rejects 
_refine_ls_restr.type 
_refine_ls_restr.weight 
_refine_ls_restr.pdbx_restraint_function 
'X-RAY DIFFRACTION' ? 0.003  ? 1316 ? f_bond_d           ? ? 
'X-RAY DIFFRACTION' ? 0.708  ? 1794 ? f_angle_d          ? ? 
'X-RAY DIFFRACTION' ? 11.980 ? 463  ? f_dihedral_angle_d ? ? 
'X-RAY DIFFRACTION' ? 0.028  ? 197  ? f_chiral_restr     ? ? 
'X-RAY DIFFRACTION' ? 0.003  ? 225  ? f_plane_restr      ? ? 
# 
loop_
_refine_ls_shell.pdbx_refine_id 
_refine_ls_shell.d_res_high 
_refine_ls_shell.d_res_low 
_refine_ls_shell.number_reflns_all 
_refine_ls_shell.number_reflns_obs 
_refine_ls_shell.number_reflns_R_free 
_refine_ls_shell.number_reflns_R_work 
_refine_ls_shell.percent_reflns_obs 
_refine_ls_shell.percent_reflns_R_free 
_refine_ls_shell.R_factor_all 
_refine_ls_shell.R_factor_obs 
_refine_ls_shell.R_factor_R_free 
_refine_ls_shell.R_factor_R_free_error 
_refine_ls_shell.R_factor_R_work 
_refine_ls_shell.redundancy_reflns_all 
_refine_ls_shell.redundancy_reflns_obs 
_refine_ls_shell.wR_factor_all 
_refine_ls_shell.wR_factor_obs 
_refine_ls_shell.wR_factor_R_free 
_refine_ls_shell.wR_factor_R_work 
_refine_ls_shell.pdbx_total_number_of_bins_used 
_refine_ls_shell.pdbx_phase_error 
_refine_ls_shell.pdbx_fsc_work 
_refine_ls_shell.pdbx_fsc_free 
'X-RAY DIFFRACTION' 2.6000 2.9762  . . 137 2605 100.00 . . . 0.3346 . 0.3201 . . . . . . . . . . 
'X-RAY DIFFRACTION' 2.9762 3.7495  . . 140 2654 100.00 . . . 0.2870 . 0.2670 . . . . . . . . . . 
'X-RAY DIFFRACTION' 3.7495 48.1852 . . 147 2788 100.00 . . . 0.2397 . 0.1801 . . . . . . . . . . 
# 
_struct.entry_id                     5LZ6 
_struct.title                        'Crystal structure of human ACBD3 GOLD domain in complex with 3A protein of Aichivirus B' 
_struct.pdbx_model_details           ? 
_struct.pdbx_formula_weight          ? 
_struct.pdbx_formula_weight_method   ? 
_struct.pdbx_model_type_details      ? 
_struct.pdbx_CASP_flag               N 
# 
_struct_keywords.entry_id        5LZ6 
_struct_keywords.text            'ACBD3, GOLD, 3A, Aichivirus, Antiviral protein' 
_struct_keywords.pdbx_keywords   'ANTIVIRAL PROTEIN' 
# 
loop_
_struct_asym.id 
_struct_asym.pdbx_blank_PDB_chainid_flag 
_struct_asym.pdbx_modified 
_struct_asym.entity_id 
_struct_asym.details 
A N N 1 ? 
B N N 2 ? 
C N N 3 ? 
# 
loop_
_struct_ref.id 
_struct_ref.db_name 
_struct_ref.db_code 
_struct_ref.pdbx_db_accession 
_struct_ref.pdbx_db_isoform 
_struct_ref.entity_id 
_struct_ref.pdbx_seq_one_letter_code 
_struct_ref.pdbx_align_begin 
1 UNP GCP60_HUMAN  Q9H3P7 ? 1 
;ESLPVIAAPSMWTRPQIKDFKEKIQQDADSVITVGRGEVVTVRVPTHEEGSYLFWEFATDNYDIGFGVYFEWTDSPNTAV
SVHVSESSDDDEEEEENIGCEEKAKKNANKPLLDEIVPVYRRDCHEEVYAGSHQYPGRGVYLLKFDNSYSLWRSKSVYYR
VYYTR
;
364  
2 UNP Q8BES6_9PICO Q8BES6 ? 2 GAHSERTFETAPSEIDADEVLEILSKSKPAPTHLTLER 1679 
# 
loop_
_struct_ref_seq.align_id 
_struct_ref_seq.ref_id 
_struct_ref_seq.pdbx_PDB_id_code 
_struct_ref_seq.pdbx_strand_id 
_struct_ref_seq.seq_align_beg 
_struct_ref_seq.pdbx_seq_align_beg_ins_code 
_struct_ref_seq.seq_align_end 
_struct_ref_seq.pdbx_seq_align_end_ins_code 
_struct_ref_seq.pdbx_db_accession 
_struct_ref_seq.db_align_beg 
_struct_ref_seq.pdbx_db_align_beg_ins_code 
_struct_ref_seq.db_align_end 
_struct_ref_seq.pdbx_db_align_end_ins_code 
_struct_ref_seq.pdbx_auth_seq_align_beg 
_struct_ref_seq.pdbx_auth_seq_align_end 
1 1 5LZ6 A 2 ? 166 ? Q9H3P7 364  ? 528  ? 364 528 
2 2 5LZ6 B 1 ? 38  ? Q8BES6 1679 ? 1716 ? 1   38  
# 
_struct_ref_seq_dif.align_id                     1 
_struct_ref_seq_dif.pdbx_pdb_id_code             5LZ6 
_struct_ref_seq_dif.mon_id                       MET 
_struct_ref_seq_dif.pdbx_pdb_strand_id           A 
_struct_ref_seq_dif.seq_num                      1 
_struct_ref_seq_dif.pdbx_pdb_ins_code            ? 
_struct_ref_seq_dif.pdbx_seq_db_name             UNP 
_struct_ref_seq_dif.pdbx_seq_db_accession_code   Q9H3P7 
_struct_ref_seq_dif.db_mon_id                    ? 
_struct_ref_seq_dif.pdbx_seq_db_seq_num          ? 
_struct_ref_seq_dif.details                      'initiating methionine' 
_struct_ref_seq_dif.pdbx_auth_seq_num            363 
_struct_ref_seq_dif.pdbx_ordinal                 1 
# 
_pdbx_struct_assembly.id                   1 
_pdbx_struct_assembly.details              author_and_software_defined_assembly 
_pdbx_struct_assembly.method_details       PISA 
_pdbx_struct_assembly.oligomeric_details   dimeric 
_pdbx_struct_assembly.oligomeric_count     2 
# 
loop_
_pdbx_struct_assembly_prop.biol_id 
_pdbx_struct_assembly_prop.type 
_pdbx_struct_assembly_prop.value 
_pdbx_struct_assembly_prop.details 
1 'ABSA (A^2)' 2850 ? 
1 MORE         -14  ? 
1 'SSA (A^2)'  8370 ? 
# 
_pdbx_struct_assembly_gen.assembly_id       1 
_pdbx_struct_assembly_gen.oper_expression   1 
_pdbx_struct_assembly_gen.asym_id_list      A,B,C 
# 
_pdbx_struct_oper_list.id                   1 
_pdbx_struct_oper_list.type                 'identity operation' 
_pdbx_struct_oper_list.name                 1_555 
_pdbx_struct_oper_list.symmetry_operation   x,y,z 
_pdbx_struct_oper_list.matrix[1][1]         1.0000000000 
_pdbx_struct_oper_list.matrix[1][2]         0.0000000000 
_pdbx_struct_oper_list.matrix[1][3]         0.0000000000 
_pdbx_struct_oper_list.vector[1]            0.0000000000 
_pdbx_struct_oper_list.matrix[2][1]         0.0000000000 
_pdbx_struct_oper_list.matrix[2][2]         1.0000000000 
_pdbx_struct_oper_list.matrix[2][3]         0.0000000000 
_pdbx_struct_oper_list.vector[2]            0.0000000000 
_pdbx_struct_oper_list.matrix[3][1]         0.0000000000 
_pdbx_struct_oper_list.matrix[3][2]         0.0000000000 
_pdbx_struct_oper_list.matrix[3][3]         1.0000000000 
_pdbx_struct_oper_list.vector[3]            0.0000000000 
# 
loop_
_struct_conf.conf_type_id 
_struct_conf.id 
_struct_conf.pdbx_PDB_helix_id 
_struct_conf.beg_label_comp_id 
_struct_conf.beg_label_asym_id 
_struct_conf.beg_label_seq_id 
_struct_conf.pdbx_beg_PDB_ins_code 
_struct_conf.end_label_comp_id 
_struct_conf.end_label_asym_id 
_struct_conf.end_label_seq_id 
_struct_conf.pdbx_end_PDB_ins_code 
_struct_conf.beg_auth_comp_id 
_struct_conf.beg_auth_asym_id 
_struct_conf.beg_auth_seq_id 
_struct_conf.end_auth_comp_id 
_struct_conf.end_auth_asym_id 
_struct_conf.end_auth_seq_id 
_struct_conf.pdbx_PDB_helix_class 
_struct_conf.details 
_struct_conf.pdbx_PDB_helix_length 
HELX_P HELX_P1 AA1 GLN A 17 ? GLN A 26 ? GLN A 379 GLN A 388 1 ? 10 
HELX_P HELX_P2 AA2 ASP B 16 ? SER B 25 ? ASP B 16  SER B 25  1 ? 10 
# 
_struct_conf_type.id          HELX_P 
_struct_conf_type.criteria    ? 
_struct_conf_type.reference   ? 
# 
loop_
_struct_sheet.id 
_struct_sheet.type 
_struct_sheet.number_strands 
_struct_sheet.details 
AA1 ? 3 ? 
AA2 ? 6 ? 
AA3 ? 5 ? 
# 
loop_
_struct_sheet_order.sheet_id 
_struct_sheet_order.range_id_1 
_struct_sheet_order.range_id_2 
_struct_sheet_order.offset 
_struct_sheet_order.sense 
AA1 1 2 ? anti-parallel 
AA1 2 3 ? parallel      
AA2 1 2 ? anti-parallel 
AA2 2 3 ? anti-parallel 
AA2 3 4 ? anti-parallel 
AA2 4 5 ? anti-parallel 
AA2 5 6 ? anti-parallel 
AA3 1 2 ? anti-parallel 
AA3 2 3 ? anti-parallel 
AA3 3 4 ? anti-parallel 
AA3 4 5 ? parallel      
# 
loop_
_struct_sheet_range.sheet_id 
_struct_sheet_range.id 
_struct_sheet_range.beg_label_comp_id 
_struct_sheet_range.beg_label_asym_id 
_struct_sheet_range.beg_label_seq_id 
_struct_sheet_range.pdbx_beg_PDB_ins_code 
_struct_sheet_range.end_label_comp_id 
_struct_sheet_range.end_label_asym_id 
_struct_sheet_range.end_label_seq_id 
_struct_sheet_range.pdbx_end_PDB_ins_code 
_struct_sheet_range.beg_auth_comp_id 
_struct_sheet_range.beg_auth_asym_id 
_struct_sheet_range.beg_auth_seq_id 
_struct_sheet_range.end_auth_comp_id 
_struct_sheet_range.end_auth_asym_id 
_struct_sheet_range.end_auth_seq_id 
AA1 1 VAL A 32  ? VAL A 35  ? VAL A 394 VAL A 397 
AA1 2 LYS A 156 ? THR A 165 ? LYS A 518 THR A 527 
AA1 3 SER B 13  ? GLU B 14  ? SER B 13  GLU B 14  
AA2 1 VAL A 32  ? VAL A 35  ? VAL A 394 VAL A 397 
AA2 2 LYS A 156 ? THR A 165 ? LYS A 518 THR A 527 
AA2 3 TYR A 53  ? THR A 60  ? TYR A 415 THR A 422 
AA2 4 VAL A 129 ? GLN A 135 ? VAL A 491 GLN A 497 
AA2 5 SER A 11  ? ARG A 15  ? SER A 373 ARG A 377 
AA2 6 LYS B 28  ? PRO B 29  ? LYS B 28  PRO B 29  
AA3 1 LEU A 114 ? ARG A 123 ? LEU A 476 ARG A 485 
AA3 2 ILE A 65  ? TRP A 73  ? ILE A 427 TRP A 435 
AA3 3 GLY A 140 ? ASP A 147 ? GLY A 502 ASP A 509 
AA3 4 VAL A 40  ? PRO A 46  ? VAL A 402 PRO A 408 
AA3 5 GLU B 5   ? GLU B 9   ? GLU B 5   GLU B 9   
# 
loop_
_pdbx_struct_sheet_hbond.sheet_id 
_pdbx_struct_sheet_hbond.range_id_1 
_pdbx_struct_sheet_hbond.range_id_2 
_pdbx_struct_sheet_hbond.range_1_label_atom_id 
_pdbx_struct_sheet_hbond.range_1_label_comp_id 
_pdbx_struct_sheet_hbond.range_1_label_asym_id 
_pdbx_struct_sheet_hbond.range_1_label_seq_id 
_pdbx_struct_sheet_hbond.range_1_PDB_ins_code 
_pdbx_struct_sheet_hbond.range_1_auth_atom_id 
_pdbx_struct_sheet_hbond.range_1_auth_comp_id 
_pdbx_struct_sheet_hbond.range_1_auth_asym_id 
_pdbx_struct_sheet_hbond.range_1_auth_seq_id 
_pdbx_struct_sheet_hbond.range_2_label_atom_id 
_pdbx_struct_sheet_hbond.range_2_label_comp_id 
_pdbx_struct_sheet_hbond.range_2_label_asym_id 
_pdbx_struct_sheet_hbond.range_2_label_seq_id 
_pdbx_struct_sheet_hbond.range_2_PDB_ins_code 
_pdbx_struct_sheet_hbond.range_2_auth_atom_id 
_pdbx_struct_sheet_hbond.range_2_auth_comp_id 
_pdbx_struct_sheet_hbond.range_2_auth_asym_id 
_pdbx_struct_sheet_hbond.range_2_auth_seq_id 
AA1 1 2 N ILE A 33  ? N ILE A 395 O VAL A 158 ? O VAL A 520 
AA1 2 3 N VAL A 162 ? N VAL A 524 O SER B 13  ? O SER B 13  
AA2 1 2 N ILE A 33  ? N ILE A 395 O VAL A 158 ? O VAL A 520 
AA2 2 3 O TYR A 163 ? O TYR A 525 N PHE A 55  ? N PHE A 417 
AA2 3 4 N LEU A 54  ? N LEU A 416 O HIS A 134 ? O HIS A 496 
AA2 4 5 O VAL A 129 ? O VAL A 491 N ARG A 15  ? N ARG A 377 
AA2 5 6 N THR A 14  ? N THR A 376 O LYS B 28  ? O LYS B 28  
AA3 1 2 O ARG A 123 ? O ARG A 485 N ILE A 65  ? N ILE A 427 
AA3 2 3 N GLU A 72  ? N GLU A 434 O VAL A 141 ? O VAL A 503 
AA3 3 4 O PHE A 146 ? O PHE A 508 N VAL A 41  ? N VAL A 403 
AA3 4 5 N ARG A 44  ? N ARG A 406 O PHE B 8   ? O PHE B 8   
# 
_pdbx_validate_close_contact.id               1 
_pdbx_validate_close_contact.PDB_model_num    1 
_pdbx_validate_close_contact.auth_atom_id_1   OD2 
_pdbx_validate_close_contact.auth_asym_id_1   A 
_pdbx_validate_close_contact.auth_comp_id_1   ASP 
_pdbx_validate_close_contact.auth_seq_id_1    426 
_pdbx_validate_close_contact.PDB_ins_code_1   ? 
_pdbx_validate_close_contact.label_alt_id_1   ? 
_pdbx_validate_close_contact.auth_atom_id_2   O3 
_pdbx_validate_close_contact.auth_asym_id_2   A 
_pdbx_validate_close_contact.auth_comp_id_2   BGC 
_pdbx_validate_close_contact.auth_seq_id_2    601 
_pdbx_validate_close_contact.PDB_ins_code_2   ? 
_pdbx_validate_close_contact.label_alt_id_2   ? 
_pdbx_validate_close_contact.dist             2.15 
# 
loop_
_pdbx_validate_torsion.id 
_pdbx_validate_torsion.PDB_model_num 
_pdbx_validate_torsion.auth_comp_id 
_pdbx_validate_torsion.auth_asym_id 
_pdbx_validate_torsion.auth_seq_id 
_pdbx_validate_torsion.PDB_ins_code 
_pdbx_validate_torsion.label_alt_id 
_pdbx_validate_torsion.phi 
_pdbx_validate_torsion.psi 
1 1 ASN A 424 ? ? 71.91  -28.18 
2 1 ILE A 479 ? ? -95.47 -61.86 
# 
loop_
_pdbx_unobs_or_zero_occ_residues.id 
_pdbx_unobs_or_zero_occ_residues.PDB_model_num 
_pdbx_unobs_or_zero_occ_residues.polymer_flag 
_pdbx_unobs_or_zero_occ_residues.occupancy_flag 
_pdbx_unobs_or_zero_occ_residues.auth_asym_id 
_pdbx_unobs_or_zero_occ_residues.auth_comp_id 
_pdbx_unobs_or_zero_occ_residues.auth_seq_id 
_pdbx_unobs_or_zero_occ_residues.PDB_ins_code 
_pdbx_unobs_or_zero_occ_residues.label_asym_id 
_pdbx_unobs_or_zero_occ_residues.label_comp_id 
_pdbx_unobs_or_zero_occ_residues.label_seq_id 
1  1 Y 1 A MET 363 ? A MET 1   
2  1 Y 1 A GLU 364 ? A GLU 2   
3  1 Y 1 A SER 365 ? A SER 3   
4  1 Y 1 A ASP 437 ? A ASP 75  
5  1 Y 1 A SER 438 ? A SER 76  
6  1 Y 1 A PRO 439 ? A PRO 77  
7  1 Y 1 A ASN 440 ? A ASN 78  
8  1 Y 1 A THR 441 ? A THR 79  
9  1 Y 1 A ALA 442 ? A ALA 80  
10 1 Y 1 A VAL 443 ? A VAL 81  
11 1 Y 1 A SER 444 ? A SER 82  
12 1 Y 1 A VAL 445 ? A VAL 83  
13 1 Y 1 A HIS 446 ? A HIS 84  
14 1 Y 1 A VAL 447 ? A VAL 85  
15 1 Y 1 A SER 448 ? A SER 86  
16 1 Y 1 A GLU 449 ? A GLU 87  
17 1 Y 1 A SER 450 ? A SER 88  
18 1 Y 1 A SER 451 ? A SER 89  
19 1 Y 1 A ASP 452 ? A ASP 90  
20 1 Y 1 A ASP 453 ? A ASP 91  
21 1 Y 1 A ASP 454 ? A ASP 92  
22 1 Y 1 A GLU 455 ? A GLU 93  
23 1 Y 1 A GLU 456 ? A GLU 94  
24 1 Y 1 A GLU 457 ? A GLU 95  
25 1 Y 1 A GLU 458 ? A GLU 96  
26 1 Y 1 A GLU 459 ? A GLU 97  
27 1 Y 1 A ASN 460 ? A ASN 98  
28 1 Y 1 A ILE 461 ? A ILE 99  
29 1 Y 1 A GLY 462 ? A GLY 100 
30 1 Y 1 A CYS 463 ? A CYS 101 
31 1 Y 1 A GLU 464 ? A GLU 102 
32 1 Y 1 A GLU 465 ? A GLU 103 
33 1 Y 1 A LYS 466 ? A LYS 104 
34 1 Y 1 A ALA 467 ? A ALA 105 
35 1 Y 1 A LYS 468 ? A LYS 106 
36 1 Y 1 A LYS 469 ? A LYS 107 
37 1 Y 1 A ASN 470 ? A ASN 108 
38 1 Y 1 A ALA 471 ? A ALA 109 
39 1 Y 1 A ASN 472 ? A ASN 110 
40 1 Y 1 A LYS 473 ? A LYS 111 
41 1 Y 1 B GLY 1   ? B GLY 1   
42 1 Y 1 B ALA 2   ? B ALA 2   
43 1 Y 1 B HIS 3   ? B HIS 3   
44 1 Y 1 B THR 35  ? B THR 35  
45 1 Y 1 B LEU 36  ? B LEU 36  
46 1 Y 1 B GLU 37  ? B GLU 37  
47 1 Y 1 B ARG 38  ? B ARG 38  
# 
loop_
_chem_comp_atom.comp_id 
_chem_comp_atom.atom_id 
_chem_comp_atom.type_symbol 
_chem_comp_atom.pdbx_aromatic_flag 
_chem_comp_atom.pdbx_stereo_config 
_chem_comp_atom.pdbx_ordinal 
ALA N    N N N 1   
ALA CA   C N S 2   
ALA C    C N N 3   
ALA O    O N N 4   
ALA CB   C N N 5   
ALA OXT  O N N 6   
ALA H    H N N 7   
ALA H2   H N N 8   
ALA HA   H N N 9   
ALA HB1  H N N 10  
ALA HB2  H N N 11  
ALA HB3  H N N 12  
ALA HXT  H N N 13  
ARG N    N N N 14  
ARG CA   C N S 15  
ARG C    C N N 16  
ARG O    O N N 17  
ARG CB   C N N 18  
ARG CG   C N N 19  
ARG CD   C N N 20  
ARG NE   N N N 21  
ARG CZ   C N N 22  
ARG NH1  N N N 23  
ARG NH2  N N N 24  
ARG OXT  O N N 25  
ARG H    H N N 26  
ARG H2   H N N 27  
ARG HA   H N N 28  
ARG HB2  H N N 29  
ARG HB3  H N N 30  
ARG HG2  H N N 31  
ARG HG3  H N N 32  
ARG HD2  H N N 33  
ARG HD3  H N N 34  
ARG HE   H N N 35  
ARG HH11 H N N 36  
ARG HH12 H N N 37  
ARG HH21 H N N 38  
ARG HH22 H N N 39  
ARG HXT  H N N 40  
ASN N    N N N 41  
ASN CA   C N S 42  
ASN C    C N N 43  
ASN O    O N N 44  
ASN CB   C N N 45  
ASN CG   C N N 46  
ASN OD1  O N N 47  
ASN ND2  N N N 48  
ASN OXT  O N N 49  
ASN H    H N N 50  
ASN H2   H N N 51  
ASN HA   H N N 52  
ASN HB2  H N N 53  
ASN HB3  H N N 54  
ASN HD21 H N N 55  
ASN HD22 H N N 56  
ASN HXT  H N N 57  
ASP N    N N N 58  
ASP CA   C N S 59  
ASP C    C N N 60  
ASP O    O N N 61  
ASP CB   C N N 62  
ASP CG   C N N 63  
ASP OD1  O N N 64  
ASP OD2  O N N 65  
ASP OXT  O N N 66  
ASP H    H N N 67  
ASP H2   H N N 68  
ASP HA   H N N 69  
ASP HB2  H N N 70  
ASP HB3  H N N 71  
ASP HD2  H N N 72  
ASP HXT  H N N 73  
BGC C2   C N R 74  
BGC C3   C N S 75  
BGC C4   C N S 76  
BGC C5   C N R 77  
BGC C6   C N N 78  
BGC C1   C N R 79  
BGC O1   O N N 80  
BGC O2   O N N 81  
BGC O3   O N N 82  
BGC O4   O N N 83  
BGC O5   O N N 84  
BGC O6   O N N 85  
BGC H2   H N N 86  
BGC H3   H N N 87  
BGC H4   H N N 88  
BGC H5   H N N 89  
BGC H61  H N N 90  
BGC H62  H N N 91  
BGC H1   H N N 92  
BGC HO1  H N N 93  
BGC HO2  H N N 94  
BGC HO3  H N N 95  
BGC HO4  H N N 96  
BGC HO6  H N N 97  
CYS N    N N N 98  
CYS CA   C N R 99  
CYS C    C N N 100 
CYS O    O N N 101 
CYS CB   C N N 102 
CYS SG   S N N 103 
CYS OXT  O N N 104 
CYS H    H N N 105 
CYS H2   H N N 106 
CYS HA   H N N 107 
CYS HB2  H N N 108 
CYS HB3  H N N 109 
CYS HG   H N N 110 
CYS HXT  H N N 111 
GLN N    N N N 112 
GLN CA   C N S 113 
GLN C    C N N 114 
GLN O    O N N 115 
GLN CB   C N N 116 
GLN CG   C N N 117 
GLN CD   C N N 118 
GLN OE1  O N N 119 
GLN NE2  N N N 120 
GLN OXT  O N N 121 
GLN H    H N N 122 
GLN H2   H N N 123 
GLN HA   H N N 124 
GLN HB2  H N N 125 
GLN HB3  H N N 126 
GLN HG2  H N N 127 
GLN HG3  H N N 128 
GLN HE21 H N N 129 
GLN HE22 H N N 130 
GLN HXT  H N N 131 
GLU N    N N N 132 
GLU CA   C N S 133 
GLU C    C N N 134 
GLU O    O N N 135 
GLU CB   C N N 136 
GLU CG   C N N 137 
GLU CD   C N N 138 
GLU OE1  O N N 139 
GLU OE2  O N N 140 
GLU OXT  O N N 141 
GLU H    H N N 142 
GLU H2   H N N 143 
GLU HA   H N N 144 
GLU HB2  H N N 145 
GLU HB3  H N N 146 
GLU HG2  H N N 147 
GLU HG3  H N N 148 
GLU HE2  H N N 149 
GLU HXT  H N N 150 
GLY N    N N N 151 
GLY CA   C N N 152 
GLY C    C N N 153 
GLY O    O N N 154 
GLY OXT  O N N 155 
GLY H    H N N 156 
GLY H2   H N N 157 
GLY HA2  H N N 158 
GLY HA3  H N N 159 
GLY HXT  H N N 160 
HIS N    N N N 161 
HIS CA   C N S 162 
HIS C    C N N 163 
HIS O    O N N 164 
HIS CB   C N N 165 
HIS CG   C Y N 166 
HIS ND1  N Y N 167 
HIS CD2  C Y N 168 
HIS CE1  C Y N 169 
HIS NE2  N Y N 170 
HIS OXT  O N N 171 
HIS H    H N N 172 
HIS H2   H N N 173 
HIS HA   H N N 174 
HIS HB2  H N N 175 
HIS HB3  H N N 176 
HIS HD1  H N N 177 
HIS HD2  H N N 178 
HIS HE1  H N N 179 
HIS HE2  H N N 180 
HIS HXT  H N N 181 
ILE N    N N N 182 
ILE CA   C N S 183 
ILE C    C N N 184 
ILE O    O N N 185 
ILE CB   C N S 186 
ILE CG1  C N N 187 
ILE CG2  C N N 188 
ILE CD1  C N N 189 
ILE OXT  O N N 190 
ILE H    H N N 191 
ILE H2   H N N 192 
ILE HA   H N N 193 
ILE HB   H N N 194 
ILE HG12 H N N 195 
ILE HG13 H N N 196 
ILE HG21 H N N 197 
ILE HG22 H N N 198 
ILE HG23 H N N 199 
ILE HD11 H N N 200 
ILE HD12 H N N 201 
ILE HD13 H N N 202 
ILE HXT  H N N 203 
LEU N    N N N 204 
LEU CA   C N S 205 
LEU C    C N N 206 
LEU O    O N N 207 
LEU CB   C N N 208 
LEU CG   C N N 209 
LEU CD1  C N N 210 
LEU CD2  C N N 211 
LEU OXT  O N N 212 
LEU H    H N N 213 
LEU H2   H N N 214 
LEU HA   H N N 215 
LEU HB2  H N N 216 
LEU HB3  H N N 217 
LEU HG   H N N 218 
LEU HD11 H N N 219 
LEU HD12 H N N 220 
LEU HD13 H N N 221 
LEU HD21 H N N 222 
LEU HD22 H N N 223 
LEU HD23 H N N 224 
LEU HXT  H N N 225 
LYS N    N N N 226 
LYS CA   C N S 227 
LYS C    C N N 228 
LYS O    O N N 229 
LYS CB   C N N 230 
LYS CG   C N N 231 
LYS CD   C N N 232 
LYS CE   C N N 233 
LYS NZ   N N N 234 
LYS OXT  O N N 235 
LYS H    H N N 236 
LYS H2   H N N 237 
LYS HA   H N N 238 
LYS HB2  H N N 239 
LYS HB3  H N N 240 
LYS HG2  H N N 241 
LYS HG3  H N N 242 
LYS HD2  H N N 243 
LYS HD3  H N N 244 
LYS HE2  H N N 245 
LYS HE3  H N N 246 
LYS HZ1  H N N 247 
LYS HZ2  H N N 248 
LYS HZ3  H N N 249 
LYS HXT  H N N 250 
MET N    N N N 251 
MET CA   C N S 252 
MET C    C N N 253 
MET O    O N N 254 
MET CB   C N N 255 
MET CG   C N N 256 
MET SD   S N N 257 
MET CE   C N N 258 
MET OXT  O N N 259 
MET H    H N N 260 
MET H2   H N N 261 
MET HA   H N N 262 
MET HB2  H N N 263 
MET HB3  H N N 264 
MET HG2  H N N 265 
MET HG3  H N N 266 
MET HE1  H N N 267 
MET HE2  H N N 268 
MET HE3  H N N 269 
MET HXT  H N N 270 
PHE N    N N N 271 
PHE CA   C N S 272 
PHE C    C N N 273 
PHE O    O N N 274 
PHE CB   C N N 275 
PHE CG   C Y N 276 
PHE CD1  C Y N 277 
PHE CD2  C Y N 278 
PHE CE1  C Y N 279 
PHE CE2  C Y N 280 
PHE CZ   C Y N 281 
PHE OXT  O N N 282 
PHE H    H N N 283 
PHE H2   H N N 284 
PHE HA   H N N 285 
PHE HB2  H N N 286 
PHE HB3  H N N 287 
PHE HD1  H N N 288 
PHE HD2  H N N 289 
PHE HE1  H N N 290 
PHE HE2  H N N 291 
PHE HZ   H N N 292 
PHE HXT  H N N 293 
PRO N    N N N 294 
PRO CA   C N S 295 
PRO C    C N N 296 
PRO O    O N N 297 
PRO CB   C N N 298 
PRO CG   C N N 299 
PRO CD   C N N 300 
PRO OXT  O N N 301 
PRO H    H N N 302 
PRO HA   H N N 303 
PRO HB2  H N N 304 
PRO HB3  H N N 305 
PRO HG2  H N N 306 
PRO HG3  H N N 307 
PRO HD2  H N N 308 
PRO HD3  H N N 309 
PRO HXT  H N N 310 
SER N    N N N 311 
SER CA   C N S 312 
SER C    C N N 313 
SER O    O N N 314 
SER CB   C N N 315 
SER OG   O N N 316 
SER OXT  O N N 317 
SER H    H N N 318 
SER H2   H N N 319 
SER HA   H N N 320 
SER HB2  H N N 321 
SER HB3  H N N 322 
SER HG   H N N 323 
SER HXT  H N N 324 
THR N    N N N 325 
THR CA   C N S 326 
THR C    C N N 327 
THR O    O N N 328 
THR CB   C N R 329 
THR OG1  O N N 330 
THR CG2  C N N 331 
THR OXT  O N N 332 
THR H    H N N 333 
THR H2   H N N 334 
THR HA   H N N 335 
THR HB   H N N 336 
THR HG1  H N N 337 
THR HG21 H N N 338 
THR HG22 H N N 339 
THR HG23 H N N 340 
THR HXT  H N N 341 
TRP N    N N N 342 
TRP CA   C N S 343 
TRP C    C N N 344 
TRP O    O N N 345 
TRP CB   C N N 346 
TRP CG   C Y N 347 
TRP CD1  C Y N 348 
TRP CD2  C Y N 349 
TRP NE1  N Y N 350 
TRP CE2  C Y N 351 
TRP CE3  C Y N 352 
TRP CZ2  C Y N 353 
TRP CZ3  C Y N 354 
TRP CH2  C Y N 355 
TRP OXT  O N N 356 
TRP H    H N N 357 
TRP H2   H N N 358 
TRP HA   H N N 359 
TRP HB2  H N N 360 
TRP HB3  H N N 361 
TRP HD1  H N N 362 
TRP HE1  H N N 363 
TRP HE3  H N N 364 
TRP HZ2  H N N 365 
TRP HZ3  H N N 366 
TRP HH2  H N N 367 
TRP HXT  H N N 368 
TYR N    N N N 369 
TYR CA   C N S 370 
TYR C    C N N 371 
TYR O    O N N 372 
TYR CB   C N N 373 
TYR CG   C Y N 374 
TYR CD1  C Y N 375 
TYR CD2  C Y N 376 
TYR CE1  C Y N 377 
TYR CE2  C Y N 378 
TYR CZ   C Y N 379 
TYR OH   O N N 380 
TYR OXT  O N N 381 
TYR H    H N N 382 
TYR H2   H N N 383 
TYR HA   H N N 384 
TYR HB2  H N N 385 
TYR HB3  H N N 386 
TYR HD1  H N N 387 
TYR HD2  H N N 388 
TYR HE1  H N N 389 
TYR HE2  H N N 390 
TYR HH   H N N 391 
TYR HXT  H N N 392 
VAL N    N N N 393 
VAL CA   C N S 394 
VAL C    C N N 395 
VAL O    O N N 396 
VAL CB   C N N 397 
VAL CG1  C N N 398 
VAL CG2  C N N 399 
VAL OXT  O N N 400 
VAL H    H N N 401 
VAL H2   H N N 402 
VAL HA   H N N 403 
VAL HB   H N N 404 
VAL HG11 H N N 405 
VAL HG12 H N N 406 
VAL HG13 H N N 407 
VAL HG21 H N N 408 
VAL HG22 H N N 409 
VAL HG23 H N N 410 
VAL HXT  H N N 411 
# 
loop_
_chem_comp_bond.comp_id 
_chem_comp_bond.atom_id_1 
_chem_comp_bond.atom_id_2 
_chem_comp_bond.value_order 
_chem_comp_bond.pdbx_aromatic_flag 
_chem_comp_bond.pdbx_stereo_config 
_chem_comp_bond.pdbx_ordinal 
ALA N   CA   sing N N 1   
ALA N   H    sing N N 2   
ALA N   H2   sing N N 3   
ALA CA  C    sing N N 4   
ALA CA  CB   sing N N 5   
ALA CA  HA   sing N N 6   
ALA C   O    doub N N 7   
ALA C   OXT  sing N N 8   
ALA CB  HB1  sing N N 9   
ALA CB  HB2  sing N N 10  
ALA CB  HB3  sing N N 11  
ALA OXT HXT  sing N N 12  
ARG N   CA   sing N N 13  
ARG N   H    sing N N 14  
ARG N   H2   sing N N 15  
ARG CA  C    sing N N 16  
ARG CA  CB   sing N N 17  
ARG CA  HA   sing N N 18  
ARG C   O    doub N N 19  
ARG C   OXT  sing N N 20  
ARG CB  CG   sing N N 21  
ARG CB  HB2  sing N N 22  
ARG CB  HB3  sing N N 23  
ARG CG  CD   sing N N 24  
ARG CG  HG2  sing N N 25  
ARG CG  HG3  sing N N 26  
ARG CD  NE   sing N N 27  
ARG CD  HD2  sing N N 28  
ARG CD  HD3  sing N N 29  
ARG NE  CZ   sing N N 30  
ARG NE  HE   sing N N 31  
ARG CZ  NH1  sing N N 32  
ARG CZ  NH2  doub N N 33  
ARG NH1 HH11 sing N N 34  
ARG NH1 HH12 sing N N 35  
ARG NH2 HH21 sing N N 36  
ARG NH2 HH22 sing N N 37  
ARG OXT HXT  sing N N 38  
ASN N   CA   sing N N 39  
ASN N   H    sing N N 40  
ASN N   H2   sing N N 41  
ASN CA  C    sing N N 42  
ASN CA  CB   sing N N 43  
ASN CA  HA   sing N N 44  
ASN C   O    doub N N 45  
ASN C   OXT  sing N N 46  
ASN CB  CG   sing N N 47  
ASN CB  HB2  sing N N 48  
ASN CB  HB3  sing N N 49  
ASN CG  OD1  doub N N 50  
ASN CG  ND2  sing N N 51  
ASN ND2 HD21 sing N N 52  
ASN ND2 HD22 sing N N 53  
ASN OXT HXT  sing N N 54  
ASP N   CA   sing N N 55  
ASP N   H    sing N N 56  
ASP N   H2   sing N N 57  
ASP CA  C    sing N N 58  
ASP CA  CB   sing N N 59  
ASP CA  HA   sing N N 60  
ASP C   O    doub N N 61  
ASP C   OXT  sing N N 62  
ASP CB  CG   sing N N 63  
ASP CB  HB2  sing N N 64  
ASP CB  HB3  sing N N 65  
ASP CG  OD1  doub N N 66  
ASP CG  OD2  sing N N 67  
ASP OD2 HD2  sing N N 68  
ASP OXT HXT  sing N N 69  
BGC C2  C3   sing N N 70  
BGC C2  C1   sing N N 71  
BGC C2  O2   sing N N 72  
BGC C2  H2   sing N N 73  
BGC C3  C4   sing N N 74  
BGC C3  O3   sing N N 75  
BGC C3  H3   sing N N 76  
BGC C4  C5   sing N N 77  
BGC C4  O4   sing N N 78  
BGC C4  H4   sing N N 79  
BGC C5  C6   sing N N 80  
BGC C5  O5   sing N N 81  
BGC C5  H5   sing N N 82  
BGC C6  O6   sing N N 83  
BGC C6  H61  sing N N 84  
BGC C6  H62  sing N N 85  
BGC C1  O1   sing N N 86  
BGC C1  O5   sing N N 87  
BGC C1  H1   sing N N 88  
BGC O1  HO1  sing N N 89  
BGC O2  HO2  sing N N 90  
BGC O3  HO3  sing N N 91  
BGC O4  HO4  sing N N 92  
BGC O6  HO6  sing N N 93  
CYS N   CA   sing N N 94  
CYS N   H    sing N N 95  
CYS N   H2   sing N N 96  
CYS CA  C    sing N N 97  
CYS CA  CB   sing N N 98  
CYS CA  HA   sing N N 99  
CYS C   O    doub N N 100 
CYS C   OXT  sing N N 101 
CYS CB  SG   sing N N 102 
CYS CB  HB2  sing N N 103 
CYS CB  HB3  sing N N 104 
CYS SG  HG   sing N N 105 
CYS OXT HXT  sing N N 106 
GLN N   CA   sing N N 107 
GLN N   H    sing N N 108 
GLN N   H2   sing N N 109 
GLN CA  C    sing N N 110 
GLN CA  CB   sing N N 111 
GLN CA  HA   sing N N 112 
GLN C   O    doub N N 113 
GLN C   OXT  sing N N 114 
GLN CB  CG   sing N N 115 
GLN CB  HB2  sing N N 116 
GLN CB  HB3  sing N N 117 
GLN CG  CD   sing N N 118 
GLN CG  HG2  sing N N 119 
GLN CG  HG3  sing N N 120 
GLN CD  OE1  doub N N 121 
GLN CD  NE2  sing N N 122 
GLN NE2 HE21 sing N N 123 
GLN NE2 HE22 sing N N 124 
GLN OXT HXT  sing N N 125 
GLU N   CA   sing N N 126 
GLU N   H    sing N N 127 
GLU N   H2   sing N N 128 
GLU CA  C    sing N N 129 
GLU CA  CB   sing N N 130 
GLU CA  HA   sing N N 131 
GLU C   O    doub N N 132 
GLU C   OXT  sing N N 133 
GLU CB  CG   sing N N 134 
GLU CB  HB2  sing N N 135 
GLU CB  HB3  sing N N 136 
GLU CG  CD   sing N N 137 
GLU CG  HG2  sing N N 138 
GLU CG  HG3  sing N N 139 
GLU CD  OE1  doub N N 140 
GLU CD  OE2  sing N N 141 
GLU OE2 HE2  sing N N 142 
GLU OXT HXT  sing N N 143 
GLY N   CA   sing N N 144 
GLY N   H    sing N N 145 
GLY N   H2   sing N N 146 
GLY CA  C    sing N N 147 
GLY CA  HA2  sing N N 148 
GLY CA  HA3  sing N N 149 
GLY C   O    doub N N 150 
GLY C   OXT  sing N N 151 
GLY OXT HXT  sing N N 152 
HIS N   CA   sing N N 153 
HIS N   H    sing N N 154 
HIS N   H2   sing N N 155 
HIS CA  C    sing N N 156 
HIS CA  CB   sing N N 157 
HIS CA  HA   sing N N 158 
HIS C   O    doub N N 159 
HIS C   OXT  sing N N 160 
HIS CB  CG   sing N N 161 
HIS CB  HB2  sing N N 162 
HIS CB  HB3  sing N N 163 
HIS CG  ND1  sing Y N 164 
HIS CG  CD2  doub Y N 165 
HIS ND1 CE1  doub Y N 166 
HIS ND1 HD1  sing N N 167 
HIS CD2 NE2  sing Y N 168 
HIS CD2 HD2  sing N N 169 
HIS CE1 NE2  sing Y N 170 
HIS CE1 HE1  sing N N 171 
HIS NE2 HE2  sing N N 172 
HIS OXT HXT  sing N N 173 
ILE N   CA   sing N N 174 
ILE N   H    sing N N 175 
ILE N   H2   sing N N 176 
ILE CA  C    sing N N 177 
ILE CA  CB   sing N N 178 
ILE CA  HA   sing N N 179 
ILE C   O    doub N N 180 
ILE C   OXT  sing N N 181 
ILE CB  CG1  sing N N 182 
ILE CB  CG2  sing N N 183 
ILE CB  HB   sing N N 184 
ILE CG1 CD1  sing N N 185 
ILE CG1 HG12 sing N N 186 
ILE CG1 HG13 sing N N 187 
ILE CG2 HG21 sing N N 188 
ILE CG2 HG22 sing N N 189 
ILE CG2 HG23 sing N N 190 
ILE CD1 HD11 sing N N 191 
ILE CD1 HD12 sing N N 192 
ILE CD1 HD13 sing N N 193 
ILE OXT HXT  sing N N 194 
LEU N   CA   sing N N 195 
LEU N   H    sing N N 196 
LEU N   H2   sing N N 197 
LEU CA  C    sing N N 198 
LEU CA  CB   sing N N 199 
LEU CA  HA   sing N N 200 
LEU C   O    doub N N 201 
LEU C   OXT  sing N N 202 
LEU CB  CG   sing N N 203 
LEU CB  HB2  sing N N 204 
LEU CB  HB3  sing N N 205 
LEU CG  CD1  sing N N 206 
LEU CG  CD2  sing N N 207 
LEU CG  HG   sing N N 208 
LEU CD1 HD11 sing N N 209 
LEU CD1 HD12 sing N N 210 
LEU CD1 HD13 sing N N 211 
LEU CD2 HD21 sing N N 212 
LEU CD2 HD22 sing N N 213 
LEU CD2 HD23 sing N N 214 
LEU OXT HXT  sing N N 215 
LYS N   CA   sing N N 216 
LYS N   H    sing N N 217 
LYS N   H2   sing N N 218 
LYS CA  C    sing N N 219 
LYS CA  CB   sing N N 220 
LYS CA  HA   sing N N 221 
LYS C   O    doub N N 222 
LYS C   OXT  sing N N 223 
LYS CB  CG   sing N N 224 
LYS CB  HB2  sing N N 225 
LYS CB  HB3  sing N N 226 
LYS CG  CD   sing N N 227 
LYS CG  HG2  sing N N 228 
LYS CG  HG3  sing N N 229 
LYS CD  CE   sing N N 230 
LYS CD  HD2  sing N N 231 
LYS CD  HD3  sing N N 232 
LYS CE  NZ   sing N N 233 
LYS CE  HE2  sing N N 234 
LYS CE  HE3  sing N N 235 
LYS NZ  HZ1  sing N N 236 
LYS NZ  HZ2  sing N N 237 
LYS NZ  HZ3  sing N N 238 
LYS OXT HXT  sing N N 239 
MET N   CA   sing N N 240 
MET N   H    sing N N 241 
MET N   H2   sing N N 242 
MET CA  C    sing N N 243 
MET CA  CB   sing N N 244 
MET CA  HA   sing N N 245 
MET C   O    doub N N 246 
MET C   OXT  sing N N 247 
MET CB  CG   sing N N 248 
MET CB  HB2  sing N N 249 
MET CB  HB3  sing N N 250 
MET CG  SD   sing N N 251 
MET CG  HG2  sing N N 252 
MET CG  HG3  sing N N 253 
MET SD  CE   sing N N 254 
MET CE  HE1  sing N N 255 
MET CE  HE2  sing N N 256 
MET CE  HE3  sing N N 257 
MET OXT HXT  sing N N 258 
PHE N   CA   sing N N 259 
PHE N   H    sing N N 260 
PHE N   H2   sing N N 261 
PHE CA  C    sing N N 262 
PHE CA  CB   sing N N 263 
PHE CA  HA   sing N N 264 
PHE C   O    doub N N 265 
PHE C   OXT  sing N N 266 
PHE CB  CG   sing N N 267 
PHE CB  HB2  sing N N 268 
PHE CB  HB3  sing N N 269 
PHE CG  CD1  doub Y N 270 
PHE CG  CD2  sing Y N 271 
PHE CD1 CE1  sing Y N 272 
PHE CD1 HD1  sing N N 273 
PHE CD2 CE2  doub Y N 274 
PHE CD2 HD2  sing N N 275 
PHE CE1 CZ   doub Y N 276 
PHE CE1 HE1  sing N N 277 
PHE CE2 CZ   sing Y N 278 
PHE CE2 HE2  sing N N 279 
PHE CZ  HZ   sing N N 280 
PHE OXT HXT  sing N N 281 
PRO N   CA   sing N N 282 
PRO N   CD   sing N N 283 
PRO N   H    sing N N 284 
PRO CA  C    sing N N 285 
PRO CA  CB   sing N N 286 
PRO CA  HA   sing N N 287 
PRO C   O    doub N N 288 
PRO C   OXT  sing N N 289 
PRO CB  CG   sing N N 290 
PRO CB  HB2  sing N N 291 
PRO CB  HB3  sing N N 292 
PRO CG  CD   sing N N 293 
PRO CG  HG2  sing N N 294 
PRO CG  HG3  sing N N 295 
PRO CD  HD2  sing N N 296 
PRO CD  HD3  sing N N 297 
PRO OXT HXT  sing N N 298 
SER N   CA   sing N N 299 
SER N   H    sing N N 300 
SER N   H2   sing N N 301 
SER CA  C    sing N N 302 
SER CA  CB   sing N N 303 
SER CA  HA   sing N N 304 
SER C   O    doub N N 305 
SER C   OXT  sing N N 306 
SER CB  OG   sing N N 307 
SER CB  HB2  sing N N 308 
SER CB  HB3  sing N N 309 
SER OG  HG   sing N N 310 
SER OXT HXT  sing N N 311 
THR N   CA   sing N N 312 
THR N   H    sing N N 313 
THR N   H2   sing N N 314 
THR CA  C    sing N N 315 
THR CA  CB   sing N N 316 
THR CA  HA   sing N N 317 
THR C   O    doub N N 318 
THR C   OXT  sing N N 319 
THR CB  OG1  sing N N 320 
THR CB  CG2  sing N N 321 
THR CB  HB   sing N N 322 
THR OG1 HG1  sing N N 323 
THR CG2 HG21 sing N N 324 
THR CG2 HG22 sing N N 325 
THR CG2 HG23 sing N N 326 
THR OXT HXT  sing N N 327 
TRP N   CA   sing N N 328 
TRP N   H    sing N N 329 
TRP N   H2   sing N N 330 
TRP CA  C    sing N N 331 
TRP CA  CB   sing N N 332 
TRP CA  HA   sing N N 333 
TRP C   O    doub N N 334 
TRP C   OXT  sing N N 335 
TRP CB  CG   sing N N 336 
TRP CB  HB2  sing N N 337 
TRP CB  HB3  sing N N 338 
TRP CG  CD1  doub Y N 339 
TRP CG  CD2  sing Y N 340 
TRP CD1 NE1  sing Y N 341 
TRP CD1 HD1  sing N N 342 
TRP CD2 CE2  doub Y N 343 
TRP CD2 CE3  sing Y N 344 
TRP NE1 CE2  sing Y N 345 
TRP NE1 HE1  sing N N 346 
TRP CE2 CZ2  sing Y N 347 
TRP CE3 CZ3  doub Y N 348 
TRP CE3 HE3  sing N N 349 
TRP CZ2 CH2  doub Y N 350 
TRP CZ2 HZ2  sing N N 351 
TRP CZ3 CH2  sing Y N 352 
TRP CZ3 HZ3  sing N N 353 
TRP CH2 HH2  sing N N 354 
TRP OXT HXT  sing N N 355 
TYR N   CA   sing N N 356 
TYR N   H    sing N N 357 
TYR N   H2   sing N N 358 
TYR CA  C    sing N N 359 
TYR CA  CB   sing N N 360 
TYR CA  HA   sing N N 361 
TYR C   O    doub N N 362 
TYR C   OXT  sing N N 363 
TYR CB  CG   sing N N 364 
TYR CB  HB2  sing N N 365 
TYR CB  HB3  sing N N 366 
TYR CG  CD1  doub Y N 367 
TYR CG  CD2  sing Y N 368 
TYR CD1 CE1  sing Y N 369 
TYR CD1 HD1  sing N N 370 
TYR CD2 CE2  doub Y N 371 
TYR CD2 HD2  sing N N 372 
TYR CE1 CZ   doub Y N 373 
TYR CE1 HE1  sing N N 374 
TYR CE2 CZ   sing Y N 375 
TYR CE2 HE2  sing N N 376 
TYR CZ  OH   sing N N 377 
TYR OH  HH   sing N N 378 
TYR OXT HXT  sing N N 379 
VAL N   CA   sing N N 380 
VAL N   H    sing N N 381 
VAL N   H2   sing N N 382 
VAL CA  C    sing N N 383 
VAL CA  CB   sing N N 384 
VAL CA  HA   sing N N 385 
VAL C   O    doub N N 386 
VAL C   OXT  sing N N 387 
VAL CB  CG1  sing N N 388 
VAL CB  CG2  sing N N 389 
VAL CB  HB   sing N N 390 
VAL CG1 HG11 sing N N 391 
VAL CG1 HG12 sing N N 392 
VAL CG1 HG13 sing N N 393 
VAL CG2 HG21 sing N N 394 
VAL CG2 HG22 sing N N 395 
VAL CG2 HG23 sing N N 396 
VAL OXT HXT  sing N N 397 
# 
_pdbx_initial_refinement_model.id               1 
_pdbx_initial_refinement_model.entity_id_list   ? 
_pdbx_initial_refinement_model.type             'experimental model' 
_pdbx_initial_refinement_model.source_name      PDB 
_pdbx_initial_refinement_model.accession_code   5LZ1 
_pdbx_initial_refinement_model.details          ? 
# 
_atom_sites.entry_id                    5LZ6 
_atom_sites.fract_transf_matrix[1][1]   -0.00106525 
_atom_sites.fract_transf_matrix[1][2]   -0.01175578 
_atom_sites.fract_transf_matrix[1][3]   -0.01707355 
_atom_sites.fract_transf_matrix[2][1]   -0.01823445 
_atom_sites.fract_transf_matrix[2][2]   -0.00782792 
_atom_sites.fract_transf_matrix[2][3]   -0.00608945 
_atom_sites.fract_transf_matrix[3][1]   -0.00115286 
_atom_sites.fract_transf_matrix[3][2]   0.00566253 
_atom_sites.fract_transf_matrix[3][3]   -0.00382694 
_atom_sites.fract_transf_vector[1]      0.709669 
_atom_sites.fract_transf_vector[2]      0.608300 
_atom_sites.fract_transf_vector[3]      0.107021 
# 
loop_
_atom_type.symbol 
C 
N 
O 
S 
# 
loop_
_atom_site.group_PDB 
_atom_site.id 
_atom_site.type_symbol 
_atom_site.label_atom_id 
_atom_site.label_alt_id 
_atom_site.label_comp_id 
_atom_site.label_asym_id 
_atom_site.label_entity_id 
_atom_site.label_seq_id 
_atom_site.pdbx_PDB_ins_code 
_atom_site.Cartn_x 
_atom_site.Cartn_y 
_atom_site.Cartn_z 
_atom_site.occupancy 
_atom_site.B_iso_or_equiv 
_atom_site.pdbx_formal_charge 
_atom_site.auth_seq_id 
_atom_site.auth_comp_id 
_atom_site.auth_asym_id 
_atom_site.auth_atom_id 
_atom_site.pdbx_PDB_model_num 
ATOM   1    N N   . LEU A 1 4   ? -25.282 6.206   9.857   1.00 68.36  ? 366 LEU A N   1 
ATOM   2    C CA  . LEU A 1 4   ? -24.396 6.434   8.723   1.00 96.72  ? 366 LEU A CA  1 
ATOM   3    C C   . LEU A 1 4   ? -23.253 5.415   8.763   1.00 110.55 ? 366 LEU A C   1 
ATOM   4    O O   . LEU A 1 4   ? -22.766 5.078   9.845   1.00 110.56 ? 366 LEU A O   1 
ATOM   5    C CB  . LEU A 1 4   ? -23.857 7.869   8.750   1.00 94.03  ? 366 LEU A CB  1 
ATOM   6    C CG  . LEU A 1 4   ? -23.526 8.571   7.427   1.00 99.58  ? 366 LEU A CG  1 
ATOM   7    C CD1 . LEU A 1 4   ? -24.730 8.616   6.492   1.00 97.04  ? 366 LEU A CD1 1 
ATOM   8    C CD2 . LEU A 1 4   ? -23.019 9.982   7.686   1.00 82.19  ? 366 LEU A CD2 1 
ATOM   9    N N   . PRO A 1 5   ? -22.827 4.908   7.588   1.00 113.62 ? 367 PRO A N   1 
ATOM   10   C CA  . PRO A 1 5   ? -21.807 3.850   7.539   1.00 107.96 ? 367 PRO A CA  1 
ATOM   11   C C   . PRO A 1 5   ? -20.514 4.188   8.279   1.00 106.27 ? 367 PRO A C   1 
ATOM   12   O O   . PRO A 1 5   ? -19.906 5.230   8.033   1.00 104.91 ? 367 PRO A O   1 
ATOM   13   C CB  . PRO A 1 5   ? -21.536 3.692   6.034   1.00 105.59 ? 367 PRO A CB  1 
ATOM   14   C CG  . PRO A 1 5   ? -22.098 4.915   5.395   1.00 98.76  ? 367 PRO A CG  1 
ATOM   15   C CD  . PRO A 1 5   ? -23.268 5.284   6.235   1.00 106.03 ? 367 PRO A CD  1 
ATOM   16   N N   . VAL A 1 6   ? -20.107 3.292   9.174   1.00 109.45 ? 368 VAL A N   1 
ATOM   17   C CA  . VAL A 1 6   ? -18.880 3.465   9.945   1.00 107.44 ? 368 VAL A CA  1 
ATOM   18   C C   . VAL A 1 6   ? -17.709 2.765   9.262   1.00 96.22  ? 368 VAL A C   1 
ATOM   19   O O   . VAL A 1 6   ? -17.863 1.683   8.691   1.00 80.49  ? 368 VAL A O   1 
ATOM   20   C CB  . VAL A 1 6   ? -19.021 2.921   11.387  1.00 96.60  ? 368 VAL A CB  1 
ATOM   21   C CG1 . VAL A 1 6   ? -19.946 3.811   12.204  1.00 110.64 ? 368 VAL A CG1 1 
ATOM   22   C CG2 . VAL A 1 6   ? -19.513 1.472   11.385  1.00 106.84 ? 368 VAL A CG2 1 
ATOM   23   N N   . ILE A 1 7   ? -16.540 3.392   9.330   1.00 81.39  ? 369 ILE A N   1 
ATOM   24   C CA  . ILE A 1 7   ? -15.331 2.851   8.723   1.00 70.50  ? 369 ILE A CA  1 
ATOM   25   C C   . ILE A 1 7   ? -14.502 2.125   9.779   1.00 66.40  ? 369 ILE A C   1 
ATOM   26   O O   . ILE A 1 7   ? -14.350 2.608   10.902  1.00 70.32  ? 369 ILE A O   1 
ATOM   27   C CB  . ILE A 1 7   ? -14.480 3.968   8.067   1.00 65.66  ? 369 ILE A CB  1 
ATOM   28   C CG1 . ILE A 1 7   ? -15.319 4.769   7.061   1.00 82.19  ? 369 ILE A CG1 1 
ATOM   29   C CG2 . ILE A 1 7   ? -13.241 3.388   7.390   1.00 67.87  ? 369 ILE A CG2 1 
ATOM   30   C CD1 . ILE A 1 7   ? -15.802 3.973   5.857   1.00 78.88  ? 369 ILE A CD1 1 
ATOM   31   N N   . ALA A 1 8   ? -13.977 0.960   9.418   1.00 61.99  ? 370 ALA A N   1 
ATOM   32   C CA  . ALA A 1 8   ? -13.111 0.204   10.313  1.00 59.75  ? 370 ALA A CA  1 
ATOM   33   C C   . ALA A 1 8   ? -11.713 0.807   10.324  1.00 64.22  ? 370 ALA A C   1 
ATOM   34   O O   . ALA A 1 8   ? -11.239 1.314   9.308   1.00 66.62  ? 370 ALA A O   1 
ATOM   35   C CB  . ALA A 1 8   ? -13.055 -1.255  9.891   1.00 52.78  ? 370 ALA A CB  1 
ATOM   36   N N   . ALA A 1 9   ? -11.055 0.758   11.476  1.00 63.26  ? 371 ALA A N   1 
ATOM   37   C CA  . ALA A 1 9   ? -9.686  1.244   11.584  1.00 77.40  ? 371 ALA A CA  1 
ATOM   38   C C   . ALA A 1 9   ? -8.749  0.294   10.844  1.00 63.90  ? 371 ALA A C   1 
ATOM   39   O O   . ALA A 1 9   ? -8.950  -0.918  10.874  1.00 62.22  ? 371 ALA A O   1 
ATOM   40   C CB  . ALA A 1 9   ? -9.276  1.374   13.041  1.00 50.63  ? 371 ALA A CB  1 
ATOM   41   N N   . PRO A 1 10  ? -7.730  0.840   10.160  1.00 63.45  ? 372 PRO A N   1 
ATOM   42   C CA  . PRO A 1 10  ? -6.770  -0.035  9.485   1.00 69.69  ? 372 PRO A CA  1 
ATOM   43   C C   . PRO A 1 10  ? -5.696  -0.537  10.444  1.00 59.10  ? 372 PRO A C   1 
ATOM   44   O O   . PRO A 1 10  ? -5.583  -0.018  11.553  1.00 57.43  ? 372 PRO A O   1 
ATOM   45   C CB  . PRO A 1 10  ? -6.172  0.875   8.412   1.00 68.07  ? 372 PRO A CB  1 
ATOM   46   C CG  . PRO A 1 10  ? -6.191  2.224   9.046   1.00 60.65  ? 372 PRO A CG  1 
ATOM   47   C CD  . PRO A 1 10  ? -7.417  2.263   9.935   1.00 60.75  ? 372 PRO A CD  1 
ATOM   48   N N   . SER A 1 11  ? -4.931  -1.536  10.016  1.00 58.22  ? 373 SER A N   1 
ATOM   49   C CA  . SER A 1 11  ? -3.780  -2.015  10.773  1.00 58.03  ? 373 SER A CA  1 
ATOM   50   C C   . SER A 1 11  ? -2.538  -1.958  9.896   1.00 62.83  ? 373 SER A C   1 
ATOM   51   O O   . SER A 1 11  ? -2.628  -2.094  8.676   1.00 56.61  ? 373 SER A O   1 
ATOM   52   C CB  . SER A 1 11  ? -4.017  -3.438  11.280  1.00 65.59  ? 373 SER A CB  1 
ATOM   53   O OG  . SER A 1 11  ? -4.969  -3.450  12.329  1.00 77.08  ? 373 SER A OG  1 
ATOM   54   N N   . MET A 1 12  ? -1.383  -1.750  10.521  1.00 60.67  ? 374 MET A N   1 
ATOM   55   C CA  . MET A 1 12  ? -0.128  -1.633  9.786   1.00 59.42  ? 374 MET A CA  1 
ATOM   56   C C   . MET A 1 12  ? 1.021   -2.291  10.536  1.00 56.59  ? 374 MET A C   1 
ATOM   57   O O   . MET A 1 12  ? 1.125   -2.184  11.758  1.00 57.99  ? 374 MET A O   1 
ATOM   58   C CB  . MET A 1 12  ? 0.199   -0.164  9.527   1.00 62.91  ? 374 MET A CB  1 
ATOM   59   C CG  . MET A 1 12  ? 0.725   0.115   8.124   1.00 79.46  ? 374 MET A CG  1 
ATOM   60   S SD  . MET A 1 12  ? 0.771   1.869   7.700   1.00 82.08  ? 374 MET A SD  1 
ATOM   61   C CE  . MET A 1 12  ? -0.952  2.310   7.918   1.00 74.54  ? 374 MET A CE  1 
ATOM   62   N N   . TRP A 1 13  ? 1.885   -2.963  9.783   1.00 52.87  ? 375 TRP A N   1 
ATOM   63   C CA  . TRP A 1 13  ? 3.012   -3.687  10.351  1.00 64.50  ? 375 TRP A CA  1 
ATOM   64   C C   . TRP A 1 13  ? 4.300   -3.365  9.607   1.00 63.05  ? 375 TRP A C   1 
ATOM   65   O O   . TRP A 1 13  ? 4.272   -2.768  8.530   1.00 53.66  ? 375 TRP A O   1 
ATOM   66   C CB  . TRP A 1 13  ? 2.755   -5.194  10.302  1.00 58.31  ? 375 TRP A CB  1 
ATOM   67   C CG  . TRP A 1 13  ? 1.516   -5.637  11.016  1.00 62.81  ? 375 TRP A CG  1 
ATOM   68   C CD1 . TRP A 1 13  ? 1.414   -5.994  12.328  1.00 65.48  ? 375 TRP A CD1 1 
ATOM   69   C CD2 . TRP A 1 13  ? 0.204   -5.783  10.457  1.00 64.02  ? 375 TRP A CD2 1 
ATOM   70   N NE1 . TRP A 1 13  ? 0.120   -6.351  12.623  1.00 65.67  ? 375 TRP A NE1 1 
ATOM   71   C CE2 . TRP A 1 13  ? -0.644  -6.230  11.493  1.00 69.73  ? 375 TRP A CE2 1 
ATOM   72   C CE3 . TRP A 1 13  ? -0.339  -5.579  9.185   1.00 55.46  ? 375 TRP A CE3 1 
ATOM   73   C CZ2 . TRP A 1 13  ? -2.001  -6.474  11.295  1.00 59.33  ? 375 TRP A CZ2 1 
ATOM   74   C CZ3 . TRP A 1 13  ? -1.690  -5.822  8.991   1.00 59.37  ? 375 TRP A CZ3 1 
ATOM   75   C CH2 . TRP A 1 13  ? -2.505  -6.265  10.041  1.00 58.00  ? 375 TRP A CH2 1 
ATOM   76   N N   . THR A 1 14  ? 5.427   -3.764  10.192  1.00 53.97  ? 376 THR A N   1 
ATOM   77   C CA  . THR A 1 14  ? 6.722   -3.642  9.538   1.00 51.91  ? 376 THR A CA  1 
ATOM   78   C C   . THR A 1 14  ? 7.547   -4.905  9.747   1.00 68.63  ? 376 THR A C   1 
ATOM   79   O O   . THR A 1 14  ? 7.497   -5.510  10.819  1.00 62.89  ? 376 THR A O   1 
ATOM   80   C CB  . THR A 1 14  ? 7.518   -2.434  10.062  1.00 63.46  ? 376 THR A CB  1 
ATOM   81   O OG1 . THR A 1 14  ? 7.486   -2.422  11.495  1.00 63.21  ? 376 THR A OG1 1 
ATOM   82   C CG2 . THR A 1 14  ? 6.936   -1.129  9.528   1.00 67.06  ? 376 THR A CG2 1 
ATOM   83   N N   . ARG A 1 15  ? 8.293   -5.306  8.719   1.00 72.40  ? 377 ARG A N   1 
ATOM   84   C CA  . ARG A 1 15  ? 9.221   -6.428  8.837   1.00 62.26  ? 377 ARG A CA  1 
ATOM   85   C C   . ARG A 1 15  ? 10.530  -6.130  8.097   1.00 65.65  ? 377 ARG A C   1 
ATOM   86   O O   . ARG A 1 15  ? 10.512  -5.517  7.029   1.00 84.03  ? 377 ARG A O   1 
ATOM   87   C CB  . ARG A 1 15  ? 8.586   -7.718  8.306   1.00 72.58  ? 377 ARG A CB  1 
ATOM   88   C CG  . ARG A 1 15  ? 8.502   -7.830  6.790   1.00 59.62  ? 377 ARG A CG  1 
ATOM   89   C CD  . ARG A 1 15  ? 7.921   -9.176  6.390   1.00 63.71  ? 377 ARG A CD  1 
ATOM   90   N NE  . ARG A 1 15  ? 7.897   -9.372  4.942   1.00 73.77  ? 377 ARG A NE  1 
ATOM   91   C CZ  . ARG A 1 15  ? 6.965   -8.881  4.133   1.00 58.92  ? 377 ARG A CZ  1 
ATOM   92   N NH1 . ARG A 1 15  ? 5.973   -8.146  4.617   1.00 79.76  ? 377 ARG A NH1 1 
ATOM   93   N NH2 . ARG A 1 15  ? 7.029   -9.120  2.831   1.00 65.45  ? 377 ARG A NH2 1 
ATOM   94   N N   . PRO A 1 16  ? 11.671  -6.559  8.668   1.00 69.48  ? 378 PRO A N   1 
ATOM   95   C CA  . PRO A 1 16  ? 12.994  -6.244  8.109   1.00 78.13  ? 378 PRO A CA  1 
ATOM   96   C C   . PRO A 1 16  ? 13.420  -7.088  6.905   1.00 64.88  ? 378 PRO A C   1 
ATOM   97   O O   . PRO A 1 16  ? 14.458  -6.796  6.311   1.00 64.98  ? 378 PRO A O   1 
ATOM   98   C CB  . PRO A 1 16  ? 13.933  -6.511  9.287   1.00 71.11  ? 378 PRO A CB  1 
ATOM   99   C CG  . PRO A 1 16  ? 13.237  -7.549  10.087  1.00 69.63  ? 378 PRO A CG  1 
ATOM   100  C CD  . PRO A 1 16  ? 11.781  -7.220  9.982   1.00 75.35  ? 378 PRO A CD  1 
ATOM   101  N N   . GLN A 1 17  ? 12.648  -8.108  6.550   1.00 63.72  ? 379 GLN A N   1 
ATOM   102  C CA  . GLN A 1 17  ? 13.024  -8.991  5.449   1.00 68.89  ? 379 GLN A CA  1 
ATOM   103  C C   . GLN A 1 17  ? 12.769  -8.288  4.121   1.00 72.01  ? 379 GLN A C   1 
ATOM   104  O O   . GLN A 1 17  ? 11.912  -8.703  3.339   1.00 82.88  ? 379 GLN A O   1 
ATOM   105  C CB  . GLN A 1 17  ? 12.248  -10.310 5.510   1.00 83.14  ? 379 GLN A CB  1 
ATOM   106  C CG  . GLN A 1 17  ? 12.563  -11.175 6.728   1.00 71.33  ? 379 GLN A CG  1 
ATOM   107  C CD  . GLN A 1 17  ? 11.999  -10.613 8.020   1.00 71.88  ? 379 GLN A CD  1 
ATOM   108  O OE1 . GLN A 1 17  ? 11.374  -9.552  8.032   1.00 78.80  ? 379 GLN A OE1 1 
ATOM   109  N NE2 . GLN A 1 17  ? 12.215  -11.327 9.117   1.00 73.21  ? 379 GLN A NE2 1 
ATOM   110  N N   . ILE A 1 18  ? 13.530  -7.227  3.876   1.00 62.35  ? 380 ILE A N   1 
ATOM   111  C CA  . ILE A 1 18  ? 13.269  -6.328  2.758   1.00 64.64  ? 380 ILE A CA  1 
ATOM   112  C C   . ILE A 1 18  ? 13.901  -6.798  1.449   1.00 76.16  ? 380 ILE A C   1 
ATOM   113  O O   . ILE A 1 18  ? 13.352  -6.565  0.372   1.00 82.37  ? 380 ILE A O   1 
ATOM   114  C CB  . ILE A 1 18  ? 13.769  -4.898  3.084   1.00 67.09  ? 380 ILE A CB  1 
ATOM   115  C CG1 . ILE A 1 18  ? 13.411  -3.930  1.955   1.00 75.62  ? 380 ILE A CG1 1 
ATOM   116  C CG2 . ILE A 1 18  ? 15.273  -4.888  3.333   1.00 66.09  ? 380 ILE A CG2 1 
ATOM   117  C CD1 . ILE A 1 18  ? 13.492  -2.468  2.363   1.00 74.93  ? 380 ILE A CD1 1 
ATOM   118  N N   . LYS A 1 19  ? 15.049  -7.461  1.540   1.00 85.70  ? 381 LYS A N   1 
ATOM   119  C CA  . LYS A 1 19  ? 15.749  -7.929  0.351   1.00 76.60  ? 381 LYS A CA  1 
ATOM   120  C C   . LYS A 1 19  ? 14.984  -9.064  -0.321  1.00 83.25  ? 381 LYS A C   1 
ATOM   121  O O   . LYS A 1 19  ? 14.827  -9.078  -1.543  1.00 84.83  ? 381 LYS A O   1 
ATOM   122  C CB  . LYS A 1 19  ? 17.163  -8.383  0.710   1.00 97.59  ? 381 LYS A CB  1 
ATOM   123  C CG  . LYS A 1 19  ? 18.041  -7.267  1.251   1.00 92.01  ? 381 LYS A CG  1 
ATOM   124  C CD  . LYS A 1 19  ? 19.453  -7.751  1.528   1.00 99.71  ? 381 LYS A CD  1 
ATOM   125  C CE  . LYS A 1 19  ? 20.333  -6.626  2.051   1.00 108.71 ? 381 LYS A CE  1 
ATOM   126  N NZ  . LYS A 1 19  ? 21.720  -7.087  2.339   1.00 117.86 ? 381 LYS A NZ  1 
ATOM   127  N N   . ASP A 1 20  ? 14.512  -10.010 0.484   1.00 84.52  ? 382 ASP A N   1 
ATOM   128  C CA  . ASP A 1 20  ? 13.731  -11.132 -0.028  1.00 91.21  ? 382 ASP A CA  1 
ATOM   129  C C   . ASP A 1 20  ? 12.463  -10.622 -0.700  1.00 84.36  ? 382 ASP A C   1 
ATOM   130  O O   . ASP A 1 20  ? 12.022  -11.163 -1.715  1.00 75.86  ? 382 ASP A O   1 
ATOM   131  C CB  . ASP A 1 20  ? 13.372  -12.105 1.098   1.00 93.90  ? 382 ASP A CB  1 
ATOM   132  C CG  . ASP A 1 20  ? 14.575  -12.515 1.925   1.00 95.86  ? 382 ASP A CG  1 
ATOM   133  O OD1 . ASP A 1 20  ? 15.288  -13.454 1.514   1.00 92.45  ? 382 ASP A OD1 1 
ATOM   134  O OD2 . ASP A 1 20  ? 14.804  -11.900 2.988   1.00 94.21  ? 382 ASP A OD2 1 
ATOM   135  N N   . PHE A 1 21  ? 11.886  -9.574  -0.122  1.00 90.32  ? 383 PHE A N   1 
ATOM   136  C CA  . PHE A 1 21  ? 10.674  -8.968  -0.654  1.00 80.06  ? 383 PHE A CA  1 
ATOM   137  C C   . PHE A 1 21  ? 10.914  -8.442  -2.064  1.00 81.89  ? 383 PHE A C   1 
ATOM   138  O O   . PHE A 1 21  ? 10.321  -8.938  -3.019  1.00 79.80  ? 383 PHE A O   1 
ATOM   139  C CB  . PHE A 1 21  ? 10.191  -7.841  0.263   1.00 70.46  ? 383 PHE A CB  1 
ATOM   140  C CG  . PHE A 1 21  ? 8.929   -7.175  -0.205  1.00 72.64  ? 383 PHE A CG  1 
ATOM   141  C CD1 . PHE A 1 21  ? 7.721   -7.851  -0.174  1.00 67.79  ? 383 PHE A CD1 1 
ATOM   142  C CD2 . PHE A 1 21  ? 8.948   -5.869  -0.667  1.00 73.44  ? 383 PHE A CD2 1 
ATOM   143  C CE1 . PHE A 1 21  ? 6.557   -7.241  -0.602  1.00 74.09  ? 383 PHE A CE1 1 
ATOM   144  C CE2 . PHE A 1 21  ? 7.787   -5.253  -1.095  1.00 80.59  ? 383 PHE A CE2 1 
ATOM   145  C CZ  . PHE A 1 21  ? 6.590   -5.939  -1.062  1.00 75.36  ? 383 PHE A CZ  1 
ATOM   146  N N   . LYS A 1 22  ? 11.794  -7.451  -2.182  1.00 87.17  ? 384 LYS A N   1 
ATOM   147  C CA  . LYS A 1 22  ? 12.118  -6.841  -3.471  1.00 90.01  ? 384 LYS A CA  1 
ATOM   148  C C   . LYS A 1 22  ? 12.450  -7.894  -4.522  1.00 91.20  ? 384 LYS A C   1 
ATOM   149  O O   . LYS A 1 22  ? 11.861  -7.914  -5.601  1.00 90.67  ? 384 LYS A O   1 
ATOM   150  C CB  . LYS A 1 22  ? 13.290  -5.868  -3.321  1.00 84.17  ? 384 LYS A CB  1 
ATOM   151  C CG  . LYS A 1 22  ? 12.972  -4.643  -2.481  1.00 73.72  ? 384 LYS A CG  1 
ATOM   152  C CD  . LYS A 1 22  ? 14.210  -3.798  -2.215  1.00 78.01  ? 384 LYS A CD  1 
ATOM   153  C CE  . LYS A 1 22  ? 13.885  -2.607  -1.324  1.00 82.38  ? 384 LYS A CE  1 
ATOM   154  N NZ  . LYS A 1 22  ? 15.104  -1.943  -0.778  1.00 74.59  ? 384 LYS A NZ  1 
ATOM   155  N N   . GLU A 1 23  ? 13.389  -8.774  -4.188  1.00 93.81  ? 385 GLU A N   1 
ATOM   156  C CA  . GLU A 1 23  ? 13.819  -9.837  -5.091  1.00 101.70 ? 385 GLU A CA  1 
ATOM   157  C C   . GLU A 1 23  ? 12.642  -10.675 -5.589  1.00 96.14  ? 385 GLU A C   1 
ATOM   158  O O   . GLU A 1 23  ? 12.638  -11.135 -6.732  1.00 99.16  ? 385 GLU A O   1 
ATOM   159  C CB  . GLU A 1 23  ? 14.847  -10.729 -4.389  1.00 98.86  ? 385 GLU A CB  1 
ATOM   160  C CG  . GLU A 1 23  ? 15.217  -11.992 -5.155  1.00 117.17 ? 385 GLU A CG  1 
ATOM   161  C CD  . GLU A 1 23  ? 16.420  -12.704 -4.563  1.00 119.50 ? 385 GLU A CD  1 
ATOM   162  O OE1 . GLU A 1 23  ? 17.374  -12.016 -4.139  1.00 109.86 ? 385 GLU A OE1 1 
ATOM   163  O OE2 . GLU A 1 23  ? 16.410  -13.953 -4.516  1.00 129.61 ? 385 GLU A OE2 1 
ATOM   164  N N   . LYS A 1 24  ? 11.645  -10.866 -4.732  1.00 87.68  ? 386 LYS A N   1 
ATOM   165  C CA  . LYS A 1 24  ? 10.445  -11.601 -5.111  1.00 89.89  ? 386 LYS A CA  1 
ATOM   166  C C   . LYS A 1 24  ? 9.530   -10.736 -5.975  1.00 91.65  ? 386 LYS A C   1 
ATOM   167  O O   . LYS A 1 24  ? 8.823   -11.245 -6.845  1.00 89.39  ? 386 LYS A O   1 
ATOM   168  C CB  . LYS A 1 24  ? 9.694   -12.084 -3.867  1.00 78.11  ? 386 LYS A CB  1 
ATOM   169  N N   . ILE A 1 25  ? 9.549   -9.428  -5.736  1.00 100.43 ? 387 ILE A N   1 
ATOM   170  C CA  . ILE A 1 25  ? 8.720   -8.495  -6.494  1.00 94.94  ? 387 ILE A CA  1 
ATOM   171  C C   . ILE A 1 25  ? 9.289   -8.283  -7.893  1.00 94.94  ? 387 ILE A C   1 
ATOM   172  O O   . ILE A 1 25  ? 8.559   -8.366  -8.881  1.00 93.62  ? 387 ILE A O   1 
ATOM   173  C CB  . ILE A 1 25  ? 8.602   -7.118  -5.788  1.00 98.16  ? 387 ILE A CB  1 
ATOM   174  C CG1 . ILE A 1 25  ? 7.958   -7.268  -4.404  1.00 93.35  ? 387 ILE A CG1 1 
ATOM   175  C CG2 . ILE A 1 25  ? 7.809   -6.127  -6.650  1.00 90.65  ? 387 ILE A CG2 1 
ATOM   176  C CD1 . ILE A 1 25  ? 6.455   -7.515  -4.405  1.00 96.61  ? 387 ILE A CD1 1 
ATOM   177  N N   . GLN A 1 26  ? 10.593  -8.014  -7.973  1.00 100.43 ? 388 GLN A N   1 
ATOM   178  C CA  . GLN A 1 26  ? 11.240  -7.682  -9.245  1.00 105.84 ? 388 GLN A CA  1 
ATOM   179  C C   . GLN A 1 26  ? 10.993  -8.743  -10.314 1.00 108.34 ? 388 GLN A C   1 
ATOM   180  O O   . GLN A 1 26  ? 11.198  -8.496  -11.503 1.00 106.42 ? 388 GLN A O   1 
ATOM   181  C CB  . GLN A 1 26  ? 12.749  -7.497  -9.056  1.00 100.27 ? 388 GLN A CB  1 
ATOM   182  C CG  . GLN A 1 26  ? 13.131  -6.318  -8.176  1.00 101.13 ? 388 GLN A CG  1 
ATOM   183  C CD  . GLN A 1 26  ? 14.593  -5.935  -8.315  1.00 105.16 ? 388 GLN A CD  1 
ATOM   184  O OE1 . GLN A 1 26  ? 15.038  -5.525  -9.385  1.00 118.42 ? 388 GLN A OE1 1 
ATOM   185  N NE2 . GLN A 1 26  ? 15.347  -6.071  -7.231  1.00 126.79 ? 388 GLN A NE2 1 
ATOM   186  N N   . GLN A 1 27  ? 10.539  -9.917  -9.887  1.00 106.27 ? 389 GLN A N   1 
ATOM   187  C CA  . GLN A 1 27  ? 10.184  -10.989 -10.806 1.00 100.76 ? 389 GLN A CA  1 
ATOM   188  C C   . GLN A 1 27  ? 8.837   -10.713 -11.478 1.00 109.06 ? 389 GLN A C   1 
ATOM   189  O O   . GLN A 1 27  ? 8.259   -11.587 -12.124 1.00 105.30 ? 389 GLN A O   1 
ATOM   190  C CB  . GLN A 1 27  ? 10.170  -12.324 -10.062 1.00 111.11 ? 389 GLN A CB  1 
ATOM   191  C CG  . GLN A 1 27  ? 11.572  -12.871 -9.824  1.00 118.66 ? 389 GLN A CG  1 
ATOM   192  C CD  . GLN A 1 27  ? 11.624  -13.967 -8.779  1.00 132.77 ? 389 GLN A CD  1 
ATOM   193  O OE1 . GLN A 1 27  ? 10.601  -14.369 -8.226  1.00 153.77 ? 389 GLN A OE1 1 
ATOM   194  N NE2 . GLN A 1 27  ? 12.828  -14.455 -8.502  1.00 131.69 ? 389 GLN A NE2 1 
ATOM   195  N N   . ASP A 1 28  ? 8.343   -9.490  -11.303 1.00 111.96 ? 390 ASP A N   1 
ATOM   196  C CA  . ASP A 1 28  ? 7.259   -8.957  -12.120 1.00 113.41 ? 390 ASP A CA  1 
ATOM   197  C C   . ASP A 1 28  ? 7.499   -7.463  -12.327 1.00 115.81 ? 390 ASP A C   1 
ATOM   198  O O   . ASP A 1 28  ? 7.959   -6.769  -11.419 1.00 107.98 ? 390 ASP A O   1 
ATOM   199  C CB  . ASP A 1 28  ? 5.899   -9.203  -11.466 1.00 110.03 ? 390 ASP A CB  1 
ATOM   200  C CG  . ASP A 1 28  ? 4.738   -8.922  -12.406 1.00 123.39 ? 390 ASP A CG  1 
ATOM   201  O OD1 . ASP A 1 28  ? 4.774   -7.902  -13.127 1.00 125.63 ? 390 ASP A OD1 1 
ATOM   202  O OD2 . ASP A 1 28  ? 3.785   -9.727  -12.428 1.00 144.31 ? 390 ASP A OD2 1 
ATOM   203  N N   . ALA A 1 29  ? 7.189   -6.973  -13.525 1.00 123.36 ? 391 ALA A N   1 
ATOM   204  C CA  . ALA A 1 29  ? 7.413   -5.570  -13.860 1.00 124.65 ? 391 ALA A CA  1 
ATOM   205  C C   . ALA A 1 29  ? 6.245   -4.700  -13.408 1.00 125.39 ? 391 ALA A C   1 
ATOM   206  O O   . ALA A 1 29  ? 6.426   -3.529  -13.069 1.00 121.67 ? 391 ALA A O   1 
ATOM   207  C CB  . ALA A 1 29  ? 7.635   -5.414  -15.356 1.00 120.70 ? 391 ALA A CB  1 
ATOM   208  N N   . ASP A 1 30  ? 5.049   -5.278  -13.400 1.00 130.54 ? 392 ASP A N   1 
ATOM   209  C CA  . ASP A 1 30  ? 3.841   -4.544  -13.033 1.00 135.93 ? 392 ASP A CA  1 
ATOM   210  C C   . ASP A 1 30  ? 3.741   -4.302  -11.528 1.00 123.20 ? 392 ASP A C   1 
ATOM   211  O O   . ASP A 1 30  ? 2.742   -3.764  -11.049 1.00 137.21 ? 392 ASP A O   1 
ATOM   212  C CB  . ASP A 1 30  ? 2.600   -5.298  -13.516 1.00 147.02 ? 392 ASP A CB  1 
ATOM   213  N N   . SER A 1 31  ? 4.775   -4.700  -10.791 1.00 114.67 ? 393 SER A N   1 
ATOM   214  C CA  . SER A 1 31  ? 4.794   -4.548  -9.340  1.00 111.09 ? 393 SER A CA  1 
ATOM   215  C C   . SER A 1 31  ? 5.796   -3.484  -8.883  1.00 94.62  ? 393 SER A C   1 
ATOM   216  O O   . SER A 1 31  ? 5.960   -3.259  -7.683  1.00 81.02  ? 393 SER A O   1 
ATOM   217  C CB  . SER A 1 31  ? 5.123   -5.885  -8.675  1.00 106.57 ? 393 SER A CB  1 
ATOM   218  O OG  . SER A 1 31  ? 4.201   -6.889  -9.061  1.00 107.74 ? 393 SER A OG  1 
ATOM   219  N N   . VAL A 1 32  ? 6.459   -2.836  -9.838  1.00 91.71  ? 394 VAL A N   1 
ATOM   220  C CA  . VAL A 1 32  ? 7.442   -1.798  -9.526  1.00 86.32  ? 394 VAL A CA  1 
ATOM   221  C C   . VAL A 1 32  ? 7.022   -0.452  -10.110 1.00 85.75  ? 394 VAL A C   1 
ATOM   222  O O   . VAL A 1 32  ? 6.587   -0.371  -11.259 1.00 100.00 ? 394 VAL A O   1 
ATOM   223  C CB  . VAL A 1 32  ? 8.846   -2.165  -10.057 1.00 85.82  ? 394 VAL A CB  1 
ATOM   224  C CG1 . VAL A 1 32  ? 9.869   -1.098  -9.666  1.00 84.50  ? 394 VAL A CG1 1 
ATOM   225  C CG2 . VAL A 1 32  ? 9.274   -3.520  -9.524  1.00 91.16  ? 394 VAL A CG2 1 
ATOM   226  N N   . ILE A 1 33  ? 7.163   0.597   -9.303  1.00 79.50  ? 395 ILE A N   1 
ATOM   227  C CA  . ILE A 1 33  ? 6.843   1.961   -9.716  1.00 71.69  ? 395 ILE A CA  1 
ATOM   228  C C   . ILE A 1 33  ? 8.043   2.874   -9.501  1.00 72.72  ? 395 ILE A C   1 
ATOM   229  O O   . ILE A 1 33  ? 8.784   2.722   -8.527  1.00 78.20  ? 395 ILE A O   1 
ATOM   230  C CB  . ILE A 1 33  ? 5.632   2.525   -8.936  1.00 67.21  ? 395 ILE A CB  1 
ATOM   231  C CG1 . ILE A 1 33  ? 4.391   1.669   -9.189  1.00 88.80  ? 395 ILE A CG1 1 
ATOM   232  C CG2 . ILE A 1 33  ? 5.353   3.977   -9.333  1.00 72.77  ? 395 ILE A CG2 1 
ATOM   233  C CD1 . ILE A 1 33  ? 3.214   2.008   -8.291  1.00 80.24  ? 395 ILE A CD1 1 
ATOM   234  N N   . THR A 1 34  ? 8.224   3.824   -10.413 1.00 71.58  ? 396 THR A N   1 
ATOM   235  C CA  . THR A 1 34  ? 9.267   4.834   -10.287 1.00 71.26  ? 396 THR A CA  1 
ATOM   236  C C   . THR A 1 34  ? 8.639   6.209   -10.078 1.00 67.37  ? 396 THR A C   1 
ATOM   237  O O   . THR A 1 34  ? 8.432   6.959   -11.032 1.00 73.53  ? 396 THR A O   1 
ATOM   238  C CB  . THR A 1 34  ? 10.175  4.870   -11.529 1.00 67.07  ? 396 THR A CB  1 
ATOM   239  O OG1 . THR A 1 34  ? 10.683  3.557   -11.789 1.00 71.64  ? 396 THR A OG1 1 
ATOM   240  C CG2 . THR A 1 34  ? 11.338  5.832   -11.320 1.00 70.05  ? 396 THR A CG2 1 
ATOM   241  N N   . VAL A 1 35  ? 8.331   6.531   -8.827  1.00 66.04  ? 397 VAL A N   1 
ATOM   242  C CA  . VAL A 1 35  ? 7.768   7.834   -8.500  1.00 59.33  ? 397 VAL A CA  1 
ATOM   243  C C   . VAL A 1 35  ? 8.830   8.899   -8.728  1.00 67.31  ? 397 VAL A C   1 
ATOM   244  O O   . VAL A 1 35  ? 9.943   8.801   -8.211  1.00 68.43  ? 397 VAL A O   1 
ATOM   245  C CB  . VAL A 1 35  ? 7.263   7.898   -7.045  1.00 62.29  ? 397 VAL A CB  1 
ATOM   246  C CG1 . VAL A 1 35  ? 6.647   9.261   -6.748  1.00 68.96  ? 397 VAL A CG1 1 
ATOM   247  C CG2 . VAL A 1 35  ? 6.246   6.797   -6.786  1.00 62.95  ? 397 VAL A CG2 1 
ATOM   248  N N   . GLY A 1 36  ? 8.479   9.912   -9.511  1.00 67.86  ? 398 GLY A N   1 
ATOM   249  C CA  . GLY A 1 36  ? 9.418   10.950  -9.884  1.00 64.12  ? 398 GLY A CA  1 
ATOM   250  C C   . GLY A 1 36  ? 9.507   12.066  -8.863  1.00 72.64  ? 398 GLY A C   1 
ATOM   251  O O   . GLY A 1 36  ? 8.762   12.098  -7.883  1.00 64.10  ? 398 GLY A O   1 
ATOM   252  N N   . ARG A 1 37  ? 10.432  12.988  -9.105  1.00 62.92  ? 399 ARG A N   1 
ATOM   253  C CA  . ARG A 1 37  ? 10.636  14.129  -8.226  1.00 63.01  ? 399 ARG A CA  1 
ATOM   254  C C   . ARG A 1 37  ? 9.413   15.039  -8.247  1.00 53.58  ? 399 ARG A C   1 
ATOM   255  O O   . ARG A 1 37  ? 8.967   15.469  -9.308  1.00 68.77  ? 399 ARG A O   1 
ATOM   256  C CB  . ARG A 1 37  ? 11.886  14.908  -8.649  1.00 80.96  ? 399 ARG A CB  1 
ATOM   257  C CG  . ARG A 1 37  ? 13.134  14.044  -8.799  1.00 83.70  ? 399 ARG A CG  1 
ATOM   258  C CD  . ARG A 1 37  ? 14.304  14.832  -9.372  1.00 84.94  ? 399 ARG A CD  1 
ATOM   259  N NE  . ARG A 1 37  ? 14.036  15.326  -10.721 1.00 101.79 ? 399 ARG A NE  1 
ATOM   260  C CZ  . ARG A 1 37  ? 14.226  14.623  -11.835 1.00 119.88 ? 399 ARG A CZ  1 
ATOM   261  N NH1 . ARG A 1 37  ? 14.683  13.377  -11.780 1.00 121.63 ? 399 ARG A NH1 1 
ATOM   262  N NH2 . ARG A 1 37  ? 13.953  15.166  -13.013 1.00 140.68 ? 399 ARG A NH2 1 
ATOM   263  N N   . GLY A 1 38  ? 8.867   15.319  -7.068  1.00 70.14  ? 400 GLY A N   1 
ATOM   264  C CA  . GLY A 1 38  ? 7.705   16.183  -6.952  1.00 71.21  ? 400 GLY A CA  1 
ATOM   265  C C   . GLY A 1 38  ? 6.410   15.532  -7.410  1.00 66.53  ? 400 GLY A C   1 
ATOM   266  O O   . GLY A 1 38  ? 5.366   16.185  -7.447  1.00 67.58  ? 400 GLY A O   1 
ATOM   267  N N   . GLU A 1 39  ? 6.475   14.248  -7.752  1.00 65.56  ? 401 GLU A N   1 
ATOM   268  C CA  . GLU A 1 39  ? 5.318   13.534  -8.287  1.00 77.62  ? 401 GLU A CA  1 
ATOM   269  C C   . GLU A 1 39  ? 4.567   12.770  -7.199  1.00 73.28  ? 401 GLU A C   1 
ATOM   270  O O   . GLU A 1 39  ? 5.151   12.365  -6.194  1.00 70.90  ? 401 GLU A O   1 
ATOM   271  C CB  . GLU A 1 39  ? 5.757   12.563  -9.389  1.00 65.37  ? 401 GLU A CB  1 
ATOM   272  C CG  . GLU A 1 39  ? 4.622   11.726  -9.973  1.00 73.15  ? 401 GLU A CG  1 
ATOM   273  C CD  . GLU A 1 39  ? 5.080   10.820  -11.099 1.00 83.74  ? 401 GLU A CD  1 
ATOM   274  O OE1 . GLU A 1 39  ? 4.377   10.751  -12.130 1.00 82.08  ? 401 GLU A OE1 1 
ATOM   275  O OE2 . GLU A 1 39  ? 6.136   10.168  -10.951 1.00 77.38  ? 401 GLU A OE2 1 
ATOM   276  N N   . VAL A 1 40  ? 3.266   12.586  -7.414  1.00 69.85  ? 402 VAL A N   1 
ATOM   277  C CA  . VAL A 1 40  ? 2.452   11.718  -6.572  1.00 64.33  ? 402 VAL A CA  1 
ATOM   278  C C   . VAL A 1 40  ? 1.727   10.702  -7.447  1.00 57.34  ? 402 VAL A C   1 
ATOM   279  O O   . VAL A 1 40  ? 0.999   11.073  -8.367  1.00 64.80  ? 402 VAL A O   1 
ATOM   280  C CB  . VAL A 1 40  ? 1.420   12.512  -5.745  1.00 69.17  ? 402 VAL A CB  1 
ATOM   281  C CG1 . VAL A 1 40  ? 0.637   11.576  -4.828  1.00 61.03  ? 402 VAL A CG1 1 
ATOM   282  C CG2 . VAL A 1 40  ? 2.112   13.592  -4.929  1.00 69.95  ? 402 VAL A CG2 1 
ATOM   283  N N   . VAL A 1 41  ? 1.937   9.423   -7.153  1.00 63.82  ? 403 VAL A N   1 
ATOM   284  C CA  . VAL A 1 41  ? 1.295   8.342   -7.893  1.00 71.49  ? 403 VAL A CA  1 
ATOM   285  C C   . VAL A 1 41  ? 0.187   7.711   -7.060  1.00 59.41  ? 403 VAL A C   1 
ATOM   286  O O   . VAL A 1 41  ? 0.406   7.324   -5.911  1.00 70.25  ? 403 VAL A O   1 
ATOM   287  C CB  . VAL A 1 41  ? 2.310   7.253   -8.299  1.00 68.42  ? 403 VAL A CB  1 
ATOM   288  C CG1 . VAL A 1 41  ? 1.633   6.174   -9.136  1.00 71.12  ? 403 VAL A CG1 1 
ATOM   289  C CG2 . VAL A 1 41  ? 3.467   7.867   -9.067  1.00 66.10  ? 403 VAL A CG2 1 
ATOM   290  N N   . THR A 1 42  ? -1.002  7.613   -7.650  1.00 68.77  ? 404 THR A N   1 
ATOM   291  C CA  . THR A 1 42  ? -2.136  6.961   -7.009  1.00 63.30  ? 404 THR A CA  1 
ATOM   292  C C   . THR A 1 42  ? -2.409  5.619   -7.673  1.00 59.07  ? 404 THR A C   1 
ATOM   293  O O   . THR A 1 42  ? -2.639  5.550   -8.878  1.00 65.79  ? 404 THR A O   1 
ATOM   294  C CB  . THR A 1 42  ? -3.409  7.827   -7.078  1.00 58.40  ? 404 THR A CB  1 
ATOM   295  O OG1 . THR A 1 42  ? -3.154  9.108   -6.489  1.00 58.83  ? 404 THR A OG1 1 
ATOM   296  C CG2 . THR A 1 42  ? -4.567  7.155   -6.343  1.00 62.75  ? 404 THR A CG2 1 
ATOM   297  N N   . VAL A 1 43  ? -2.378  4.556   -6.877  1.00 58.15  ? 405 VAL A N   1 
ATOM   298  C CA  . VAL A 1 43  ? -2.740  3.233   -7.361  1.00 56.89  ? 405 VAL A CA  1 
ATOM   299  C C   . VAL A 1 43  ? -4.185  2.939   -6.978  1.00 60.62  ? 405 VAL A C   1 
ATOM   300  O O   . VAL A 1 43  ? -4.529  2.898   -5.797  1.00 62.04  ? 405 VAL A O   1 
ATOM   301  C CB  . VAL A 1 43  ? -1.819  2.140   -6.795  1.00 58.27  ? 405 VAL A CB  1 
ATOM   302  C CG1 . VAL A 1 43  ? -2.113  0.807   -7.463  1.00 73.63  ? 405 VAL A CG1 1 
ATOM   303  C CG2 . VAL A 1 43  ? -0.362  2.521   -6.994  1.00 65.69  ? 405 VAL A CG2 1 
ATOM   304  N N   . ARG A 1 44  ? -5.028  2.748   -7.985  1.00 71.35  ? 406 ARG A N   1 
ATOM   305  C CA  . ARG A 1 44  ? -6.427  2.418   -7.760  1.00 75.88  ? 406 ARG A CA  1 
ATOM   306  C C   . ARG A 1 44  ? -6.590  0.907   -7.626  1.00 66.82  ? 406 ARG A C   1 
ATOM   307  O O   . ARG A 1 44  ? -6.164  0.149   -8.498  1.00 64.46  ? 406 ARG A O   1 
ATOM   308  C CB  . ARG A 1 44  ? -7.291  2.962   -8.898  1.00 62.32  ? 406 ARG A CB  1 
ATOM   309  C CG  . ARG A 1 44  ? -7.170  4.469   -9.083  1.00 67.08  ? 406 ARG A CG  1 
ATOM   310  C CD  . ARG A 1 44  ? -8.044  4.971   -10.222 1.00 69.48  ? 406 ARG A CD  1 
ATOM   311  N NE  . ARG A 1 44  ? -9.446  4.607   -10.035 1.00 62.98  ? 406 ARG A NE  1 
ATOM   312  C CZ  . ARG A 1 44  ? -10.320 5.309   -9.322  1.00 62.88  ? 406 ARG A CZ  1 
ATOM   313  N NH1 . ARG A 1 44  ? -9.953  6.432   -8.713  1.00 63.06  ? 406 ARG A NH1 1 
ATOM   314  N NH2 . ARG A 1 44  ? -11.571 4.886   -9.214  1.00 61.56  ? 406 ARG A NH2 1 
ATOM   315  N N   . VAL A 1 45  ? -7.193  0.481   -6.520  1.00 64.41  ? 407 VAL A N   1 
ATOM   316  C CA  . VAL A 1 45  ? -7.380  -0.938  -6.232  1.00 68.88  ? 407 VAL A CA  1 
ATOM   317  C C   . VAL A 1 45  ? -8.851  -1.221  -5.940  1.00 74.26  ? 407 VAL A C   1 
ATOM   318  O O   . VAL A 1 45  ? -9.308  -1.029  -4.813  1.00 62.23  ? 407 VAL A O   1 
ATOM   319  C CB  . VAL A 1 45  ? -6.522  -1.391  -5.034  1.00 68.35  ? 407 VAL A CB  1 
ATOM   320  C CG1 . VAL A 1 45  ? -6.626  -2.897  -4.833  1.00 69.91  ? 407 VAL A CG1 1 
ATOM   321  C CG2 . VAL A 1 45  ? -5.075  -0.989  -5.243  1.00 79.54  ? 407 VAL A CG2 1 
ATOM   322  N N   . PRO A 1 46  ? -9.601  -1.671  -6.959  1.00 88.21  ? 408 PRO A N   1 
ATOM   323  C CA  . PRO A 1 46  ? -11.026 -1.958  -6.768  1.00 73.66  ? 408 PRO A CA  1 
ATOM   324  C C   . PRO A 1 46  ? -11.277 -3.087  -5.777  1.00 67.97  ? 408 PRO A C   1 
ATOM   325  O O   . PRO A 1 46  ? -10.524 -4.062  -5.742  1.00 69.63  ? 408 PRO A O   1 
ATOM   326  C CB  . PRO A 1 46  ? -11.499 -2.364  -8.168  1.00 79.59  ? 408 PRO A CB  1 
ATOM   327  C CG  . PRO A 1 46  ? -10.479 -1.826  -9.101  1.00 77.82  ? 408 PRO A CG  1 
ATOM   328  C CD  . PRO A 1 46  ? -9.187  -1.875  -8.358  1.00 71.35  ? 408 PRO A CD  1 
ATOM   329  N N   . THR A 1 47  ? -12.330 -2.949  -4.979  1.00 69.72  ? 409 THR A N   1 
ATOM   330  C CA  . THR A 1 47  ? -12.760 -4.018  -4.091  1.00 70.44  ? 409 THR A CA  1 
ATOM   331  C C   . THR A 1 47  ? -13.187 -5.224  -4.913  1.00 71.95  ? 409 THR A C   1 
ATOM   332  O O   . THR A 1 47  ? -13.968 -5.095  -5.856  1.00 76.53  ? 409 THR A O   1 
ATOM   333  C CB  . THR A 1 47  ? -13.929 -3.575  -3.193  1.00 76.27  ? 409 THR A CB  1 
ATOM   334  O OG1 . THR A 1 47  ? -15.008 -3.098  -4.008  1.00 68.78  ? 409 THR A OG1 1 
ATOM   335  C CG2 . THR A 1 47  ? -13.488 -2.474  -2.245  1.00 80.67  ? 409 THR A CG2 1 
ATOM   336  N N   . HIS A 1 48  ? -12.668 -6.394  -4.560  1.00 75.94  ? 410 HIS A N   1 
ATOM   337  C CA  . HIS A 1 48  ? -13.058 -7.624  -5.232  1.00 83.43  ? 410 HIS A CA  1 
ATOM   338  C C   . HIS A 1 48  ? -14.497 -7.963  -4.858  1.00 83.98  ? 410 HIS A C   1 
ATOM   339  O O   . HIS A 1 48  ? -14.906 -7.780  -3.711  1.00 88.54  ? 410 HIS A O   1 
ATOM   340  C CB  . HIS A 1 48  ? -12.118 -8.770  -4.858  1.00 89.41  ? 410 HIS A CB  1 
ATOM   341  C CG  . HIS A 1 48  ? -12.177 -9.930  -5.800  1.00 89.23  ? 410 HIS A CG  1 
ATOM   342  N ND1 . HIS A 1 48  ? -13.020 -11.004 -5.609  1.00 90.17  ? 410 HIS A ND1 1 
ATOM   343  C CD2 . HIS A 1 48  ? -11.496 -10.187 -6.943  1.00 87.29  ? 410 HIS A CD2 1 
ATOM   344  C CE1 . HIS A 1 48  ? -12.857 -11.870 -6.592  1.00 97.84  ? 410 HIS A CE1 1 
ATOM   345  N NE2 . HIS A 1 48  ? -11.938 -11.398 -7.415  1.00 96.82  ? 410 HIS A NE2 1 
ATOM   346  N N   . GLU A 1 49  ? -15.262 -8.447  -5.831  1.00 91.76  ? 411 GLU A N   1 
ATOM   347  C CA  . GLU A 1 49  ? -16.674 -8.748  -5.619  1.00 91.47  ? 411 GLU A CA  1 
ATOM   348  C C   . GLU A 1 49  ? -16.873 -9.799  -4.529  1.00 82.92  ? 411 GLU A C   1 
ATOM   349  O O   . GLU A 1 49  ? -17.897 -9.807  -3.847  1.00 94.64  ? 411 GLU A O   1 
ATOM   350  C CB  . GLU A 1 49  ? -17.317 -9.225  -6.922  1.00 79.74  ? 411 GLU A CB  1 
ATOM   351  N N   . GLU A 1 50  ? -15.884 -10.675 -4.370  1.00 90.37  ? 412 GLU A N   1 
ATOM   352  C CA  . GLU A 1 50  ? -15.951 -11.763 -3.398  1.00 90.68  ? 412 GLU A CA  1 
ATOM   353  C C   . GLU A 1 50  ? -14.921 -11.598 -2.282  1.00 93.35  ? 412 GLU A C   1 
ATOM   354  O O   . GLU A 1 50  ? -14.498 -12.583 -1.674  1.00 105.46 ? 412 GLU A O   1 
ATOM   355  C CB  . GLU A 1 50  ? -15.739 -13.108 -4.097  1.00 76.47  ? 412 GLU A CB  1 
ATOM   356  N N   . GLY A 1 51  ? -14.530 -10.355 -2.013  1.00 93.79  ? 413 GLY A N   1 
ATOM   357  C CA  . GLY A 1 51  ? -13.519 -10.065 -1.009  1.00 90.61  ? 413 GLY A CA  1 
ATOM   358  C C   . GLY A 1 51  ? -14.089 -9.404  0.233   1.00 89.41  ? 413 GLY A C   1 
ATOM   359  O O   . GLY A 1 51  ? -15.205 -8.882  0.204   1.00 83.11  ? 413 GLY A O   1 
ATOM   360  N N   . SER A 1 52  ? -13.322 -9.430  1.322   1.00 86.50  ? 414 SER A N   1 
ATOM   361  C CA  . SER A 1 52  ? -13.749 -8.838  2.590   1.00 86.70  ? 414 SER A CA  1 
ATOM   362  C C   . SER A 1 52  ? -12.722 -7.854  3.157   1.00 77.71  ? 414 SER A C   1 
ATOM   363  O O   . SER A 1 52  ? -13.090 -6.877  3.812   1.00 75.93  ? 414 SER A O   1 
ATOM   364  C CB  . SER A 1 52  ? -14.026 -9.939  3.618   1.00 76.98  ? 414 SER A CB  1 
ATOM   365  O OG  . SER A 1 52  ? -12.860 -10.704 3.875   1.00 92.61  ? 414 SER A OG  1 
ATOM   366  N N   . TYR A 1 53  ? -11.440 -8.122  2.914   1.00 74.58  ? 415 TYR A N   1 
ATOM   367  C CA  . TYR A 1 53  ? -10.356 -7.265  3.399   1.00 71.85  ? 415 TYR A CA  1 
ATOM   368  C C   . TYR A 1 53  ? -9.424  -6.835  2.277   1.00 70.63  ? 415 TYR A C   1 
ATOM   369  O O   . TYR A 1 53  ? -9.264  -7.547  1.288   1.00 67.39  ? 415 TYR A O   1 
ATOM   370  C CB  . TYR A 1 53  ? -9.524  -7.985  4.465   1.00 77.82  ? 415 TYR A CB  1 
ATOM   371  C CG  . TYR A 1 53  ? -10.077 -7.924  5.866   1.00 75.61  ? 415 TYR A CG  1 
ATOM   372  C CD1 . TYR A 1 53  ? -11.071 -8.798  6.282   1.00 73.42  ? 415 TYR A CD1 1 
ATOM   373  C CD2 . TYR A 1 53  ? -9.587  -7.003  6.781   1.00 73.45  ? 415 TYR A CD2 1 
ATOM   374  C CE1 . TYR A 1 53  ? -11.572 -8.747  7.567   1.00 74.96  ? 415 TYR A CE1 1 
ATOM   375  C CE2 . TYR A 1 53  ? -10.078 -6.945  8.066   1.00 72.32  ? 415 TYR A CE2 1 
ATOM   376  C CZ  . TYR A 1 53  ? -11.071 -7.819  8.457   1.00 89.16  ? 415 TYR A CZ  1 
ATOM   377  O OH  . TYR A 1 53  ? -11.565 -7.765  9.740   1.00 85.06  ? 415 TYR A OH  1 
ATOM   378  N N   . LEU A 1 54  ? -8.810  -5.667  2.446   1.00 73.34  ? 416 LEU A N   1 
ATOM   379  C CA  . LEU A 1 54  ? -7.664  -5.274  1.637   1.00 66.16  ? 416 LEU A CA  1 
ATOM   380  C C   . LEU A 1 54  ? -6.400  -5.596  2.416   1.00 63.06  ? 416 LEU A C   1 
ATOM   381  O O   . LEU A 1 54  ? -6.373  -5.480  3.640   1.00 66.40  ? 416 LEU A O   1 
ATOM   382  C CB  . LEU A 1 54  ? -7.700  -3.782  1.289   1.00 62.29  ? 416 LEU A CB  1 
ATOM   383  C CG  . LEU A 1 54  ? -6.454  -3.251  0.566   1.00 69.47  ? 416 LEU A CG  1 
ATOM   384  C CD1 . LEU A 1 54  ? -6.355  -3.823  -0.841  1.00 58.48  ? 416 LEU A CD1 1 
ATOM   385  C CD2 . LEU A 1 54  ? -6.443  -1.734  0.523   1.00 70.31  ? 416 LEU A CD2 1 
ATOM   386  N N   . PHE A 1 55  ? -5.360  -6.006  1.700   1.00 55.80  ? 417 PHE A N   1 
ATOM   387  C CA  . PHE A 1 55  ? -4.044  -6.184  2.294   1.00 55.19  ? 417 PHE A CA  1 
ATOM   388  C C   . PHE A 1 55  ? -3.016  -5.611  1.334   1.00 58.97  ? 417 PHE A C   1 
ATOM   389  O O   . PHE A 1 55  ? -3.168  -5.728  0.119   1.00 60.13  ? 417 PHE A O   1 
ATOM   390  C CB  . PHE A 1 55  ? -3.759  -7.658  2.583   1.00 56.20  ? 417 PHE A CB  1 
ATOM   391  C CG  . PHE A 1 55  ? -2.622  -7.878  3.539   1.00 55.20  ? 417 PHE A CG  1 
ATOM   392  C CD1 . PHE A 1 55  ? -2.843  -7.885  4.907   1.00 66.33  ? 417 PHE A CD1 1 
ATOM   393  C CD2 . PHE A 1 55  ? -1.334  -8.074  3.073   1.00 54.17  ? 417 PHE A CD2 1 
ATOM   394  C CE1 . PHE A 1 55  ? -1.800  -8.085  5.790   1.00 60.96  ? 417 PHE A CE1 1 
ATOM   395  C CE2 . PHE A 1 55  ? -0.287  -8.274  3.952   1.00 53.31  ? 417 PHE A CE2 1 
ATOM   396  C CZ  . PHE A 1 55  ? -0.522  -8.280  5.313   1.00 50.99  ? 417 PHE A CZ  1 
ATOM   397  N N   . TRP A 1 56  ? -1.980  -4.982  1.879   1.00 64.27  ? 418 TRP A N   1 
ATOM   398  C CA  . TRP A 1 56  ? -0.972  -4.345  1.045   1.00 59.53  ? 418 TRP A CA  1 
ATOM   399  C C   . TRP A 1 56  ? 0.427   -4.488  1.631   1.00 63.41  ? 418 TRP A C   1 
ATOM   400  O O   . TRP A 1 56  ? 0.594   -4.614  2.842   1.00 63.65  ? 418 TRP A O   1 
ATOM   401  C CB  . TRP A 1 56  ? -1.313  -2.864  0.842   1.00 50.35  ? 418 TRP A CB  1 
ATOM   402  C CG  . TRP A 1 56  ? -1.190  -2.003  2.073   1.00 51.37  ? 418 TRP A CG  1 
ATOM   403  C CD1 . TRP A 1 56  ? -0.041  -1.497  2.608   1.00 54.89  ? 418 TRP A CD1 1 
ATOM   404  C CD2 . TRP A 1 56  ? -2.259  -1.525  2.901   1.00 51.37  ? 418 TRP A CD2 1 
ATOM   405  N NE1 . TRP A 1 56  ? -0.325  -0.746  3.721   1.00 51.64  ? 418 TRP A NE1 1 
ATOM   406  C CE2 . TRP A 1 56  ? -1.680  -0.745  3.922   1.00 54.59  ? 418 TRP A CE2 1 
ATOM   407  C CE3 . TRP A 1 56  ? -3.648  -1.682  2.880   1.00 54.71  ? 418 TRP A CE3 1 
ATOM   408  C CZ2 . TRP A 1 56  ? -2.440  -0.129  4.915   1.00 51.45  ? 418 TRP A CZ2 1 
ATOM   409  C CZ3 . TRP A 1 56  ? -4.401  -1.068  3.869   1.00 54.38  ? 418 TRP A CZ3 1 
ATOM   410  C CH2 . TRP A 1 56  ? -3.795  -0.303  4.871   1.00 47.90  ? 418 TRP A CH2 1 
ATOM   411  N N   . GLU A 1 57  ? 1.416   -4.492  0.741   1.00 64.34  ? 419 GLU A N   1 
ATOM   412  C CA  . GLU A 1 57  ? 2.827   -4.449  1.112   1.00 63.45  ? 419 GLU A CA  1 
ATOM   413  C C   . GLU A 1 57  ? 3.526   -3.394  0.262   1.00 69.56  ? 419 GLU A C   1 
ATOM   414  O O   . GLU A 1 57  ? 3.144   -3.177  -0.887  1.00 68.14  ? 419 GLU A O   1 
ATOM   415  C CB  . GLU A 1 57  ? 3.498   -5.805  0.897   1.00 61.08  ? 419 GLU A CB  1 
ATOM   416  C CG  . GLU A 1 57  ? 3.030   -6.915  1.812   1.00 72.77  ? 419 GLU A CG  1 
ATOM   417  C CD  . GLU A 1 57  ? 3.725   -8.227  1.504   1.00 71.62  ? 419 GLU A CD  1 
ATOM   418  O OE1 . GLU A 1 57  ? 3.493   -8.779  0.406   1.00 74.43  ? 419 GLU A OE1 1 
ATOM   419  O OE2 . GLU A 1 57  ? 4.512   -8.698  2.349   1.00 68.16  ? 419 GLU A OE2 1 
ATOM   420  N N   . PHE A 1 58  ? 4.545   -2.737  0.809   1.00 54.44  ? 420 PHE A N   1 
ATOM   421  C CA  . PHE A 1 58  ? 5.360   -1.836  -0.001  1.00 67.04  ? 420 PHE A CA  1 
ATOM   422  C C   . PHE A 1 58  ? 6.709   -1.519  0.640   1.00 59.35  ? 420 PHE A C   1 
ATOM   423  O O   . PHE A 1 58  ? 6.873   -1.604  1.858   1.00 62.46  ? 420 PHE A O   1 
ATOM   424  C CB  . PHE A 1 58  ? 4.601   -0.533  -0.291  1.00 51.47  ? 420 PHE A CB  1 
ATOM   425  C CG  . PHE A 1 58  ? 4.398   0.345   0.913   1.00 48.28  ? 420 PHE A CG  1 
ATOM   426  C CD1 . PHE A 1 58  ? 3.264   0.221   1.696   1.00 62.61  ? 420 PHE A CD1 1 
ATOM   427  C CD2 . PHE A 1 58  ? 5.333   1.309   1.248   1.00 47.85  ? 420 PHE A CD2 1 
ATOM   428  C CE1 . PHE A 1 58  ? 3.071   1.033   2.798   1.00 54.18  ? 420 PHE A CE1 1 
ATOM   429  C CE2 . PHE A 1 58  ? 5.147   2.122   2.348   1.00 57.35  ? 420 PHE A CE2 1 
ATOM   430  C CZ  . PHE A 1 58  ? 4.013   1.984   3.125   1.00 59.64  ? 420 PHE A CZ  1 
ATOM   431  N N   . ALA A 1 59  ? 7.672   -1.162  -0.205  1.00 54.50  ? 421 ALA A N   1 
ATOM   432  C CA  . ALA A 1 59  ? 9.012   -0.796  0.242   1.00 73.32  ? 421 ALA A CA  1 
ATOM   433  C C   . ALA A 1 59  ? 9.710   0.049   -0.820  1.00 64.53  ? 421 ALA A C   1 
ATOM   434  O O   . ALA A 1 59  ? 9.300   0.049   -1.983  1.00 65.24  ? 421 ALA A O   1 
ATOM   435  C CB  . ALA A 1 59  ? 9.831   -2.043  0.552   1.00 52.85  ? 421 ALA A CB  1 
ATOM   436  N N   . THR A 1 60  ? 10.755  0.767   -0.414  1.00 58.80  ? 422 THR A N   1 
ATOM   437  C CA  . THR A 1 60  ? 11.542  1.578   -1.339  1.00 63.20  ? 422 THR A CA  1 
ATOM   438  C C   . THR A 1 60  ? 13.028  1.244   -1.282  1.00 71.95  ? 422 THR A C   1 
ATOM   439  O O   . THR A 1 60  ? 13.472  0.460   -0.440  1.00 75.19  ? 422 THR A O   1 
ATOM   440  C CB  . THR A 1 60  ? 11.381  3.085   -1.052  1.00 64.48  ? 422 THR A CB  1 
ATOM   441  O OG1 . THR A 1 60  ? 11.670  3.345   0.326   1.00 70.40  ? 422 THR A OG1 1 
ATOM   442  C CG2 . THR A 1 60  ? 9.970   3.549   -1.378  1.00 71.13  ? 422 THR A CG2 1 
ATOM   443  N N   . ASP A 1 61  ? 13.785  1.846   -2.194  1.00 80.29  ? 423 ASP A N   1 
ATOM   444  C CA  . ASP A 1 61  ? 15.238  1.764   -2.188  1.00 81.36  ? 423 ASP A CA  1 
ATOM   445  C C   . ASP A 1 61  ? 15.836  3.093   -1.739  1.00 76.57  ? 423 ASP A C   1 
ATOM   446  O O   . ASP A 1 61  ? 15.510  4.146   -2.286  1.00 80.17  ? 423 ASP A O   1 
ATOM   447  C CB  . ASP A 1 61  ? 15.777  1.398   -3.577  1.00 74.19  ? 423 ASP A CB  1 
ATOM   448  C CG  . ASP A 1 61  ? 15.574  -0.063  -3.923  1.00 77.97  ? 423 ASP A CG  1 
ATOM   449  O OD1 . ASP A 1 61  ? 15.721  -0.923  -3.031  1.00 85.74  ? 423 ASP A OD1 1 
ATOM   450  O OD2 . ASP A 1 61  ? 15.275  -0.350  -5.100  1.00 68.12  ? 423 ASP A OD2 1 
ATOM   451  N N   . ASN A 1 62  ? 16.683  3.029   -0.716  1.00 84.04  ? 424 ASN A N   1 
ATOM   452  C CA  . ASN A 1 62  ? 17.566  4.133   -0.331  1.00 87.88  ? 424 ASN A CA  1 
ATOM   453  C C   . ASN A 1 62  ? 16.896  5.348   0.326   1.00 77.60  ? 424 ASN A C   1 
ATOM   454  O O   . ASN A 1 62  ? 17.535  6.050   1.112   1.00 70.86  ? 424 ASN A O   1 
ATOM   455  C CB  . ASN A 1 62  ? 18.350  4.609   -1.557  1.00 78.63  ? 424 ASN A CB  1 
ATOM   456  C CG  . ASN A 1 62  ? 19.008  3.467   -2.309  1.00 85.17  ? 424 ASN A CG  1 
ATOM   457  O OD1 . ASN A 1 62  ? 18.764  3.271   -3.500  1.00 92.59  ? 424 ASN A OD1 1 
ATOM   458  N ND2 . ASN A 1 62  ? 19.850  2.711   -1.617  1.00 97.77  ? 424 ASN A ND2 1 
ATOM   459  N N   . TYR A 1 63  ? 15.629  5.606   0.007   1.00 78.71  ? 425 TYR A N   1 
ATOM   460  C CA  . TYR A 1 63  ? 14.929  6.778   0.542   1.00 78.42  ? 425 TYR A CA  1 
ATOM   461  C C   . TYR A 1 63  ? 13.509  6.462   1.000   1.00 74.55  ? 425 TYR A C   1 
ATOM   462  O O   . TYR A 1 63  ? 12.896  5.498   0.546   1.00 70.78  ? 425 TYR A O   1 
ATOM   463  C CB  . TYR A 1 63  ? 14.880  7.895   -0.504  1.00 86.61  ? 425 TYR A CB  1 
ATOM   464  C CG  . TYR A 1 63  ? 16.236  8.365   -0.972  1.00 75.67  ? 425 TYR A CG  1 
ATOM   465  C CD1 . TYR A 1 63  ? 17.042  9.138   -0.152  1.00 69.37  ? 425 TYR A CD1 1 
ATOM   466  C CD2 . TYR A 1 63  ? 16.707  8.043   -2.237  1.00 62.13  ? 425 TYR A CD2 1 
ATOM   467  C CE1 . TYR A 1 63  ? 18.284  9.573   -0.575  1.00 65.28  ? 425 TYR A CE1 1 
ATOM   468  C CE2 . TYR A 1 63  ? 17.946  8.472   -2.669  1.00 60.61  ? 425 TYR A CE2 1 
ATOM   469  C CZ  . TYR A 1 63  ? 18.729  9.236   -1.834  1.00 66.06  ? 425 TYR A CZ  1 
ATOM   470  O OH  . TYR A 1 63  ? 19.965  9.669   -2.263  1.00 77.87  ? 425 TYR A OH  1 
ATOM   471  N N   . ASP A 1 64  ? 12.999  7.301   1.898   1.00 77.79  ? 426 ASP A N   1 
ATOM   472  C CA  . ASP A 1 64  ? 11.636  7.193   2.406   1.00 72.86  ? 426 ASP A CA  1 
ATOM   473  C C   . ASP A 1 64  ? 10.642  7.769   1.394   1.00 71.69  ? 426 ASP A C   1 
ATOM   474  O O   . ASP A 1 64  ? 11.039  8.378   0.403   1.00 73.33  ? 426 ASP A O   1 
ATOM   475  C CB  . ASP A 1 64  ? 11.523  7.916   3.755   1.00 74.69  ? 426 ASP A CB  1 
ATOM   476  C CG  . ASP A 1 64  ? 11.414  9.427   3.612   1.00 77.95  ? 426 ASP A CG  1 
ATOM   477  O OD1 . ASP A 1 64  ? 10.865  10.074  4.528   1.00 63.24  ? 426 ASP A OD1 1 
ATOM   478  O OD2 . ASP A 1 64  ? 11.878  9.976   2.591   1.00 82.41  ? 426 ASP A OD2 1 
ATOM   479  N N   . ILE A 1 65  ? 9.354   7.571   1.647   1.00 68.91  ? 427 ILE A N   1 
ATOM   480  C CA  . ILE A 1 65  ? 8.317   8.116   0.783   1.00 60.43  ? 427 ILE A CA  1 
ATOM   481  C C   . ILE A 1 65  ? 7.043   8.308   1.597   1.00 57.62  ? 427 ILE A C   1 
ATOM   482  O O   . ILE A 1 65  ? 6.835   7.637   2.609   1.00 64.47  ? 427 ILE A O   1 
ATOM   483  C CB  . ILE A 1 65  ? 8.037   7.203   -0.438  1.00 62.16  ? 427 ILE A CB  1 
ATOM   484  C CG1 . ILE A 1 65  ? 7.297   7.998   -1.525  1.00 70.81  ? 427 ILE A CG1 1 
ATOM   485  C CG2 . ILE A 1 65  ? 7.281   5.939   -0.013  1.00 57.76  ? 427 ILE A CG2 1 
ATOM   486  C CD1 . ILE A 1 65  ? 6.876   7.191   -2.748  1.00 58.78  ? 427 ILE A CD1 1 
ATOM   487  N N   . GLY A 1 66  ? 6.205   9.241   1.160   1.00 54.62  ? 428 GLY A N   1 
ATOM   488  C CA  . GLY A 1 66  ? 4.907   9.443   1.773   1.00 61.04  ? 428 GLY A CA  1 
ATOM   489  C C   . GLY A 1 66  ? 3.944   8.345   1.366   1.00 57.92  ? 428 GLY A C   1 
ATOM   490  O O   . GLY A 1 66  ? 3.853   8.002   0.186   1.00 53.64  ? 428 GLY A O   1 
ATOM   491  N N   . PHE A 1 67  ? 3.239   7.784   2.343   1.00 57.18  ? 429 PHE A N   1 
ATOM   492  C CA  . PHE A 1 67  ? 2.234   6.766   2.068   1.00 60.49  ? 429 PHE A CA  1 
ATOM   493  C C   . PHE A 1 67  ? 0.936   7.043   2.811   1.00 55.26  ? 429 PHE A C   1 
ATOM   494  O O   . PHE A 1 67  ? 0.946   7.480   3.960   1.00 60.74  ? 429 PHE A O   1 
ATOM   495  C CB  . PHE A 1 67  ? 2.747   5.376   2.446   1.00 50.61  ? 429 PHE A CB  1 
ATOM   496  C CG  . PHE A 1 67  ? 1.720   4.295   2.275   1.00 53.19  ? 429 PHE A CG  1 
ATOM   497  C CD1 . PHE A 1 67  ? 1.534   3.685   1.045   1.00 51.58  ? 429 PHE A CD1 1 
ATOM   498  C CD2 . PHE A 1 67  ? 0.931   3.897   3.342   1.00 60.12  ? 429 PHE A CD2 1 
ATOM   499  C CE1 . PHE A 1 67  ? 0.584   2.692   0.884   1.00 54.28  ? 429 PHE A CE1 1 
ATOM   500  C CE2 . PHE A 1 67  ? -0.021  2.906   3.188   1.00 57.43  ? 429 PHE A CE2 1 
ATOM   501  C CZ  . PHE A 1 67  ? -0.194  2.302   1.957   1.00 56.45  ? 429 PHE A CZ  1 
ATOM   502  N N   . GLY A 1 68  ? -0.178  6.773   2.140   1.00 54.10  ? 430 GLY A N   1 
ATOM   503  C CA  . GLY A 1 68  ? -1.493  6.886   2.739   1.00 51.66  ? 430 GLY A CA  1 
ATOM   504  C C   . GLY A 1 68  ? -2.505  6.094   1.938   1.00 52.82  ? 430 GLY A C   1 
ATOM   505  O O   . GLY A 1 68  ? -2.199  5.616   0.845   1.00 53.20  ? 430 GLY A O   1 
ATOM   506  N N   . VAL A 1 69  ? -3.710  5.951   2.484   1.00 55.23  ? 431 VAL A N   1 
ATOM   507  C CA  . VAL A 1 69  ? -4.768  5.182   1.839   1.00 48.04  ? 431 VAL A CA  1 
ATOM   508  C C   . VAL A 1 69  ? -6.099  5.907   1.968   1.00 53.52  ? 431 VAL A C   1 
ATOM   509  O O   . VAL A 1 69  ? -6.430  6.435   3.030   1.00 59.45  ? 431 VAL A O   1 
ATOM   510  C CB  . VAL A 1 69  ? -4.903  3.762   2.447   1.00 58.25  ? 431 VAL A CB  1 
ATOM   511  C CG1 . VAL A 1 69  ? -6.005  2.967   1.741   1.00 54.08  ? 431 VAL A CG1 1 
ATOM   512  C CG2 . VAL A 1 69  ? -3.583  3.017   2.364   1.00 44.12  ? 431 VAL A CG2 1 
ATOM   513  N N   . TYR A 1 70  ? -6.853  5.928   0.873   1.00 53.24  ? 432 TYR A N   1 
ATOM   514  C CA  . TYR A 1 70  ? -8.194  6.494   0.853   1.00 60.82  ? 432 TYR A CA  1 
ATOM   515  C C   . TYR A 1 70  ? -9.153  5.488   0.236   1.00 58.67  ? 432 TYR A C   1 
ATOM   516  O O   . TYR A 1 70  ? -8.728  4.579   -0.478  1.00 63.29  ? 432 TYR A O   1 
ATOM   517  C CB  . TYR A 1 70  ? -8.225  7.807   0.065   1.00 54.82  ? 432 TYR A CB  1 
ATOM   518  C CG  . TYR A 1 70  ? -7.511  8.952   0.744   1.00 52.81  ? 432 TYR A CG  1 
ATOM   519  C CD1 . TYR A 1 70  ? -8.202  9.841   1.555   1.00 67.79  ? 432 TYR A CD1 1 
ATOM   520  C CD2 . TYR A 1 70  ? -6.149  9.146   0.570   1.00 53.15  ? 432 TYR A CD2 1 
ATOM   521  C CE1 . TYR A 1 70  ? -7.555  10.891  2.178   1.00 68.22  ? 432 TYR A CE1 1 
ATOM   522  C CE2 . TYR A 1 70  ? -5.493  10.192  1.189   1.00 61.06  ? 432 TYR A CE2 1 
ATOM   523  C CZ  . TYR A 1 70  ? -6.202  11.062  1.991   1.00 66.84  ? 432 TYR A CZ  1 
ATOM   524  O OH  . TYR A 1 70  ? -5.552  12.105  2.609   1.00 76.12  ? 432 TYR A OH  1 
ATOM   525  N N   . PHE A 1 71  ? -10.444 5.649   0.515   1.00 59.43  ? 433 PHE A N   1 
ATOM   526  C CA  . PHE A 1 71  ? -11.463 4.792   -0.076  1.00 65.37  ? 433 PHE A CA  1 
ATOM   527  C C   . PHE A 1 71  ? -12.453 5.613   -0.893  1.00 73.51  ? 433 PHE A C   1 
ATOM   528  O O   . PHE A 1 71  ? -13.110 6.512   -0.372  1.00 64.50  ? 433 PHE A O   1 
ATOM   529  C CB  . PHE A 1 71  ? -12.208 4.005   1.000   1.00 71.26  ? 433 PHE A CB  1 
ATOM   530  C CG  . PHE A 1 71  ? -13.194 3.024   0.443   1.00 70.35  ? 433 PHE A CG  1 
ATOM   531  C CD1 . PHE A 1 71  ? -12.779 1.773   0.020   1.00 55.63  ? 433 PHE A CD1 1 
ATOM   532  C CD2 . PHE A 1 71  ? -14.533 3.356   0.328   1.00 71.13  ? 433 PHE A CD2 1 
ATOM   533  C CE1 . PHE A 1 71  ? -13.681 0.867   -0.500  1.00 71.79  ? 433 PHE A CE1 1 
ATOM   534  C CE2 . PHE A 1 71  ? -15.441 2.456   -0.191  1.00 73.39  ? 433 PHE A CE2 1 
ATOM   535  C CZ  . PHE A 1 71  ? -15.015 1.209   -0.606  1.00 74.35  ? 433 PHE A CZ  1 
ATOM   536  N N   . GLU A 1 72  ? -12.552 5.283   -2.177  1.00 75.26  ? 434 GLU A N   1 
ATOM   537  C CA  . GLU A 1 72  ? -13.444 5.976   -3.096  1.00 74.79  ? 434 GLU A CA  1 
ATOM   538  C C   . GLU A 1 72  ? -14.753 5.214   -3.258  1.00 81.35  ? 434 GLU A C   1 
ATOM   539  O O   . GLU A 1 72  ? -14.755 4.013   -3.527  1.00 80.49  ? 434 GLU A O   1 
ATOM   540  C CB  . GLU A 1 72  ? -12.764 6.158   -4.451  1.00 80.52  ? 434 GLU A CB  1 
ATOM   541  C CG  . GLU A 1 72  ? -13.588 6.915   -5.474  1.00 67.75  ? 434 GLU A CG  1 
ATOM   542  C CD  . GLU A 1 72  ? -12.852 7.089   -6.785  1.00 76.20  ? 434 GLU A CD  1 
ATOM   543  O OE1 . GLU A 1 72  ? -11.822 7.796   -6.800  1.00 71.50  ? 434 GLU A OE1 1 
ATOM   544  O OE2 . GLU A 1 72  ? -13.295 6.510   -7.799  1.00 69.39  ? 434 GLU A OE2 1 
ATOM   545  N N   . TRP A 1 73  ? -15.863 5.927   -3.099  1.00 82.32  ? 435 TRP A N   1 
ATOM   546  C CA  . TRP A 1 73  ? -17.188 5.327   -3.188  1.00 83.49  ? 435 TRP A CA  1 
ATOM   547  C C   . TRP A 1 73  ? -17.749 5.385   -4.603  1.00 89.57  ? 435 TRP A C   1 
ATOM   548  O O   . TRP A 1 73  ? -17.561 6.370   -5.317  1.00 96.76  ? 435 TRP A O   1 
ATOM   549  C CB  . TRP A 1 73  ? -18.153 6.030   -2.234  1.00 84.81  ? 435 TRP A CB  1 
ATOM   550  C CG  . TRP A 1 73  ? -17.893 5.748   -0.791  1.00 78.68  ? 435 TRP A CG  1 
ATOM   551  C CD1 . TRP A 1 73  ? -17.254 6.557   0.101   1.00 86.39  ? 435 TRP A CD1 1 
ATOM   552  C CD2 . TRP A 1 73  ? -18.274 4.573   -0.067  1.00 73.12  ? 435 TRP A CD2 1 
ATOM   553  N NE1 . TRP A 1 73  ? -17.212 5.958   1.336   1.00 79.20  ? 435 TRP A NE1 1 
ATOM   554  C CE2 . TRP A 1 73  ? -17.832 4.740   1.259   1.00 68.18  ? 435 TRP A CE2 1 
ATOM   555  C CE3 . TRP A 1 73  ? -18.946 3.398   -0.412  1.00 77.40  ? 435 TRP A CE3 1 
ATOM   556  C CZ2 . TRP A 1 73  ? -18.040 3.774   2.241   1.00 71.90  ? 435 TRP A CZ2 1 
ATOM   557  C CZ3 . TRP A 1 73  ? -19.151 2.440   0.563   1.00 72.71  ? 435 TRP A CZ3 1 
ATOM   558  C CH2 . TRP A 1 73  ? -18.700 2.634   1.875   1.00 67.35  ? 435 TRP A CH2 1 
ATOM   559  N N   . THR A 1 74  ? -18.438 4.321   -5.001  1.00 96.49  ? 436 THR A N   1 
ATOM   560  C CA  . THR A 1 74  ? -19.174 4.298   -6.261  1.00 97.04  ? 436 THR A CA  1 
ATOM   561  C C   . THR A 1 74  ? -20.155 3.132   -6.268  1.00 94.84  ? 436 THR A C   1 
ATOM   562  O O   . THR A 1 74  ? -19.749 1.970   -6.235  1.00 95.64  ? 436 THR A O   1 
ATOM   563  C CB  . THR A 1 74  ? -18.238 4.178   -7.483  1.00 104.37 ? 436 THR A CB  1 
ATOM   564  O OG1 . THR A 1 74  ? -17.239 5.203   -7.436  1.00 94.67  ? 436 THR A OG1 1 
ATOM   565  C CG2 . THR A 1 74  ? -19.030 4.305   -8.783  1.00 96.53  ? 436 THR A CG2 1 
ATOM   566  N N   . PRO A 1 112 ? -17.709 11.917  -6.363  1.00 97.85  ? 474 PRO A N   1 
ATOM   567  C CA  . PRO A 1 112 ? -16.428 11.327  -5.974  1.00 85.66  ? 474 PRO A CA  1 
ATOM   568  C C   . PRO A 1 112 ? -16.180 11.450  -4.471  1.00 78.94  ? 474 PRO A C   1 
ATOM   569  O O   . PRO A 1 112 ? -15.471 12.353  -4.026  1.00 74.70  ? 474 PRO A O   1 
ATOM   570  C CB  . PRO A 1 112 ? -15.419 12.149  -6.782  1.00 92.49  ? 474 PRO A CB  1 
ATOM   571  C CG  . PRO A 1 112 ? -16.107 13.504  -7.005  1.00 93.43  ? 474 PRO A CG  1 
ATOM   572  C CD  . PRO A 1 112 ? -17.569 13.359  -6.628  1.00 71.80  ? 474 PRO A CD  1 
ATOM   573  N N   . LEU A 1 113 ? -16.768 10.539  -3.701  1.00 90.14  ? 475 LEU A N   1 
ATOM   574  C CA  . LEU A 1 113 ? -16.723 10.612  -2.245  1.00 92.14  ? 475 LEU A CA  1 
ATOM   575  C C   . LEU A 1 113 ? -15.561 9.801   -1.680  1.00 82.68  ? 475 LEU A C   1 
ATOM   576  O O   . LEU A 1 113 ? -15.397 8.626   -2.014  1.00 73.95  ? 475 LEU A O   1 
ATOM   577  C CB  . LEU A 1 113 ? -18.043 10.117  -1.656  1.00 84.61  ? 475 LEU A CB  1 
ATOM   578  C CG  . LEU A 1 113 ? -18.342 10.530  -0.215  1.00 83.97  ? 475 LEU A CG  1 
ATOM   579  C CD1 . LEU A 1 113 ? -18.577 12.031  -0.113  1.00 86.70  ? 475 LEU A CD1 1 
ATOM   580  C CD2 . LEU A 1 113 ? -19.545 9.763   0.304   1.00 100.82 ? 475 LEU A CD2 1 
ATOM   581  N N   . LEU A 1 114 ? -14.770 10.432  -0.813  1.00 79.88  ? 476 LEU A N   1 
ATOM   582  C CA  . LEU A 1 114 ? -13.569 9.808   -0.265  1.00 87.45  ? 476 LEU A CA  1 
ATOM   583  C C   . LEU A 1 114 ? -13.589 9.703   1.259   1.00 83.13  ? 476 LEU A C   1 
ATOM   584  O O   . LEU A 1 114 ? -14.051 10.609  1.951   1.00 92.29  ? 476 LEU A O   1 
ATOM   585  C CB  . LEU A 1 114 ? -12.324 10.587  -0.698  1.00 84.81  ? 476 LEU A CB  1 
ATOM   586  C CG  . LEU A 1 114 ? -12.044 10.692  -2.200  1.00 74.66  ? 476 LEU A CG  1 
ATOM   587  C CD1 . LEU A 1 114 ? -10.684 11.329  -2.431  1.00 85.02  ? 476 LEU A CD1 1 
ATOM   588  C CD2 . LEU A 1 114 ? -12.115 9.338   -2.890  1.00 71.62  ? 476 LEU A CD2 1 
ATOM   589  N N   . ASP A 1 115 ? -13.083 8.578   1.759   1.00 78.36  ? 477 ASP A N   1 
ATOM   590  C CA  . ASP A 1 115 ? -12.856 8.367   3.186   1.00 74.48  ? 477 ASP A CA  1 
ATOM   591  C C   . ASP A 1 115 ? -11.363 8.211   3.454   1.00 61.81  ? 477 ASP A C   1 
ATOM   592  O O   . ASP A 1 115 ? -10.682 7.442   2.776   1.00 58.19  ? 477 ASP A O   1 
ATOM   593  C CB  . ASP A 1 115 ? -13.606 7.127   3.682   1.00 66.52  ? 477 ASP A CB  1 
ATOM   594  C CG  . ASP A 1 115 ? -15.073 7.395   3.949   1.00 72.34  ? 477 ASP A CG  1 
ATOM   595  O OD1 . ASP A 1 115 ? -15.389 8.409   4.608   1.00 64.80  ? 477 ASP A OD1 1 
ATOM   596  O OD2 . ASP A 1 115 ? -15.913 6.586   3.504   1.00 73.47  ? 477 ASP A OD2 1 
ATOM   597  N N   . GLU A 1 116 ? -10.855 8.939   4.443   1.00 60.43  ? 478 GLU A N   1 
ATOM   598  C CA  . GLU A 1 116 ? -9.450  8.828   4.819   1.00 63.76  ? 478 GLU A CA  1 
ATOM   599  C C   . GLU A 1 116 ? -9.228  7.615   5.719   1.00 65.62  ? 478 GLU A C   1 
ATOM   600  O O   . GLU A 1 116 ? -9.719  7.569   6.847   1.00 71.97  ? 478 GLU A O   1 
ATOM   601  C CB  . GLU A 1 116 ? -8.976  10.097  5.528   1.00 70.83  ? 478 GLU A CB  1 
ATOM   602  C CG  . GLU A 1 116 ? -7.479  10.122  5.791   1.00 54.98  ? 478 GLU A CG  1 
ATOM   603  C CD  . GLU A 1 116 ? -7.037  11.336  6.581   1.00 61.39  ? 478 GLU A CD  1 
ATOM   604  O OE1 . GLU A 1 116 ? -7.799  11.787  7.462   1.00 68.41  ? 478 GLU A OE1 1 
ATOM   605  O OE2 . GLU A 1 116 ? -5.924  11.842  6.321   1.00 63.41  ? 478 GLU A OE2 1 
ATOM   606  N N   . ILE A 1 117 ? -8.489  6.636   5.207   1.00 61.22  ? 479 ILE A N   1 
ATOM   607  C CA  . ILE A 1 117 ? -8.205  5.406   5.938   1.00 57.97  ? 479 ILE A CA  1 
ATOM   608  C C   . ILE A 1 117 ? -6.861  5.487   6.657   1.00 62.44  ? 479 ILE A C   1 
ATOM   609  O O   . ILE A 1 117 ? -6.795  5.386   7.883   1.00 56.13  ? 479 ILE A O   1 
ATOM   610  C CB  . ILE A 1 117 ? -8.195  4.197   4.991   1.00 61.95  ? 479 ILE A CB  1 
ATOM   611  C CG1 . ILE A 1 117 ? -9.487  4.150   4.170   1.00 61.62  ? 479 ILE A CG1 1 
ATOM   612  C CG2 . ILE A 1 117 ? -8.005  2.900   5.765   1.00 61.52  ? 479 ILE A CG2 1 
ATOM   613  C CD1 . ILE A 1 117 ? -10.769 4.259   4.990   1.00 63.74  ? 479 ILE A CD1 1 
ATOM   614  N N   . VAL A 1 118 ? -5.793  5.643   5.879   1.00 58.59  ? 480 VAL A N   1 
ATOM   615  C CA  . VAL A 1 118 ? -4.456  5.851   6.424   1.00 60.59  ? 480 VAL A CA  1 
ATOM   616  C C   . VAL A 1 118 ? -3.966  7.248   6.052   1.00 56.79  ? 480 VAL A C   1 
ATOM   617  O O   . VAL A 1 118 ? -3.718  7.520   4.877   1.00 65.92  ? 480 VAL A O   1 
ATOM   618  C CB  . VAL A 1 118 ? -3.464  4.791   5.903   1.00 71.00  ? 480 VAL A CB  1 
ATOM   619  C CG1 . VAL A 1 118 ? -2.032  5.147   6.293   1.00 58.74  ? 480 VAL A CG1 1 
ATOM   620  C CG2 . VAL A 1 118 ? -3.842  3.412   6.434   1.00 53.58  ? 480 VAL A CG2 1 
ATOM   621  N N   . PRO A 1 119 ? -3.829  8.143   7.048   1.00 52.65  ? 481 PRO A N   1 
ATOM   622  C CA  . PRO A 1 119 ? -3.329  9.485   6.728   1.00 56.37  ? 481 PRO A CA  1 
ATOM   623  C C   . PRO A 1 119 ? -1.944  9.451   6.089   1.00 56.62  ? 481 PRO A C   1 
ATOM   624  O O   . PRO A 1 119 ? -1.124  8.601   6.434   1.00 78.45  ? 481 PRO A O   1 
ATOM   625  C CB  . PRO A 1 119 ? -3.284  10.182  8.092   1.00 52.33  ? 481 PRO A CB  1 
ATOM   626  C CG  . PRO A 1 119 ? -4.258  9.440   8.933   1.00 58.61  ? 481 PRO A CG  1 
ATOM   627  C CD  . PRO A 1 119 ? -4.168  8.016   8.476   1.00 56.01  ? 481 PRO A CD  1 
ATOM   628  N N   . VAL A 1 120 ? -1.697  10.372  5.165   1.00 60.50  ? 482 VAL A N   1 
ATOM   629  C CA  . VAL A 1 120 ? -0.445  10.395  4.421   1.00 62.84  ? 482 VAL A CA  1 
ATOM   630  C C   . VAL A 1 120 ? 0.695   10.948  5.268   1.00 54.92  ? 482 VAL A C   1 
ATOM   631  O O   . VAL A 1 120 ? 0.663   12.100  5.698   1.00 56.15  ? 482 VAL A O   1 
ATOM   632  C CB  . VAL A 1 120 ? -0.571  11.234  3.131   1.00 56.50  ? 482 VAL A CB  1 
ATOM   633  C CG1 . VAL A 1 120 ? 0.730   11.199  2.329   1.00 63.47  ? 482 VAL A CG1 1 
ATOM   634  C CG2 . VAL A 1 120 ? -1.716  10.721  2.280   1.00 66.41  ? 482 VAL A CG2 1 
ATOM   635  N N   . TYR A 1 121 ? 1.701   10.110  5.502   1.00 56.83  ? 483 TYR A N   1 
ATOM   636  C CA  . TYR A 1 121 ? 2.917   10.529  6.186   1.00 65.43  ? 483 TYR A CA  1 
ATOM   637  C C   . TYR A 1 121 ? 4.101   9.757   5.622   1.00 60.01  ? 483 TYR A C   1 
ATOM   638  O O   . TYR A 1 121 ? 3.932   8.686   5.038   1.00 58.36  ? 483 TYR A O   1 
ATOM   639  C CB  . TYR A 1 121 ? 2.801   10.308  7.699   1.00 60.83  ? 483 TYR A CB  1 
ATOM   640  N N   . ARG A 1 122 ? 5.299   10.307  5.789   1.00 60.98  ? 484 ARG A N   1 
ATOM   641  C CA  . ARG A 1 122 ? 6.514   9.660   5.309   1.00 58.71  ? 484 ARG A CA  1 
ATOM   642  C C   . ARG A 1 122 ? 6.863   8.440   6.162   1.00 58.30  ? 484 ARG A C   1 
ATOM   643  O O   . ARG A 1 122 ? 6.881   8.518   7.390   1.00 53.67  ? 484 ARG A O   1 
ATOM   644  C CB  . ARG A 1 122 ? 7.672   10.661  5.296   1.00 66.35  ? 484 ARG A CB  1 
ATOM   645  C CG  . ARG A 1 122 ? 7.556   11.706  4.188   1.00 79.85  ? 484 ARG A CG  1 
ATOM   646  C CD  . ARG A 1 122 ? 8.344   12.976  4.486   1.00 74.49  ? 484 ARG A CD  1 
ATOM   647  N NE  . ARG A 1 122 ? 9.790   12.767  4.475   1.00 71.04  ? 484 ARG A NE  1 
ATOM   648  C CZ  . ARG A 1 122 ? 10.687  13.750  4.476   1.00 76.14  ? 484 ARG A CZ  1 
ATOM   649  N NH1 . ARG A 1 122 ? 10.292  15.017  4.480   1.00 79.21  ? 484 ARG A NH1 1 
ATOM   650  N NH2 . ARG A 1 122 ? 11.982  13.466  4.465   1.00 92.90  ? 484 ARG A NH2 1 
ATOM   651  N N   . ARG A 1 123 ? 7.128   7.320   5.494   1.00 59.91  ? 485 ARG A N   1 
ATOM   652  C CA  . ARG A 1 123 ? 7.459   6.063   6.162   1.00 65.17  ? 485 ARG A CA  1 
ATOM   653  C C   . ARG A 1 123 ? 8.869   5.619   5.805   1.00 69.88  ? 485 ARG A C   1 
ATOM   654  O O   . ARG A 1 123 ? 9.277   5.707   4.648   1.00 68.94  ? 485 ARG A O   1 
ATOM   655  C CB  . ARG A 1 123 ? 6.477   4.955   5.770   1.00 56.46  ? 485 ARG A CB  1 
ATOM   656  C CG  . ARG A 1 123 ? 5.022   5.380   5.679   1.00 66.71  ? 485 ARG A CG  1 
ATOM   657  C CD  . ARG A 1 123 ? 4.450   5.751   7.032   1.00 61.58  ? 485 ARG A CD  1 
ATOM   658  N NE  . ARG A 1 123 ? 3.074   6.233   6.907   1.00 73.77  ? 485 ARG A NE  1 
ATOM   659  C CZ  . ARG A 1 123 ? 2.048   5.829   7.655   1.00 87.10  ? 485 ARG A CZ  1 
ATOM   660  N NH1 . ARG A 1 123 ? 2.210   4.924   8.616   1.00 74.08  ? 485 ARG A NH1 1 
ATOM   661  N NH2 . ARG A 1 123 ? 0.845   6.342   7.439   1.00 79.67  ? 485 ARG A NH2 1 
ATOM   662  N N   . ASP A 1 124 ? 9.604   5.118   6.792   1.00 65.39  ? 486 ASP A N   1 
ATOM   663  C CA  . ASP A 1 124 ? 10.936  4.586   6.543   1.00 70.13  ? 486 ASP A CA  1 
ATOM   664  C C   . ASP A 1 124 ? 10.842  3.191   5.942   1.00 61.97  ? 486 ASP A C   1 
ATOM   665  O O   . ASP A 1 124 ? 11.304  2.214   6.530   1.00 64.88  ? 486 ASP A O   1 
ATOM   666  C CB  . ASP A 1 124 ? 11.752  4.558   7.833   1.00 68.05  ? 486 ASP A CB  1 
ATOM   667  C CG  . ASP A 1 124 ? 12.114  5.945   8.319   1.00 67.73  ? 486 ASP A CG  1 
ATOM   668  O OD1 . ASP A 1 124 ? 12.245  6.854   7.473   1.00 74.55  ? 486 ASP A OD1 1 
ATOM   669  O OD2 . ASP A 1 124 ? 12.267  6.130   9.544   1.00 72.78  ? 486 ASP A OD2 1 
ATOM   670  N N   . CYS A 1 125 ? 10.235  3.113   4.763   1.00 69.55  ? 487 CYS A N   1 
ATOM   671  C CA  . CYS A 1 125 ? 10.019  1.840   4.089   1.00 64.96  ? 487 CYS A CA  1 
ATOM   672  C C   . CYS A 1 125 ? 11.205  1.461   3.205   1.00 64.85  ? 487 CYS A C   1 
ATOM   673  O O   . CYS A 1 125 ? 11.120  0.541   2.393   1.00 64.46  ? 487 CYS A O   1 
ATOM   674  C CB  . CYS A 1 125 ? 8.733   1.894   3.262   1.00 60.10  ? 487 CYS A CB  1 
ATOM   675  S SG  . CYS A 1 125 ? 8.591   3.333   2.175   1.00 59.73  ? 487 CYS A SG  1 
ATOM   676  N N   . HIS A 1 126 ? 12.311  2.178   3.372   1.00 77.83  ? 488 HIS A N   1 
ATOM   677  C CA  . HIS A 1 126 ? 13.565  1.831   2.711   1.00 73.29  ? 488 HIS A CA  1 
ATOM   678  C C   . HIS A 1 126 ? 14.414  0.967   3.636   1.00 65.27  ? 488 HIS A C   1 
ATOM   679  O O   . HIS A 1 126 ? 15.357  0.309   3.193   1.00 86.60  ? 488 HIS A O   1 
ATOM   680  C CB  . HIS A 1 126 ? 14.340  3.089   2.294   1.00 71.69  ? 488 HIS A CB  1 
ATOM   681  C CG  . HIS A 1 126 ? 14.636  4.032   3.420   1.00 71.23  ? 488 HIS A CG  1 
ATOM   682  N ND1 . HIS A 1 126 ? 13.651  4.626   4.179   1.00 67.21  ? 488 HIS A ND1 1 
ATOM   683  C CD2 . HIS A 1 126 ? 15.812  4.502   3.901   1.00 80.05  ? 488 HIS A CD2 1 
ATOM   684  C CE1 . HIS A 1 126 ? 14.206  5.407   5.088   1.00 65.55  ? 488 HIS A CE1 1 
ATOM   685  N NE2 . HIS A 1 126 ? 15.517  5.351   4.939   1.00 70.68  ? 488 HIS A NE2 1 
ATOM   686  N N   . GLU A 1 127 ? 14.063  0.975   4.919   1.00 73.42  ? 489 GLU A N   1 
ATOM   687  C CA  . GLU A 1 127 ? 14.760  0.188   5.930   1.00 79.46  ? 489 GLU A CA  1 
ATOM   688  C C   . GLU A 1 127 ? 13.996  -1.096  6.251   1.00 71.29  ? 489 GLU A C   1 
ATOM   689  O O   . GLU A 1 127 ? 14.595  -2.120  6.577   1.00 78.43  ? 489 GLU A O   1 
ATOM   690  C CB  . GLU A 1 127 ? 14.955  1.022   7.199   1.00 68.49  ? 489 GLU A CB  1 
ATOM   691  C CG  . GLU A 1 127 ? 15.780  2.287   6.980   1.00 74.28  ? 489 GLU A CG  1 
ATOM   692  C CD  . GLU A 1 127 ? 15.752  3.234   8.168   1.00 91.30  ? 489 GLU A CD  1 
ATOM   693  O OE1 . GLU A 1 127 ? 14.954  3.007   9.102   1.00 95.95  ? 489 GLU A OE1 1 
ATOM   694  O OE2 . GLU A 1 127 ? 16.532  4.210   8.167   1.00 86.97  ? 489 GLU A OE2 1 
ATOM   695  N N   . GLU A 1 128 ? 12.671  -1.028  6.155   1.00 77.48  ? 490 GLU A N   1 
ATOM   696  C CA  . GLU A 1 128 ? 11.807  -2.173  6.430   1.00 70.52  ? 490 GLU A CA  1 
ATOM   697  C C   . GLU A 1 128 ? 10.668  -2.254  5.418   1.00 72.61  ? 490 GLU A C   1 
ATOM   698  O O   . GLU A 1 128 ? 10.427  -1.307  4.669   1.00 68.13  ? 490 GLU A O   1 
ATOM   699  C CB  . GLU A 1 128 ? 11.234  -2.085  7.846   1.00 75.34  ? 490 GLU A CB  1 
ATOM   700  C CG  . GLU A 1 128 ? 12.268  -2.227  8.952   1.00 78.75  ? 490 GLU A CG  1 
ATOM   701  C CD  . GLU A 1 128 ? 11.688  -1.972  10.330  1.00 86.56  ? 490 GLU A CD  1 
ATOM   702  O OE1 . GLU A 1 128 ? 10.827  -1.075  10.460  1.00 91.01  ? 490 GLU A OE1 1 
ATOM   703  O OE2 . GLU A 1 128 ? 12.091  -2.671  11.285  1.00 86.54  ? 490 GLU A OE2 1 
ATOM   704  N N   . VAL A 1 129 ? 9.973   -3.387  5.400   1.00 62.77  ? 491 VAL A N   1 
ATOM   705  C CA  . VAL A 1 129 ? 8.796   -3.555  4.554   1.00 58.75  ? 491 VAL A CA  1 
ATOM   706  C C   . VAL A 1 129 ? 7.546   -3.225  5.353   1.00 66.63  ? 491 VAL A C   1 
ATOM   707  O O   . VAL A 1 129 ? 7.300   -3.825  6.394   1.00 67.83  ? 491 VAL A O   1 
ATOM   708  C CB  . VAL A 1 129 ? 8.677   -4.991  4.003   1.00 62.08  ? 491 VAL A CB  1 
ATOM   709  C CG1 . VAL A 1 129 ? 7.456   -5.122  3.096   1.00 59.34  ? 491 VAL A CG1 1 
ATOM   710  C CG2 . VAL A 1 129 ? 9.933   -5.378  3.252   1.00 70.13  ? 491 VAL A CG2 1 
ATOM   711  N N   . TYR A 1 130 ? 6.759   -2.275  4.859   1.00 63.01  ? 492 TYR A N   1 
ATOM   712  C CA  . TYR A 1 130 ? 5.495   -1.921  5.494   1.00 64.60  ? 492 TYR A CA  1 
ATOM   713  C C   . TYR A 1 130 ? 4.340   -2.720  4.909   1.00 53.43  ? 492 TYR A C   1 
ATOM   714  O O   . TYR A 1 130 ? 4.090   -2.673  3.704   1.00 63.13  ? 492 TYR A O   1 
ATOM   715  C CB  . TYR A 1 130 ? 5.219   -0.424  5.341   1.00 51.67  ? 492 TYR A CB  1 
ATOM   716  C CG  . TYR A 1 130 ? 6.025   0.432   6.285   1.00 52.92  ? 492 TYR A CG  1 
ATOM   717  C CD1 . TYR A 1 130 ? 7.409   0.490   6.189   1.00 56.58  ? 492 TYR A CD1 1 
ATOM   718  C CD2 . TYR A 1 130 ? 5.404   1.177   7.275   1.00 42.53  ? 492 TYR A CD2 1 
ATOM   719  C CE1 . TYR A 1 130 ? 8.150   1.269   7.052   1.00 59.97  ? 492 TYR A CE1 1 
ATOM   720  C CE2 . TYR A 1 130 ? 6.136   1.960   8.143   1.00 52.06  ? 492 TYR A CE2 1 
ATOM   721  C CZ  . TYR A 1 130 ? 7.509   2.002   8.027   1.00 56.97  ? 492 TYR A CZ  1 
ATOM   722  O OH  . TYR A 1 130 ? 8.243   2.780   8.890   1.00 68.13  ? 492 TYR A OH  1 
ATOM   723  N N   . ALA A 1 131 ? 3.646   -3.458  5.771   1.00 55.53  ? 493 ALA A N   1 
ATOM   724  C CA  . ALA A 1 131 ? 2.420   -4.145  5.388   1.00 56.89  ? 493 ALA A CA  1 
ATOM   725  C C   . ALA A 1 131 ? 1.247   -3.525  6.128   1.00 60.87  ? 493 ALA A C   1 
ATOM   726  O O   . ALA A 1 131 ? 1.428   -2.845  7.138   1.00 59.94  ? 493 ALA A O   1 
ATOM   727  C CB  . ALA A 1 131 ? 2.513   -5.633  5.689   1.00 58.12  ? 493 ALA A CB  1 
ATOM   728  N N   . GLY A 1 132 ? 0.041   -3.757  5.628   1.00 47.26  ? 494 GLY A N   1 
ATOM   729  C CA  . GLY A 1 132 ? -1.142  -3.222  6.268   1.00 51.36  ? 494 GLY A CA  1 
ATOM   730  C C   . GLY A 1 132 ? -2.405  -3.888  5.773   1.00 64.51  ? 494 GLY A C   1 
ATOM   731  O O   . GLY A 1 132 ? -2.375  -4.669  4.821   1.00 54.78  ? 494 GLY A O   1 
ATOM   732  N N   . SER A 1 133 ? -3.519  -3.578  6.426   1.00 58.29  ? 495 SER A N   1 
ATOM   733  C CA  . SER A 1 133 ? -4.793  -4.182  6.074   1.00 62.17  ? 495 SER A CA  1 
ATOM   734  C C   . SER A 1 133 ? -5.959  -3.263  6.403   1.00 63.66  ? 495 SER A C   1 
ATOM   735  O O   . SER A 1 133 ? -5.846  -2.364  7.237   1.00 59.13  ? 495 SER A O   1 
ATOM   736  C CB  . SER A 1 133 ? -4.968  -5.513  6.806   1.00 61.10  ? 495 SER A CB  1 
ATOM   737  O OG  . SER A 1 133 ? -5.259  -5.299  8.176   1.00 63.37  ? 495 SER A OG  1 
ATOM   738  N N   . HIS A 1 134 ? -7.084  -3.500  5.740   1.00 56.79  ? 496 HIS A N   1 
ATOM   739  C CA  . HIS A 1 134 ? -8.306  -2.778  6.047   1.00 59.24  ? 496 HIS A CA  1 
ATOM   740  C C   . HIS A 1 134 ? -9.518  -3.536  5.529   1.00 59.85  ? 496 HIS A C   1 
ATOM   741  O O   . HIS A 1 134 ? -9.540  -3.998  4.387   1.00 59.15  ? 496 HIS A O   1 
ATOM   742  C CB  . HIS A 1 134 ? -8.270  -1.370  5.454   1.00 56.58  ? 496 HIS A CB  1 
ATOM   743  C CG  . HIS A 1 134 ? -9.455  -0.535  5.825   1.00 50.93  ? 496 HIS A CG  1 
ATOM   744  N ND1 . HIS A 1 134 ? -10.201 0.156   4.896   1.00 60.96  ? 496 HIS A ND1 1 
ATOM   745  C CD2 . HIS A 1 134 ? -10.030 -0.291  7.026   1.00 54.38  ? 496 HIS A CD2 1 
ATOM   746  C CE1 . HIS A 1 134 ? -11.181 0.796   5.509   1.00 62.86  ? 496 HIS A CE1 1 
ATOM   747  N NE2 . HIS A 1 134 ? -11.101 0.541   6.802   1.00 54.58  ? 496 HIS A NE2 1 
ATOM   748  N N   . GLN A 1 135 ? -10.522 -3.665  6.387   1.00 58.69  ? 497 GLN A N   1 
ATOM   749  C CA  . GLN A 1 135 ? -11.771 -4.317  6.022   1.00 67.54  ? 497 GLN A CA  1 
ATOM   750  C C   . GLN A 1 135 ? -12.542 -3.468  5.015   1.00 75.70  ? 497 GLN A C   1 
ATOM   751  O O   . GLN A 1 135 ? -12.726 -2.267  5.225   1.00 61.89  ? 497 GLN A O   1 
ATOM   752  C CB  . GLN A 1 135 ? -12.619 -4.560  7.271   1.00 78.03  ? 497 GLN A CB  1 
ATOM   753  C CG  . GLN A 1 135 ? -13.886 -5.362  7.033   1.00 84.88  ? 497 GLN A CG  1 
ATOM   754  C CD  . GLN A 1 135 ? -14.737 -5.477  8.283   1.00 80.92  ? 497 GLN A CD  1 
ATOM   755  O OE1 . GLN A 1 135 ? -14.358 -4.994  9.351   1.00 88.78  ? 497 GLN A OE1 1 
ATOM   756  N NE2 . GLN A 1 135 ? -15.892 -6.115  8.157   1.00 123.75 ? 497 GLN A NE2 1 
ATOM   757  N N   . TYR A 1 136 ? -12.978 -4.091  3.923   1.00 71.80  ? 498 TYR A N   1 
ATOM   758  C CA  . TYR A 1 136 ? -13.799 -3.412  2.924   1.00 67.49  ? 498 TYR A CA  1 
ATOM   759  C C   . TYR A 1 136 ? -15.001 -2.743  3.590   1.00 66.87  ? 498 TYR A C   1 
ATOM   760  O O   . TYR A 1 136 ? -15.798 -3.421  4.239   1.00 75.00  ? 498 TYR A O   1 
ATOM   761  C CB  . TYR A 1 136 ? -14.295 -4.392  1.853   1.00 71.66  ? 498 TYR A CB  1 
ATOM   762  C CG  . TYR A 1 136 ? -13.245 -4.919  0.890   1.00 80.11  ? 498 TYR A CG  1 
ATOM   763  C CD1 . TYR A 1 136 ? -11.938 -4.448  0.906   1.00 70.38  ? 498 TYR A CD1 1 
ATOM   764  C CD2 . TYR A 1 136 ? -13.576 -5.888  -0.052  1.00 78.48  ? 498 TYR A CD2 1 
ATOM   765  C CE1 . TYR A 1 136 ? -10.993 -4.934  0.017   1.00 70.54  ? 498 TYR A CE1 1 
ATOM   766  C CE2 . TYR A 1 136 ? -12.639 -6.378  -0.939  1.00 71.23  ? 498 TYR A CE2 1 
ATOM   767  C CZ  . TYR A 1 136 ? -11.351 -5.900  -0.903  1.00 75.99  ? 498 TYR A CZ  1 
ATOM   768  O OH  . TYR A 1 136 ? -10.418 -6.390  -1.791  1.00 78.27  ? 498 TYR A OH  1 
ATOM   769  N N   . PRO A 1 137 ? -15.131 -1.412  3.449   1.00 74.02  ? 499 PRO A N   1 
ATOM   770  C CA  . PRO A 1 137 ? -16.337 -0.756  3.968   1.00 59.97  ? 499 PRO A CA  1 
ATOM   771  C C   . PRO A 1 137 ? -17.523 -0.862  3.007   1.00 72.73  ? 499 PRO A C   1 
ATOM   772  O O   . PRO A 1 137 ? -18.640 -0.486  3.361   1.00 64.30  ? 499 PRO A O   1 
ATOM   773  C CB  . PRO A 1 137 ? -15.893 0.697   4.137   1.00 68.69  ? 499 PRO A CB  1 
ATOM   774  C CG  . PRO A 1 137 ? -14.861 0.890   3.091   1.00 80.34  ? 499 PRO A CG  1 
ATOM   775  C CD  . PRO A 1 137 ? -14.148 -0.430  2.953   1.00 68.51  ? 499 PRO A CD  1 
ATOM   776  N N   . GLY A 1 138 ? -17.270 -1.376  1.805   1.00 79.13  ? 500 GLY A N   1 
ATOM   777  C CA  . GLY A 1 138 ? -18.301 -1.524  0.792   1.00 79.25  ? 500 GLY A CA  1 
ATOM   778  C C   . GLY A 1 138 ? -17.675 -1.718  -0.575  1.00 80.39  ? 500 GLY A C   1 
ATOM   779  O O   . GLY A 1 138 ? -16.470 -1.941  -0.676  1.00 81.99  ? 500 GLY A O   1 
ATOM   780  N N   . ARG A 1 139 ? -18.485 -1.644  -1.627  1.00 87.19  ? 501 ARG A N   1 
ATOM   781  C CA  . ARG A 1 139 ? -17.959 -1.695  -2.987  1.00 87.86  ? 501 ARG A CA  1 
ATOM   782  C C   . ARG A 1 139 ? -17.411 -0.325  -3.359  1.00 81.01  ? 501 ARG A C   1 
ATOM   783  O O   . ARG A 1 139 ? -18.070 0.694   -3.153  1.00 84.34  ? 501 ARG A O   1 
ATOM   784  C CB  . ARG A 1 139 ? -19.033 -2.129  -3.989  1.00 97.69  ? 501 ARG A CB  1 
ATOM   785  C CG  . ARG A 1 139 ? -18.507 -2.278  -5.415  1.00 103.57 ? 501 ARG A CG  1 
ATOM   786  C CD  . ARG A 1 139 ? -19.551 -2.859  -6.358  1.00 107.52 ? 501 ARG A CD  1 
ATOM   787  N NE  . ARG A 1 139 ? -19.938 -4.218  -5.987  1.00 128.61 ? 501 ARG A NE  1 
ATOM   788  C CZ  . ARG A 1 139 ? -19.218 -5.306  -6.251  1.00 124.04 ? 501 ARG A CZ  1 
ATOM   789  N NH1 . ARG A 1 139 ? -18.055 -5.208  -6.884  1.00 105.83 ? 501 ARG A NH1 1 
ATOM   790  N NH2 . ARG A 1 139 ? -19.660 -6.498  -5.874  1.00 106.72 ? 501 ARG A NH2 1 
ATOM   791  N N   . GLY A 1 140 ? -16.201 -0.305  -3.904  1.00 75.17  ? 502 GLY A N   1 
ATOM   792  C CA  . GLY A 1 140 ? -15.563 0.945   -4.264  1.00 77.52  ? 502 GLY A CA  1 
ATOM   793  C C   . GLY A 1 140 ? -14.154 0.747   -4.782  1.00 77.97  ? 502 GLY A C   1 
ATOM   794  O O   . GLY A 1 140 ? -13.852 -0.254  -5.433  1.00 72.70  ? 502 GLY A O   1 
ATOM   795  N N   . VAL A 1 141 ? -13.291 1.715   -4.490  1.00 70.97  ? 503 VAL A N   1 
ATOM   796  C CA  . VAL A 1 141 ? -11.920 1.706   -4.983  1.00 72.08  ? 503 VAL A CA  1 
ATOM   797  C C   . VAL A 1 141 ? -10.985 2.311   -3.944  1.00 79.17  ? 503 VAL A C   1 
ATOM   798  O O   . VAL A 1 141 ? -11.137 3.472   -3.557  1.00 67.31  ? 503 VAL A O   1 
ATOM   799  C CB  . VAL A 1 141 ? -11.789 2.494   -6.310  1.00 67.63  ? 503 VAL A CB  1 
ATOM   800  C CG1 . VAL A 1 141 ? -10.350 2.482   -6.814  1.00 76.58  ? 503 VAL A CG1 1 
ATOM   801  C CG2 . VAL A 1 141 ? -12.720 1.924   -7.372  1.00 69.68  ? 503 VAL A CG2 1 
ATOM   802  N N   . TYR A 1 142 ? -10.018 1.521   -3.492  1.00 62.91  ? 504 TYR A N   1 
ATOM   803  C CA  . TYR A 1 142 ? -8.986  2.021   -2.596  1.00 59.28  ? 504 TYR A CA  1 
ATOM   804  C C   . TYR A 1 142 ? -7.970  2.844   -3.371  1.00 63.96  ? 504 TYR A C   1 
ATOM   805  O O   . TYR A 1 142 ? -7.585  2.479   -4.482  1.00 65.44  ? 504 TYR A O   1 
ATOM   806  C CB  . TYR A 1 142 ? -8.283  0.873   -1.877  1.00 66.21  ? 504 TYR A CB  1 
ATOM   807  C CG  . TYR A 1 142 ? -9.068  0.295   -0.726  1.00 61.91  ? 504 TYR A CG  1 
ATOM   808  C CD1 . TYR A 1 142 ? -9.020  0.878   0.533   1.00 59.27  ? 504 TYR A CD1 1 
ATOM   809  C CD2 . TYR A 1 142 ? -9.841  -0.843  -0.894  1.00 69.86  ? 504 TYR A CD2 1 
ATOM   810  C CE1 . TYR A 1 142 ? -9.731  0.346   1.592   1.00 57.47  ? 504 TYR A CE1 1 
ATOM   811  C CE2 . TYR A 1 142 ? -10.553 -1.380  0.155   1.00 62.02  ? 504 TYR A CE2 1 
ATOM   812  C CZ  . TYR A 1 142 ? -10.495 -0.785  1.395   1.00 58.14  ? 504 TYR A CZ  1 
ATOM   813  O OH  . TYR A 1 142 ? -11.210 -1.333  2.432   1.00 63.28  ? 504 TYR A OH  1 
ATOM   814  N N   . LEU A 1 143 ? -7.542  3.953   -2.776  1.00 60.66  ? 505 LEU A N   1 
ATOM   815  C CA  . LEU A 1 143 ? -6.535  4.815   -3.380  1.00 56.22  ? 505 LEU A CA  1 
ATOM   816  C C   . LEU A 1 143 ? -5.258  4.805   -2.553  1.00 55.27  ? 505 LEU A C   1 
ATOM   817  O O   . LEU A 1 143 ? -5.178  5.464   -1.517  1.00 57.92  ? 505 LEU A O   1 
ATOM   818  C CB  . LEU A 1 143 ? -7.057  6.247   -3.511  1.00 69.33  ? 505 LEU A CB  1 
ATOM   819  C CG  . LEU A 1 143 ? -8.350  6.437   -4.304  1.00 68.00  ? 505 LEU A CG  1 
ATOM   820  C CD1 . LEU A 1 143 ? -8.740  7.904   -4.310  1.00 71.69  ? 505 LEU A CD1 1 
ATOM   821  C CD2 . LEU A 1 143 ? -8.204  5.913   -5.723  1.00 67.58  ? 505 LEU A CD2 1 
ATOM   822  N N   . LEU A 1 144 ? -4.265  4.052   -3.013  1.00 51.43  ? 506 LEU A N   1 
ATOM   823  C CA  . LEU A 1 144 ? -2.968  4.021   -2.353  1.00 53.31  ? 506 LEU A CA  1 
ATOM   824  C C   . LEU A 1 144 ? -2.101  5.154   -2.883  1.00 59.26  ? 506 LEU A C   1 
ATOM   825  O O   . LEU A 1 144 ? -1.711  5.159   -4.051  1.00 56.89  ? 506 LEU A O   1 
ATOM   826  C CB  . LEU A 1 144 ? -2.282  2.669   -2.556  1.00 57.66  ? 506 LEU A CB  1 
ATOM   827  C CG  . LEU A 1 144 ? -2.698  1.585   -1.554  1.00 59.66  ? 506 LEU A CG  1 
ATOM   828  C CD1 . LEU A 1 144 ? -4.160  1.196   -1.733  1.00 55.05  ? 506 LEU A CD1 1 
ATOM   829  C CD2 . LEU A 1 144 ? -1.797  0.365   -1.678  1.00 60.26  ? 506 LEU A CD2 1 
ATOM   830  N N   . LYS A 1 145 ? -1.816  6.119   -2.014  1.00 48.44  ? 507 LYS A N   1 
ATOM   831  C CA  . LYS A 1 145 ? -1.049  7.300   -2.388  1.00 59.88  ? 507 LYS A CA  1 
ATOM   832  C C   . LYS A 1 145 ? 0.435   7.107   -2.106  1.00 69.72  ? 507 LYS A C   1 
ATOM   833  O O   . LYS A 1 145 ? 0.833   6.908   -0.957  1.00 56.55  ? 507 LYS A O   1 
ATOM   834  C CB  . LYS A 1 145 ? -1.562  8.530   -1.633  1.00 59.82  ? 507 LYS A CB  1 
ATOM   835  C CG  . LYS A 1 145 ? -3.011  8.896   -1.923  1.00 61.67  ? 507 LYS A CG  1 
ATOM   836  C CD  . LYS A 1 145 ? -3.171  9.510   -3.304  1.00 63.32  ? 507 LYS A CD  1 
ATOM   837  C CE  . LYS A 1 145 ? -4.566  10.085  -3.496  1.00 80.81  ? 507 LYS A CE  1 
ATOM   838  N NZ  . LYS A 1 145 ? -4.744  10.711  -4.836  1.00 101.00 ? 507 LYS A NZ  1 
ATOM   839  N N   . PHE A 1 146 ? 1.246   7.156   -3.160  1.00 53.24  ? 508 PHE A N   1 
ATOM   840  C CA  . PHE A 1 146 ? 2.698   7.166   -3.019  1.00 51.41  ? 508 PHE A CA  1 
ATOM   841  C C   . PHE A 1 146 ? 3.209   8.574   -3.306  1.00 64.06  ? 508 PHE A C   1 
ATOM   842  O O   . PHE A 1 146 ? 3.426   8.954   -4.456  1.00 59.71  ? 508 PHE A O   1 
ATOM   843  C CB  . PHE A 1 146 ? 3.345   6.137   -3.947  1.00 56.20  ? 508 PHE A CB  1 
ATOM   844  C CG  . PHE A 1 146 ? 3.060   4.713   -3.557  1.00 53.95  ? 508 PHE A CG  1 
ATOM   845  C CD1 . PHE A 1 146 ? 3.655   4.159   -2.435  1.00 55.06  ? 508 PHE A CD1 1 
ATOM   846  C CD2 . PHE A 1 146 ? 2.195   3.930   -4.304  1.00 61.98  ? 508 PHE A CD2 1 
ATOM   847  C CE1 . PHE A 1 146 ? 3.395   2.852   -2.068  1.00 50.67  ? 508 PHE A CE1 1 
ATOM   848  C CE2 . PHE A 1 146 ? 1.932   2.622   -3.941  1.00 54.30  ? 508 PHE A CE2 1 
ATOM   849  C CZ  . PHE A 1 146 ? 2.534   2.083   -2.821  1.00 58.82  ? 508 PHE A CZ  1 
ATOM   850  N N   . ASP A 1 147 ? 3.400   9.334   -2.233  1.00 63.08  ? 509 ASP A N   1 
ATOM   851  C CA  . ASP A 1 147 ? 3.624   10.772  -2.316  1.00 59.50  ? 509 ASP A CA  1 
ATOM   852  C C   . ASP A 1 147 ? 5.102   11.141  -2.211  1.00 63.35  ? 509 ASP A C   1 
ATOM   853  O O   . ASP A 1 147 ? 5.717   10.990  -1.154  1.00 64.77  ? 509 ASP A O   1 
ATOM   854  C CB  . ASP A 1 147 ? 2.827   11.469  -1.210  1.00 68.56  ? 509 ASP A CB  1 
ATOM   855  C CG  . ASP A 1 147 ? 2.737   12.969  -1.400  1.00 59.18  ? 509 ASP A CG  1 
ATOM   856  O OD1 . ASP A 1 147 ? 3.784   13.622  -1.597  1.00 74.23  ? 509 ASP A OD1 1 
ATOM   857  O OD2 . ASP A 1 147 ? 1.607   13.496  -1.353  1.00 78.37  ? 509 ASP A OD2 1 
ATOM   858  N N   . ASN A 1 148 ? 5.656   11.636  -3.315  1.00 69.32  ? 510 ASN A N   1 
ATOM   859  C CA  . ASN A 1 148 ? 7.038   12.104  -3.359  1.00 65.75  ? 510 ASN A CA  1 
ATOM   860  C C   . ASN A 1 148 ? 7.080   13.580  -3.744  1.00 65.04  ? 510 ASN A C   1 
ATOM   861  O O   . ASN A 1 148 ? 7.987   14.028  -4.447  1.00 69.69  ? 510 ASN A O   1 
ATOM   862  C CB  . ASN A 1 148 ? 7.854   11.272  -4.351  1.00 68.00  ? 510 ASN A CB  1 
ATOM   863  C CG  . ASN A 1 148 ? 9.353   11.421  -4.150  1.00 65.42  ? 510 ASN A CG  1 
ATOM   864  O OD1 . ASN A 1 148 ? 9.833   11.512  -3.020  1.00 68.90  ? 510 ASN A OD1 1 
ATOM   865  N ND2 . ASN A 1 148 ? 10.098  11.450  -5.250  1.00 64.25  ? 510 ASN A ND2 1 
ATOM   866  N N   . SER A 1 149 ? 6.088   14.331  -3.278  1.00 65.99  ? 511 SER A N   1 
ATOM   867  C CA  . SER A 1 149 ? 5.939   15.732  -3.654  1.00 71.13  ? 511 SER A CA  1 
ATOM   868  C C   . SER A 1 149 ? 6.968   16.627  -2.967  1.00 64.22  ? 511 SER A C   1 
ATOM   869  O O   . SER A 1 149 ? 7.248   17.729  -3.434  1.00 66.54  ? 511 SER A O   1 
ATOM   870  C CB  . SER A 1 149 ? 4.526   16.219  -3.320  1.00 68.15  ? 511 SER A CB  1 
ATOM   871  O OG  . SER A 1 149 ? 4.323   16.276  -1.918  1.00 82.64  ? 511 SER A OG  1 
ATOM   872  N N   . TYR A 1 150 ? 7.530   16.140  -1.864  1.00 69.76  ? 512 TYR A N   1 
ATOM   873  C CA  . TYR A 1 150 ? 8.452   16.927  -1.047  1.00 71.49  ? 512 TYR A CA  1 
ATOM   874  C C   . TYR A 1 150 ? 9.903   16.793  -1.508  1.00 71.86  ? 512 TYR A C   1 
ATOM   875  O O   . TYR A 1 150 ? 10.770  17.555  -1.076  1.00 72.56  ? 512 TYR A O   1 
ATOM   876  C CB  . TYR A 1 150 ? 8.342   16.508  0.422   1.00 67.76  ? 512 TYR A CB  1 
ATOM   877  C CG  . TYR A 1 150 ? 8.673   15.052  0.670   1.00 65.53  ? 512 TYR A CG  1 
ATOM   878  C CD1 . TYR A 1 150 ? 7.697   14.070  0.555   1.00 68.12  ? 512 TYR A CD1 1 
ATOM   879  C CD2 . TYR A 1 150 ? 9.959   14.661  1.015   1.00 63.66  ? 512 TYR A CD2 1 
ATOM   880  C CE1 . TYR A 1 150 ? 7.994   12.741  0.775   1.00 73.23  ? 512 TYR A CE1 1 
ATOM   881  C CE2 . TYR A 1 150 ? 10.265  13.333  1.239   1.00 77.52  ? 512 TYR A CE2 1 
ATOM   882  C CZ  . TYR A 1 150 ? 9.278   12.377  1.119   1.00 81.66  ? 512 TYR A CZ  1 
ATOM   883  O OH  . TYR A 1 150 ? 9.576   11.052  1.341   1.00 65.74  ? 512 TYR A OH  1 
ATOM   884  N N   . SER A 1 151 ? 10.164  15.824  -2.379  1.00 67.96  ? 513 SER A N   1 
ATOM   885  C CA  . SER A 1 151 ? 11.521  15.550  -2.840  1.00 68.43  ? 513 SER A CA  1 
ATOM   886  C C   . SER A 1 151 ? 11.878  16.379  -4.069  1.00 62.44  ? 513 SER A C   1 
ATOM   887  O O   . SER A 1 151 ? 11.191  16.321  -5.088  1.00 70.52  ? 513 SER A O   1 
ATOM   888  C CB  . SER A 1 151 ? 11.683  14.064  -3.158  1.00 74.75  ? 513 SER A CB  1 
ATOM   889  O OG  . SER A 1 151 ? 12.985  13.788  -3.644  1.00 68.10  ? 513 SER A OG  1 
ATOM   890  N N   . LEU A 1 152 ? 12.964  17.139  -3.969  1.00 61.31  ? 514 LEU A N   1 
ATOM   891  C CA  . LEU A 1 152 ? 13.412  17.983  -5.069  1.00 66.72  ? 514 LEU A CA  1 
ATOM   892  C C   . LEU A 1 152 ? 14.285  17.232  -6.067  1.00 58.54  ? 514 LEU A C   1 
ATOM   893  O O   . LEU A 1 152 ? 14.210  17.485  -7.269  1.00 69.81  ? 514 LEU A O   1 
ATOM   894  C CB  . LEU A 1 152 ? 14.191  19.190  -4.538  1.00 68.80  ? 514 LEU A CB  1 
ATOM   895  C CG  . LEU A 1 152 ? 13.405  20.286  -3.816  1.00 66.55  ? 514 LEU A CG  1 
ATOM   896  C CD1 . LEU A 1 152 ? 14.354  21.360  -3.309  1.00 68.64  ? 514 LEU A CD1 1 
ATOM   897  C CD2 . LEU A 1 152 ? 12.351  20.897  -4.724  1.00 58.95  ? 514 LEU A CD2 1 
ATOM   898  N N   . TRP A 1 153 ? 15.108  16.311  -5.570  1.00 61.79  ? 515 TRP A N   1 
ATOM   899  C CA  . TRP A 1 153 ? 16.174  15.724  -6.378  1.00 67.27  ? 515 TRP A CA  1 
ATOM   900  C C   . TRP A 1 153 ? 16.162  14.195  -6.415  1.00 70.17  ? 515 TRP A C   1 
ATOM   901  O O   . TRP A 1 153 ? 16.847  13.592  -7.243  1.00 77.84  ? 515 TRP A O   1 
ATOM   902  C CB  . TRP A 1 153 ? 17.528  16.212  -5.855  1.00 63.28  ? 515 TRP A CB  1 
ATOM   903  C CG  . TRP A 1 153 ? 17.529  17.674  -5.514  1.00 70.09  ? 515 TRP A CG  1 
ATOM   904  C CD1 . TRP A 1 153 ? 17.692  18.226  -4.276  1.00 65.38  ? 515 TRP A CD1 1 
ATOM   905  C CD2 . TRP A 1 153 ? 17.341  18.768  -6.421  1.00 67.86  ? 515 TRP A CD2 1 
ATOM   906  N NE1 . TRP A 1 153 ? 17.625  19.597  -4.358  1.00 66.91  ? 515 TRP A NE1 1 
ATOM   907  C CE2 . TRP A 1 153 ? 17.410  19.954  -5.663  1.00 68.11  ? 515 TRP A CE2 1 
ATOM   908  C CE3 . TRP A 1 153 ? 17.123  18.860  -7.798  1.00 77.63  ? 515 TRP A CE3 1 
ATOM   909  C CZ2 . TRP A 1 153 ? 17.270  21.217  -6.236  1.00 76.41  ? 515 TRP A CZ2 1 
ATOM   910  C CZ3 . TRP A 1 153 ? 16.983  20.115  -8.366  1.00 81.41  ? 515 TRP A CZ3 1 
ATOM   911  C CH2 . TRP A 1 153 ? 17.058  21.275  -7.586  1.00 74.89  ? 515 TRP A CH2 1 
ATOM   912  N N   . ARG A 1 154 ? 15.386  13.572  -5.531  1.00 70.05  ? 516 ARG A N   1 
ATOM   913  C CA  . ARG A 1 154 ? 15.385  12.115  -5.413  1.00 62.98  ? 516 ARG A CA  1 
ATOM   914  C C   . ARG A 1 154 ? 14.102  11.475  -5.930  1.00 60.03  ? 516 ARG A C   1 
ATOM   915  O O   . ARG A 1 154 ? 13.009  11.759  -5.440  1.00 67.96  ? 516 ARG A O   1 
ATOM   916  C CB  . ARG A 1 154 ? 15.601  11.699  -3.954  1.00 74.57  ? 516 ARG A CB  1 
ATOM   917  C CG  . ARG A 1 154 ? 16.794  12.358  -3.285  1.00 82.25  ? 516 ARG A CG  1 
ATOM   918  C CD  . ARG A 1 154 ? 18.096  12.028  -3.996  1.00 64.66  ? 516 ARG A CD  1 
ATOM   919  N NE  . ARG A 1 154 ? 19.188  12.888  -3.555  1.00 74.31  ? 516 ARG A NE  1 
ATOM   920  C CZ  . ARG A 1 154 ? 20.418  12.851  -4.057  1.00 71.46  ? 516 ARG A CZ  1 
ATOM   921  N NH1 . ARG A 1 154 ? 20.722  11.992  -5.021  1.00 78.74  ? 516 ARG A NH1 1 
ATOM   922  N NH2 . ARG A 1 154 ? 21.346  13.674  -3.592  1.00 60.87  ? 516 ARG A NH2 1 
ATOM   923  N N   . SER A 1 155 ? 14.251  10.611  -6.929  1.00 57.50  ? 517 SER A N   1 
ATOM   924  C CA  . SER A 1 155 ? 13.161  9.755   -7.374  1.00 68.32  ? 517 SER A CA  1 
ATOM   925  C C   . SER A 1 155 ? 13.083  8.553   -6.443  1.00 69.14  ? 517 SER A C   1 
ATOM   926  O O   . SER A 1 155 ? 14.081  8.183   -5.824  1.00 67.52  ? 517 SER A O   1 
ATOM   927  C CB  . SER A 1 155 ? 13.369  9.306   -8.821  1.00 57.94  ? 517 SER A CB  1 
ATOM   928  O OG  . SER A 1 155 ? 13.243  10.396  -9.717  1.00 89.98  ? 517 SER A OG  1 
ATOM   929  N N   . LYS A 1 156 ? 11.903  7.947   -6.347  1.00 61.35  ? 518 LYS A N   1 
ATOM   930  C CA  . LYS A 1 156 ? 11.687  6.826   -5.437  1.00 57.60  ? 518 LYS A CA  1 
ATOM   931  C C   . LYS A 1 156 ? 11.241  5.574   -6.185  1.00 65.92  ? 518 LYS A C   1 
ATOM   932  O O   . LYS A 1 156 ? 10.210  5.570   -6.859  1.00 62.25  ? 518 LYS A O   1 
ATOM   933  C CB  . LYS A 1 156 ? 10.650  7.197   -4.374  1.00 62.36  ? 518 LYS A CB  1 
ATOM   934  C CG  . LYS A 1 156 ? 10.945  8.503   -3.645  1.00 63.55  ? 518 LYS A CG  1 
ATOM   935  C CD  . LYS A 1 156 ? 12.270  8.462   -2.901  1.00 60.39  ? 518 LYS A CD  1 
ATOM   936  C CE  . LYS A 1 156 ? 12.625  9.827   -2.335  1.00 73.09  ? 518 LYS A CE  1 
ATOM   937  N NZ  . LYS A 1 156 ? 11.606  10.324  -1.372  1.00 73.22  ? 518 LYS A NZ  1 
ATOM   938  N N   . SER A 1 157 ? 12.036  4.515   -6.061  1.00 75.65  ? 519 SER A N   1 
ATOM   939  C CA  . SER A 1 157 ? 11.689  3.217   -6.625  1.00 73.95  ? 519 SER A CA  1 
ATOM   940  C C   . SER A 1 157 ? 10.795  2.466   -5.645  1.00 71.57  ? 519 SER A C   1 
ATOM   941  O O   . SER A 1 157 ? 11.188  2.220   -4.506  1.00 66.52  ? 519 SER A O   1 
ATOM   942  C CB  . SER A 1 157 ? 12.952  2.412   -6.935  1.00 77.57  ? 519 SER A CB  1 
ATOM   943  O OG  . SER A 1 157 ? 12.627  1.125   -7.430  1.00 105.65 ? 519 SER A OG  1 
ATOM   944  N N   . VAL A 1 158 ? 9.595   2.106   -6.093  1.00 68.59  ? 520 VAL A N   1 
ATOM   945  C CA  . VAL A 1 158 ? 8.575   1.533   -5.219  1.00 67.44  ? 520 VAL A CA  1 
ATOM   946  C C   . VAL A 1 158 ? 8.206   0.114   -5.637  1.00 72.40  ? 520 VAL A C   1 
ATOM   947  O O   . VAL A 1 158 ? 7.757   -0.116  -6.758  1.00 80.51  ? 520 VAL A O   1 
ATOM   948  C CB  . VAL A 1 158 ? 7.299   2.417   -5.209  1.00 75.42  ? 520 VAL A CB  1 
ATOM   949  C CG1 . VAL A 1 158 ? 6.123   1.718   -4.515  1.00 56.93  ? 520 VAL A CG1 1 
ATOM   950  C CG2 . VAL A 1 158 ? 7.589   3.746   -4.542  1.00 62.22  ? 520 VAL A CG2 1 
ATOM   951  N N   . TYR A 1 159 ? 8.397   -0.826  -4.717  1.00 70.43  ? 521 TYR A N   1 
ATOM   952  C CA  . TYR A 1 159 ? 7.935   -2.198  -4.882  1.00 76.81  ? 521 TYR A CA  1 
ATOM   953  C C   . TYR A 1 159 ? 6.669   -2.367  -4.056  1.00 62.53  ? 521 TYR A C   1 
ATOM   954  O O   . TYR A 1 159 ? 6.626   -1.930  -2.911  1.00 75.48  ? 521 TYR A O   1 
ATOM   955  C CB  . TYR A 1 159 ? 9.010   -3.191  -4.437  1.00 70.24  ? 521 TYR A CB  1 
ATOM   956  C CG  . TYR A 1 159 ? 10.382  -2.893  -4.995  1.00 75.93  ? 521 TYR A CG  1 
ATOM   957  C CD1 . TYR A 1 159 ? 11.235  -2.003  -4.356  1.00 76.53  ? 521 TYR A CD1 1 
ATOM   958  C CD2 . TYR A 1 159 ? 10.824  -3.498  -6.164  1.00 84.63  ? 521 TYR A CD2 1 
ATOM   959  C CE1 . TYR A 1 159 ? 12.489  -1.727  -4.862  1.00 73.54  ? 521 TYR A CE1 1 
ATOM   960  C CE2 . TYR A 1 159 ? 12.075  -3.228  -6.677  1.00 84.31  ? 521 TYR A CE2 1 
ATOM   961  C CZ  . TYR A 1 159 ? 12.904  -2.343  -6.024  1.00 77.00  ? 521 TYR A CZ  1 
ATOM   962  O OH  . TYR A 1 159 ? 14.150  -2.076  -6.540  1.00 89.06  ? 521 TYR A OH  1 
ATOM   963  N N   . TYR A 1 160 ? 5.638   -2.987  -4.625  1.00 73.79  ? 522 TYR A N   1 
ATOM   964  C CA  . TYR A 1 160 ? 4.363   -3.101  -3.922  1.00 64.84  ? 522 TYR A CA  1 
ATOM   965  C C   . TYR A 1 160 ? 3.497   -4.268  -4.396  1.00 65.31  ? 522 TYR A C   1 
ATOM   966  O O   . TYR A 1 160 ? 3.594   -4.712  -5.541  1.00 78.90  ? 522 TYR A O   1 
ATOM   967  C CB  . TYR A 1 160 ? 3.574   -1.798  -4.067  1.00 64.17  ? 522 TYR A CB  1 
ATOM   968  C CG  . TYR A 1 160 ? 2.841   -1.667  -5.385  1.00 75.08  ? 522 TYR A CG  1 
ATOM   969  C CD1 . TYR A 1 160 ? 3.523   -1.366  -6.556  1.00 73.17  ? 522 TYR A CD1 1 
ATOM   970  C CD2 . TYR A 1 160 ? 1.465   -1.839  -5.455  1.00 73.67  ? 522 TYR A CD2 1 
ATOM   971  C CE1 . TYR A 1 160 ? 2.856   -1.247  -7.760  1.00 77.71  ? 522 TYR A CE1 1 
ATOM   972  C CE2 . TYR A 1 160 ? 0.788   -1.718  -6.654  1.00 72.08  ? 522 TYR A CE2 1 
ATOM   973  C CZ  . TYR A 1 160 ? 1.488   -1.422  -7.803  1.00 69.68  ? 522 TYR A CZ  1 
ATOM   974  O OH  . TYR A 1 160 ? 0.817   -1.303  -8.997  1.00 70.93  ? 522 TYR A OH  1 
ATOM   975  N N   . ARG A 1 161 ? 2.649   -4.746  -3.490  1.00 60.55  ? 523 ARG A N   1 
ATOM   976  C CA  . ARG A 1 161 ? 1.652   -5.771  -3.785  1.00 68.40  ? 523 ARG A CA  1 
ATOM   977  C C   . ARG A 1 161 ? 0.338   -5.414  -3.092  1.00 65.78  ? 523 ARG A C   1 
ATOM   978  O O   . ARG A 1 161 ? 0.345   -4.944  -1.954  1.00 65.13  ? 523 ARG A O   1 
ATOM   979  C CB  . ARG A 1 161 ? 2.128   -7.151  -3.320  1.00 73.33  ? 523 ARG A CB  1 
ATOM   980  C CG  . ARG A 1 161 ? 3.200   -7.796  -4.193  1.00 81.38  ? 523 ARG A CG  1 
ATOM   981  C CD  . ARG A 1 161 ? 2.626   -8.907  -5.066  1.00 99.56  ? 523 ARG A CD  1 
ATOM   982  N NE  . ARG A 1 161 ? 3.673   -9.755  -5.637  1.00 117.26 ? 523 ARG A NE  1 
ATOM   983  C CZ  . ARG A 1 161 ? 4.160   -10.852 -5.060  1.00 126.37 ? 523 ARG A CZ  1 
ATOM   984  N NH1 . ARG A 1 161 ? 3.705   -11.259 -3.880  1.00 133.07 ? 523 ARG A NH1 1 
ATOM   985  N NH2 . ARG A 1 161 ? 5.111   -11.549 -5.667  1.00 118.13 ? 523 ARG A NH2 1 
ATOM   986  N N   . VAL A 1 162 ? -0.782  -5.626  -3.783  1.00 58.49  ? 524 VAL A N   1 
ATOM   987  C CA  . VAL A 1 162 ? -2.108  -5.437  -3.194  1.00 63.91  ? 524 VAL A CA  1 
ATOM   988  C C   . VAL A 1 162 ? -2.917  -6.724  -3.319  1.00 67.09  ? 524 VAL A C   1 
ATOM   989  O O   . VAL A 1 162 ? -2.778  -7.452  -4.305  1.00 64.43  ? 524 VAL A O   1 
ATOM   990  C CB  . VAL A 1 162 ? -2.873  -4.269  -3.859  1.00 71.81  ? 524 VAL A CB  1 
ATOM   991  C CG1 . VAL A 1 162 ? -2.226  -2.944  -3.495  1.00 55.46  ? 524 VAL A CG1 1 
ATOM   992  C CG2 . VAL A 1 162 ? -2.934  -4.445  -5.373  1.00 69.31  ? 524 VAL A CG2 1 
ATOM   993  N N   . TYR A 1 163 ? -3.755  -7.005  -2.321  1.00 68.18  ? 525 TYR A N   1 
ATOM   994  C CA  . TYR A 1 163 ? -4.486  -8.270  -2.270  1.00 68.22  ? 525 TYR A CA  1 
ATOM   995  C C   . TYR A 1 163 ? -5.959  -8.123  -1.893  1.00 63.15  ? 525 TYR A C   1 
ATOM   996  O O   . TYR A 1 163 ? -6.490  -7.020  -1.788  1.00 68.62  ? 525 TYR A O   1 
ATOM   997  C CB  . TYR A 1 163 ? -3.842  -9.227  -1.263  1.00 64.82  ? 525 TYR A CB  1 
ATOM   998  C CG  . TYR A 1 163 ? -2.348  -9.396  -1.380  1.00 63.34  ? 525 TYR A CG  1 
ATOM   999  C CD1 . TYR A 1 163 ? -1.801  -10.346 -2.231  1.00 72.16  ? 525 TYR A CD1 1 
ATOM   1000 C CD2 . TYR A 1 163 ? -1.486  -8.627  -0.613  1.00 59.03  ? 525 TYR A CD2 1 
ATOM   1001 C CE1 . TYR A 1 163 ? -0.434  -10.513 -2.326  1.00 71.51  ? 525 TYR A CE1 1 
ATOM   1002 C CE2 . TYR A 1 163 ? -0.117  -8.787  -0.701  1.00 69.23  ? 525 TYR A CE2 1 
ATOM   1003 C CZ  . TYR A 1 163 ? 0.404   -9.731  -1.558  1.00 67.45  ? 525 TYR A CZ  1 
ATOM   1004 O OH  . TYR A 1 163 ? 1.767   -9.889  -1.646  1.00 73.58  ? 525 TYR A OH  1 
ATOM   1005 N N   . TYR A 1 164 ? -6.601  -9.270  -1.695  1.00 68.67  ? 526 TYR A N   1 
ATOM   1006 C CA  . TYR A 1 164 ? -7.936  -9.342  -1.120  1.00 73.15  ? 526 TYR A CA  1 
ATOM   1007 C C   . TYR A 1 164 ? -8.119  -10.716 -0.478  1.00 74.21  ? 526 TYR A C   1 
ATOM   1008 O O   . TYR A 1 164 ? -7.472  -11.682 -0.885  1.00 75.35  ? 526 TYR A O   1 
ATOM   1009 C CB  . TYR A 1 164 ? -9.012  -9.091  -2.179  1.00 80.82  ? 526 TYR A CB  1 
ATOM   1010 C CG  . TYR A 1 164 ? -9.151  -10.208 -3.187  1.00 81.32  ? 526 TYR A CG  1 
ATOM   1011 C CD1 . TYR A 1 164 ? -10.178 -11.137 -3.084  1.00 85.90  ? 526 TYR A CD1 1 
ATOM   1012 C CD2 . TYR A 1 164 ? -8.252  -10.338 -4.237  1.00 77.45  ? 526 TYR A CD2 1 
ATOM   1013 C CE1 . TYR A 1 164 ? -10.309 -12.161 -4.001  1.00 83.64  ? 526 TYR A CE1 1 
ATOM   1014 C CE2 . TYR A 1 164 ? -8.375  -11.359 -5.159  1.00 78.26  ? 526 TYR A CE2 1 
ATOM   1015 C CZ  . TYR A 1 164 ? -9.404  -12.269 -5.036  1.00 87.17  ? 526 TYR A CZ  1 
ATOM   1016 O OH  . TYR A 1 164 ? -9.528  -13.287 -5.951  1.00 82.90  ? 526 TYR A OH  1 
ATOM   1017 N N   . THR A 1 165 ? -8.988  -10.796 0.527   1.00 72.15  ? 527 THR A N   1 
ATOM   1018 C CA  . THR A 1 165 ? -9.262  -12.059 1.211   1.00 75.63  ? 527 THR A CA  1 
ATOM   1019 C C   . THR A 1 165 ? -10.717 -12.467 1.022   1.00 81.15  ? 527 THR A C   1 
ATOM   1020 O O   . THR A 1 165 ? -11.609 -11.621 1.010   1.00 89.18  ? 527 THR A O   1 
ATOM   1021 C CB  . THR A 1 165 ? -8.965  -11.971 2.722   1.00 82.55  ? 527 THR A CB  1 
ATOM   1022 O OG1 . THR A 1 165 ? -9.888  -11.072 3.348   1.00 79.54  ? 527 THR A OG1 1 
ATOM   1023 C CG2 . THR A 1 165 ? -7.545  -11.491 2.964   1.00 66.17  ? 527 THR A CG2 1 
ATOM   1024 N N   . ARG A 1 166 ? -10.951 -13.769 0.890   1.00 90.51  ? 528 ARG A N   1 
ATOM   1025 C CA  . ARG A 1 166 ? -12.297 -14.289 0.678   1.00 95.33  ? 528 ARG A CA  1 
ATOM   1026 C C   . ARG A 1 166 ? -13.100 -14.280 1.974   1.00 98.18  ? 528 ARG A C   1 
ATOM   1027 O O   . ARG A 1 166 ? -14.239 -13.812 2.009   1.00 83.52  ? 528 ARG A O   1 
ATOM   1028 C CB  . ARG A 1 166 ? -12.235 -15.707 0.107   1.00 78.89  ? 528 ARG A CB  1 
ATOM   1029 N N   . SER B 2 4   ? 3.047   17.645  -10.112 1.00 70.90  ? 4   SER B N   1 
ATOM   1030 C CA  . SER B 2 4   ? 3.010   16.486  -10.998 1.00 83.48  ? 4   SER B CA  1 
ATOM   1031 C C   . SER B 2 4   ? 2.221   15.334  -10.380 1.00 87.73  ? 4   SER B C   1 
ATOM   1032 O O   . SER B 2 4   ? 2.309   15.086  -9.176  1.00 70.38  ? 4   SER B O   1 
ATOM   1033 C CB  . SER B 2 4   ? 4.428   16.024  -11.329 1.00 74.23  ? 4   SER B CB  1 
ATOM   1034 O OG  . SER B 2 4   ? 4.402   14.913  -12.209 1.00 70.79  ? 4   SER B OG  1 
ATOM   1035 N N   . GLU B 2 5   ? 1.461   14.629  -11.214 1.00 91.55  ? 5   GLU B N   1 
ATOM   1036 C CA  . GLU B 2 5   ? 0.605   13.541  -10.749 1.00 68.30  ? 5   GLU B CA  1 
ATOM   1037 C C   . GLU B 2 5   ? 0.511   12.399  -11.754 1.00 71.74  ? 5   GLU B C   1 
ATOM   1038 O O   . GLU B 2 5   ? 0.698   12.591  -12.956 1.00 87.78  ? 5   GLU B O   1 
ATOM   1039 C CB  . GLU B 2 5   ? -0.800  14.064  -10.451 1.00 73.42  ? 5   GLU B CB  1 
ATOM   1040 C CG  . GLU B 2 5   ? -0.924  14.808  -9.135  1.00 90.27  ? 5   GLU B CG  1 
ATOM   1041 C CD  . GLU B 2 5   ? -2.302  15.410  -8.936  1.00 103.60 ? 5   GLU B CD  1 
ATOM   1042 O OE1 . GLU B 2 5   ? -2.401  16.473  -8.289  1.00 112.93 ? 5   GLU B OE1 1 
ATOM   1043 O OE2 . GLU B 2 5   ? -3.286  14.816  -9.424  1.00 98.68  ? 5   GLU B OE2 1 
ATOM   1044 N N   . ARG B 2 6   ? 0.215   11.211  -11.239 1.00 79.09  ? 6   ARG B N   1 
ATOM   1045 C CA  . ARG B 2 6   ? -0.016  10.030  -12.060 1.00 73.40  ? 6   ARG B CA  1 
ATOM   1046 C C   . ARG B 2 6   ? -1.071  9.154   -11.398 1.00 81.14  ? 6   ARG B C   1 
ATOM   1047 O O   . ARG B 2 6   ? -1.299  9.255   -10.191 1.00 82.92  ? 6   ARG B O   1 
ATOM   1048 C CB  . ARG B 2 6   ? 1.276   9.237   -12.258 1.00 79.42  ? 6   ARG B CB  1 
ATOM   1049 C CG  . ARG B 2 6   ? 1.806   9.243   -13.679 1.00 95.56  ? 6   ARG B CG  1 
ATOM   1050 C CD  . ARG B 2 6   ? 2.799   8.112   -13.889 1.00 83.29  ? 6   ARG B CD  1 
ATOM   1051 N NE  . ARG B 2 6   ? 3.963   8.234   -13.015 1.00 79.02  ? 6   ARG B NE  1 
ATOM   1052 C CZ  . ARG B 2 6   ? 4.761   7.226   -12.674 1.00 82.59  ? 6   ARG B CZ  1 
ATOM   1053 N NH1 . ARG B 2 6   ? 4.528   5.999   -13.120 1.00 74.65  ? 6   ARG B NH1 1 
ATOM   1054 N NH2 . ARG B 2 6   ? 5.796   7.445   -11.874 1.00 80.38  ? 6   ARG B NH2 1 
ATOM   1055 N N   . THR B 2 7   ? -1.713  8.297   -12.186 1.00 71.06  ? 7   THR B N   1 
ATOM   1056 C CA  . THR B 2 7   ? -2.728  7.393   -11.658 1.00 72.52  ? 7   THR B CA  1 
ATOM   1057 C C   . THR B 2 7   ? -2.930  6.198   -12.581 1.00 79.18  ? 7   THR B C   1 
ATOM   1058 O O   . THR B 2 7   ? -2.994  6.345   -13.801 1.00 90.33  ? 7   THR B O   1 
ATOM   1059 C CB  . THR B 2 7   ? -4.086  8.111   -11.465 1.00 72.43  ? 7   THR B CB  1 
ATOM   1060 O OG1 . THR B 2 7   ? -3.919  9.240   -10.599 1.00 74.07  ? 7   THR B OG1 1 
ATOM   1061 C CG2 . THR B 2 7   ? -5.126  7.166   -10.863 1.00 73.23  ? 7   THR B CG2 1 
ATOM   1062 N N   . PHE B 2 8   ? -3.025  5.012   -11.986 1.00 75.43  ? 8   PHE B N   1 
ATOM   1063 C CA  . PHE B 2 8   ? -3.389  3.812   -12.730 1.00 80.24  ? 8   PHE B CA  1 
ATOM   1064 C C   . PHE B 2 8   ? -3.958  2.749   -11.798 1.00 68.97  ? 8   PHE B C   1 
ATOM   1065 O O   . PHE B 2 8   ? -3.814  2.834   -10.578 1.00 70.93  ? 8   PHE B O   1 
ATOM   1066 C CB  . PHE B 2 8   ? -2.188  3.256   -13.498 1.00 71.57  ? 8   PHE B CB  1 
ATOM   1067 C CG  . PHE B 2 8   ? -0.999  2.958   -12.635 1.00 77.72  ? 8   PHE B CG  1 
ATOM   1068 C CD1 . PHE B 2 8   ? -0.035  3.924   -12.405 1.00 61.67  ? 8   PHE B CD1 1 
ATOM   1069 C CD2 . PHE B 2 8   ? -0.837  1.706   -12.063 1.00 76.75  ? 8   PHE B CD2 1 
ATOM   1070 C CE1 . PHE B 2 8   ? 1.064   3.653   -11.618 1.00 64.35  ? 8   PHE B CE1 1 
ATOM   1071 C CE2 . PHE B 2 8   ? 0.260   1.429   -11.274 1.00 86.31  ? 8   PHE B CE2 1 
ATOM   1072 C CZ  . PHE B 2 8   ? 1.212   2.403   -11.051 1.00 88.45  ? 8   PHE B CZ  1 
ATOM   1073 N N   . GLU B 2 9   ? -4.603  1.748   -12.390 1.00 75.85  ? 9   GLU B N   1 
ATOM   1074 C CA  . GLU B 2 9   ? -5.313  0.721   -11.637 1.00 74.88  ? 9   GLU B CA  1 
ATOM   1075 C C   . GLU B 2 9   ? -4.498  -0.567  -11.542 1.00 73.50  ? 9   GLU B C   1 
ATOM   1076 O O   . GLU B 2 9   ? -3.737  -0.899  -12.451 1.00 69.43  ? 9   GLU B O   1 
ATOM   1077 C CB  . GLU B 2 9   ? -6.672  0.445   -12.289 1.00 81.33  ? 9   GLU B CB  1 
ATOM   1078 C CG  . GLU B 2 9   ? -7.461  -0.700  -11.665 1.00 86.65  ? 9   GLU B CG  1 
ATOM   1079 C CD  . GLU B 2 9   ? -8.847  -0.855  -12.272 1.00 90.75  ? 9   GLU B CD  1 
ATOM   1080 O OE1 . GLU B 2 9   ? -9.358  0.123   -12.857 1.00 92.65  ? 9   GLU B OE1 1 
ATOM   1081 O OE2 . GLU B 2 9   ? -9.423  -1.958  -12.170 1.00 92.64  ? 9   GLU B OE2 1 
ATOM   1082 N N   . THR B 2 10  ? -4.664  -1.280  -10.432 1.00 70.92  ? 10  THR B N   1 
ATOM   1083 C CA  . THR B 2 10  ? -3.997  -2.563  -10.230 1.00 70.26  ? 10  THR B CA  1 
ATOM   1084 C C   . THR B 2 10  ? -4.943  -3.544  -9.546  1.00 69.26  ? 10  THR B C   1 
ATOM   1085 O O   . THR B 2 10  ? -5.464  -3.272  -8.465  1.00 77.58  ? 10  THR B O   1 
ATOM   1086 C CB  . THR B 2 10  ? -2.717  -2.410  -9.385  1.00 74.90  ? 10  THR B CB  1 
ATOM   1087 O OG1 . THR B 2 10  ? -1.847  -1.453  -10.001 1.00 80.93  ? 10  THR B OG1 1 
ATOM   1088 C CG2 . THR B 2 10  ? -1.988  -3.743  -9.255  1.00 70.88  ? 10  THR B CG2 1 
ATOM   1089 N N   . ALA B 2 11  ? -5.155  -4.689  -10.185 1.00 80.64  ? 11  ALA B N   1 
ATOM   1090 C CA  . ALA B 2 11  ? -6.060  -5.704  -9.661  1.00 73.87  ? 11  ALA B CA  1 
ATOM   1091 C C   . ALA B 2 11  ? -5.457  -6.396  -8.439  1.00 69.81  ? 11  ALA B C   1 
ATOM   1092 O O   . ALA B 2 11  ? -4.313  -6.848  -8.487  1.00 67.84  ? 11  ALA B O   1 
ATOM   1093 C CB  . ALA B 2 11  ? -6.383  -6.724  -10.736 1.00 81.88  ? 11  ALA B CB  1 
ATOM   1094 N N   . PRO B 2 12  ? -6.224  -6.483  -7.338  1.00 66.95  ? 12  PRO B N   1 
ATOM   1095 C CA  . PRO B 2 12  ? -5.705  -7.190  -6.163  1.00 70.33  ? 12  PRO B CA  1 
ATOM   1096 C C   . PRO B 2 12  ? -5.701  -8.704  -6.349  1.00 70.60  ? 12  PRO B C   1 
ATOM   1097 O O   . PRO B 2 12  ? -6.672  -9.261  -6.860  1.00 81.06  ? 12  PRO B O   1 
ATOM   1098 C CB  . PRO B 2 12  ? -6.673  -6.777  -5.052  1.00 71.04  ? 12  PRO B CB  1 
ATOM   1099 C CG  . PRO B 2 12  ? -7.947  -6.502  -5.758  1.00 77.21  ? 12  PRO B CG  1 
ATOM   1100 C CD  . PRO B 2 12  ? -7.566  -5.924  -7.092  1.00 74.07  ? 12  PRO B CD  1 
ATOM   1101 N N   . SER B 2 13  ? -4.616  -9.352  -5.939  1.00 74.62  ? 13  SER B N   1 
ATOM   1102 C CA  . SER B 2 13  ? -4.510  -10.806 -6.010  1.00 83.89  ? 13  SER B CA  1 
ATOM   1103 C C   . SER B 2 13  ? -5.113  -11.438 -4.760  1.00 71.90  ? 13  SER B C   1 
ATOM   1104 O O   . SER B 2 13  ? -5.194  -10.798 -3.716  1.00 72.06  ? 13  SER B O   1 
ATOM   1105 C CB  . SER B 2 13  ? -3.049  -11.231 -6.161  1.00 62.60  ? 13  SER B CB  1 
ATOM   1106 O OG  . SER B 2 13  ? -2.435  -10.561 -7.247  1.00 73.72  ? 13  SER B OG  1 
ATOM   1107 N N   . GLU B 2 14  ? -5.539  -12.691 -4.859  1.00 72.51  ? 14  GLU B N   1 
ATOM   1108 C CA  . GLU B 2 14  ? -6.068  -13.379 -3.691  1.00 68.38  ? 14  GLU B CA  1 
ATOM   1109 C C   . GLU B 2 14  ? -4.919  -13.755 -2.770  1.00 68.36  ? 14  GLU B C   1 
ATOM   1110 O O   . GLU B 2 14  ? -3.883  -14.235 -3.230  1.00 72.22  ? 14  GLU B O   1 
ATOM   1111 C CB  . GLU B 2 14  ? -6.859  -14.625 -4.088  1.00 81.98  ? 14  GLU B CB  1 
ATOM   1112 C CG  . GLU B 2 14  ? -7.590  -15.271 -2.919  1.00 78.95  ? 14  GLU B CG  1 
ATOM   1113 C CD  . GLU B 2 14  ? -8.342  -16.528 -3.312  1.00 92.05  ? 14  GLU B CD  1 
ATOM   1114 O OE1 . GLU B 2 14  ? -8.055  -17.084 -4.394  1.00 98.83  ? 14  GLU B OE1 1 
ATOM   1115 O OE2 . GLU B 2 14  ? -9.223  -16.961 -2.539  1.00 88.54  ? 14  GLU B OE2 1 
ATOM   1116 N N   . ILE B 2 15  ? -5.103  -13.524 -1.473  1.00 70.91  ? 15  ILE B N   1 
ATOM   1117 C CA  . ILE B 2 15  ? -4.104  -13.901 -0.482  1.00 81.90  ? 15  ILE B CA  1 
ATOM   1118 C C   . ILE B 2 15  ? -4.725  -14.905 0.493   1.00 74.22  ? 15  ILE B C   1 
ATOM   1119 O O   . ILE B 2 15  ? -5.814  -14.684 1.024   1.00 60.83  ? 15  ILE B O   1 
ATOM   1120 C CB  . ILE B 2 15  ? -3.542  -12.653 0.263   1.00 63.14  ? 15  ILE B CB  1 
ATOM   1121 C CG1 . ILE B 2 15  ? -2.368  -13.045 1.165   1.00 80.38  ? 15  ILE B CG1 1 
ATOM   1122 C CG2 . ILE B 2 15  ? -4.630  -11.929 1.053   1.00 65.37  ? 15  ILE B CG2 1 
ATOM   1123 C CD1 . ILE B 2 15  ? -1.613  -11.856 1.750   1.00 77.96  ? 15  ILE B CD1 1 
ATOM   1124 N N   . ASP B 2 16  ? -4.039  -16.028 0.687   1.00 86.92  ? 16  ASP B N   1 
ATOM   1125 C CA  . ASP B 2 16  ? -4.523  -17.094 1.560   1.00 85.09  ? 16  ASP B CA  1 
ATOM   1126 C C   . ASP B 2 16  ? -4.324  -16.721 3.021   1.00 77.82  ? 16  ASP B C   1 
ATOM   1127 O O   . ASP B 2 16  ? -3.778  -15.665 3.331   1.00 72.43  ? 16  ASP B O   1 
ATOM   1128 C CB  . ASP B 2 16  ? -3.796  -18.409 1.264   1.00 85.49  ? 16  ASP B CB  1 
ATOM   1129 C CG  . ASP B 2 16  ? -3.788  -18.754 -0.209  1.00 114.76 ? 16  ASP B CG  1 
ATOM   1130 O OD1 . ASP B 2 16  ? -4.816  -18.529 -0.883  1.00 120.82 ? 16  ASP B OD1 1 
ATOM   1131 O OD2 . ASP B 2 16  ? -2.749  -19.251 -0.696  1.00 112.94 ? 16  ASP B OD2 1 
ATOM   1132 N N   . ALA B 2 17  ? -4.761  -17.598 3.916   1.00 87.73  ? 17  ALA B N   1 
ATOM   1133 C CA  . ALA B 2 17  ? -4.547  -17.394 5.342   1.00 73.56  ? 17  ALA B CA  1 
ATOM   1134 C C   . ALA B 2 17  ? -3.084  -17.650 5.691   1.00 74.06  ? 17  ALA B C   1 
ATOM   1135 O O   . ALA B 2 17  ? -2.481  -16.904 6.460   1.00 66.63  ? 17  ALA B O   1 
ATOM   1136 C CB  . ALA B 2 17  ? -5.458  -18.298 6.151   1.00 66.85  ? 17  ALA B CB  1 
ATOM   1137 N N   . ASP B 2 18  ? -2.520  -18.707 5.114   1.00 79.11  ? 18  ASP B N   1 
ATOM   1138 C CA  . ASP B 2 18  ? -1.120  -19.052 5.354   1.00 76.23  ? 18  ASP B CA  1 
ATOM   1139 C C   . ASP B 2 18  ? -0.181  -18.005 4.759   1.00 78.05  ? 18  ASP B C   1 
ATOM   1140 O O   . ASP B 2 18  ? 0.938   -17.829 5.239   1.00 76.84  ? 18  ASP B O   1 
ATOM   1141 C CB  . ASP B 2 18  ? -0.792  -20.439 4.784   1.00 84.21  ? 18  ASP B CB  1 
ATOM   1142 C CG  . ASP B 2 18  ? -1.358  -20.655 3.396   1.00 94.33  ? 18  ASP B CG  1 
ATOM   1143 O OD1 . ASP B 2 18  ? -2.540  -20.318 3.179   1.00 102.14 ? 18  ASP B OD1 1 
ATOM   1144 O OD2 . ASP B 2 18  ? -0.624  -21.167 2.524   1.00 108.99 ? 18  ASP B OD2 1 
ATOM   1145 N N   . GLU B 2 19  ? -0.634  -17.315 3.717   1.00 85.87  ? 19  GLU B N   1 
ATOM   1146 C CA  . GLU B 2 19  ? 0.137   -16.211 3.153   1.00 80.46  ? 19  GLU B CA  1 
ATOM   1147 C C   . GLU B 2 19  ? 0.193   -15.053 4.145   1.00 69.26  ? 19  GLU B C   1 
ATOM   1148 O O   . GLU B 2 19  ? 1.250   -14.460 4.365   1.00 65.79  ? 19  GLU B O   1 
ATOM   1149 C CB  . GLU B 2 19  ? -0.466  -15.739 1.829   1.00 95.70  ? 19  GLU B CB  1 
ATOM   1150 C CG  . GLU B 2 19  ? -0.259  -16.694 0.664   1.00 100.05 ? 19  GLU B CG  1 
ATOM   1151 C CD  . GLU B 2 19  ? -0.495  -16.028 -0.680  1.00 95.82  ? 19  GLU B CD  1 
ATOM   1152 O OE1 . GLU B 2 19  ? 0.217   -15.051 -0.996  1.00 85.71  ? 19  GLU B OE1 1 
ATOM   1153 O OE2 . GLU B 2 19  ? -1.396  -16.478 -1.421  1.00 87.78  ? 19  GLU B OE2 1 
ATOM   1154 N N   . VAL B 2 20  ? -0.955  -14.737 4.738   1.00 71.69  ? 20  VAL B N   1 
ATOM   1155 C CA  . VAL B 2 20  ? -1.038  -13.680 5.740   1.00 68.93  ? 20  VAL B CA  1 
ATOM   1156 C C   . VAL B 2 20  ? -0.171  -14.031 6.945   1.00 65.85  ? 20  VAL B C   1 
ATOM   1157 O O   . VAL B 2 20  ? 0.573   -13.189 7.448   1.00 60.86  ? 20  VAL B O   1 
ATOM   1158 C CB  . VAL B 2 20  ? -2.502  -13.445 6.190   1.00 60.18  ? 20  VAL B CB  1 
ATOM   1159 C CG1 . VAL B 2 20  ? -2.573  -12.490 7.378   1.00 77.79  ? 20  VAL B CG1 1 
ATOM   1160 C CG2 . VAL B 2 20  ? -3.317  -12.893 5.043   1.00 70.15  ? 20  VAL B CG2 1 
ATOM   1161 N N   . LEU B 2 21  ? -0.271  -15.275 7.404   1.00 68.90  ? 21  LEU B N   1 
ATOM   1162 C CA  . LEU B 2 21  ? 0.521   -15.732 8.540   1.00 67.93  ? 21  LEU B CA  1 
ATOM   1163 C C   . LEU B 2 21  ? 2.011   -15.668 8.222   1.00 65.48  ? 21  LEU B C   1 
ATOM   1164 O O   . LEU B 2 21  ? 2.813   -15.270 9.064   1.00 65.64  ? 21  LEU B O   1 
ATOM   1165 C CB  . LEU B 2 21  ? 0.129   -17.159 8.938   1.00 71.14  ? 21  LEU B CB  1 
ATOM   1166 C CG  . LEU B 2 21  ? -1.219  -17.341 9.643   1.00 64.97  ? 21  LEU B CG  1 
ATOM   1167 C CD1 . LEU B 2 21  ? -1.509  -18.819 9.844   1.00 65.68  ? 21  LEU B CD1 1 
ATOM   1168 C CD2 . LEU B 2 21  ? -1.257  -16.611 10.980  1.00 61.10  ? 21  LEU B CD2 1 
ATOM   1169 N N   . GLU B 2 22  ? 2.374   -16.059 7.004   1.00 73.87  ? 22  GLU B N   1 
ATOM   1170 C CA  . GLU B 2 22  ? 3.767   -16.032 6.571   1.00 86.42  ? 22  GLU B CA  1 
ATOM   1171 C C   . GLU B 2 22  ? 4.350   -14.627 6.702   1.00 87.52  ? 22  GLU B C   1 
ATOM   1172 O O   . GLU B 2 22  ? 5.478   -14.450 7.165   1.00 74.91  ? 22  GLU B O   1 
ATOM   1173 C CB  . GLU B 2 22  ? 3.886   -16.521 5.125   1.00 90.84  ? 22  GLU B CB  1 
ATOM   1174 C CG  . GLU B 2 22  ? 5.296   -16.460 4.556   1.00 112.12 ? 22  GLU B CG  1 
ATOM   1175 C CD  . GLU B 2 22  ? 5.342   -16.782 3.075   1.00 144.69 ? 22  GLU B CD  1 
ATOM   1176 O OE1 . GLU B 2 22  ? 4.406   -17.445 2.580   1.00 151.47 ? 22  GLU B OE1 1 
ATOM   1177 O OE2 . GLU B 2 22  ? 6.310   -16.367 2.404   1.00 137.65 ? 22  GLU B OE2 1 
ATOM   1178 N N   . ILE B 2 23  ? 3.569   -13.634 6.290   1.00 86.91  ? 23  ILE B N   1 
ATOM   1179 C CA  . ILE B 2 23  ? 3.996   -12.239 6.340   1.00 71.86  ? 23  ILE B CA  1 
ATOM   1180 C C   . ILE B 2 23  ? 4.028   -11.724 7.776   1.00 71.89  ? 23  ILE B C   1 
ATOM   1181 O O   . ILE B 2 23  ? 5.044   -11.205 8.234   1.00 66.62  ? 23  ILE B O   1 
ATOM   1182 C CB  . ILE B 2 23  ? 3.066   -11.339 5.488   1.00 64.22  ? 23  ILE B CB  1 
ATOM   1183 C CG1 . ILE B 2 23  ? 3.200   -11.701 4.007   1.00 65.56  ? 23  ILE B CG1 1 
ATOM   1184 C CG2 . ILE B 2 23  ? 3.397   -9.862  5.681   1.00 59.25  ? 23  ILE B CG2 1 
ATOM   1185 C CD1 . ILE B 2 23  ? 2.201   -11.008 3.096   1.00 63.58  ? 23  ILE B CD1 1 
ATOM   1186 N N   . LEU B 2 24  ? 2.912   -11.872 8.482   1.00 69.25  ? 24  LEU B N   1 
ATOM   1187 C CA  . LEU B 2 24  ? 2.751   -11.248 9.791   1.00 67.36  ? 24  LEU B CA  1 
ATOM   1188 C C   . LEU B 2 24  ? 3.554   -11.949 10.887  1.00 69.30  ? 24  LEU B C   1 
ATOM   1189 O O   . LEU B 2 24  ? 3.805   -11.367 11.942  1.00 62.86  ? 24  LEU B O   1 
ATOM   1190 C CB  . LEU B 2 24  ? 1.270   -11.213 10.175  1.00 66.49  ? 24  LEU B CB  1 
ATOM   1191 C CG  . LEU B 2 24  ? 0.364   -10.354 9.284   1.00 61.26  ? 24  LEU B CG  1 
ATOM   1192 C CD1 . LEU B 2 24  ? -1.084  -10.471 9.729   1.00 55.47  ? 24  LEU B CD1 1 
ATOM   1193 C CD2 . LEU B 2 24  ? 0.795   -8.892  9.282   1.00 59.14  ? 24  LEU B CD2 1 
ATOM   1194 N N   . SER B 2 25  ? 3.960   -13.191 10.641  1.00 73.48  ? 25  SER B N   1 
ATOM   1195 C CA  . SER B 2 25  ? 4.781   -13.918 11.605  1.00 71.44  ? 25  SER B CA  1 
ATOM   1196 C C   . SER B 2 25  ? 6.140   -13.249 11.778  1.00 69.54  ? 25  SER B C   1 
ATOM   1197 O O   . SER B 2 25  ? 6.815   -13.449 12.789  1.00 66.76  ? 25  SER B O   1 
ATOM   1198 C CB  . SER B 2 25  ? 4.970   -15.371 11.168  1.00 69.72  ? 25  SER B CB  1 
ATOM   1199 O OG  . SER B 2 25  ? 5.547   -15.443 9.877   1.00 84.71  ? 25  SER B OG  1 
ATOM   1200 N N   . LYS B 2 26  ? 6.531   -12.455 10.785  1.00 75.02  ? 26  LYS B N   1 
ATOM   1201 C CA  . LYS B 2 26  ? 7.819   -11.772 10.792  1.00 71.27  ? 26  LYS B CA  1 
ATOM   1202 C C   . LYS B 2 26  ? 7.669   -10.298 11.156  1.00 71.20  ? 26  LYS B C   1 
ATOM   1203 O O   . LYS B 2 26  ? 8.660   -9.611  11.406  1.00 65.29  ? 26  LYS B O   1 
ATOM   1204 C CB  . LYS B 2 26  ? 8.493   -11.892 9.421   1.00 63.91  ? 26  LYS B CB  1 
ATOM   1205 C CG  . LYS B 2 26  ? 8.460   -13.287 8.817   1.00 76.02  ? 26  LYS B CG  1 
ATOM   1206 C CD  . LYS B 2 26  ? 8.985   -13.274 7.391   1.00 91.16  ? 26  LYS B CD  1 
ATOM   1207 C CE  . LYS B 2 26  ? 8.916   -14.652 6.754   1.00 96.73  ? 26  LYS B CE  1 
ATOM   1208 N NZ  . LYS B 2 26  ? 9.296   -14.619 5.315   1.00 105.39 ? 26  LYS B NZ  1 
ATOM   1209 N N   . SER B 2 27  ? 6.429   -9.819  11.192  1.00 65.93  ? 27  SER B N   1 
ATOM   1210 C CA  . SER B 2 27  ? 6.167   -8.385  11.291  1.00 80.67  ? 27  SER B CA  1 
ATOM   1211 C C   . SER B 2 27  ? 5.771   -7.954  12.700  1.00 57.77  ? 27  SER B C   1 
ATOM   1212 O O   . SER B 2 27  ? 5.298   -8.763  13.496  1.00 63.86  ? 27  SER B O   1 
ATOM   1213 C CB  . SER B 2 27  ? 5.064   -7.985  10.307  1.00 67.76  ? 27  SER B CB  1 
ATOM   1214 O OG  . SER B 2 27  ? 5.267   -8.578  9.036   1.00 74.52  ? 27  SER B OG  1 
ATOM   1215 N N   . LYS B 2 28  ? 5.979   -6.673  12.994  1.00 67.51  ? 28  LYS B N   1 
ATOM   1216 C CA  . LYS B 2 28  ? 5.520   -6.069  14.242  1.00 61.38  ? 28  LYS B CA  1 
ATOM   1217 C C   . LYS B 2 28  ? 4.664   -4.838  13.935  1.00 62.27  ? 28  LYS B C   1 
ATOM   1218 O O   . LYS B 2 28  ? 4.825   -4.222  12.883  1.00 58.39  ? 28  LYS B O   1 
ATOM   1219 C CB  . LYS B 2 28  ? 6.706   -5.690  15.132  1.00 64.02  ? 28  LYS B CB  1 
ATOM   1220 C CG  . LYS B 2 28  ? 7.742   -4.806  14.456  1.00 75.53  ? 28  LYS B CG  1 
ATOM   1221 C CD  . LYS B 2 28  ? 8.908   -4.511  15.389  1.00 76.34  ? 28  LYS B CD  1 
ATOM   1222 C CE  . LYS B 2 28  ? 10.000  -3.711  14.692  1.00 88.86  ? 28  LYS B CE  1 
ATOM   1223 N NZ  . LYS B 2 28  ? 9.545   -2.349  14.288  1.00 98.30  ? 28  LYS B NZ  1 
ATOM   1224 N N   . PRO B 2 29  ? 3.749   -4.478  14.853  1.00 59.94  ? 29  PRO B N   1 
ATOM   1225 C CA  . PRO B 2 29  ? 2.832   -3.353  14.618  1.00 58.13  ? 29  PRO B CA  1 
ATOM   1226 C C   . PRO B 2 29  ? 3.539   -2.039  14.305  1.00 60.97  ? 29  PRO B C   1 
ATOM   1227 O O   . PRO B 2 29  ? 4.612   -1.774  14.849  1.00 58.33  ? 29  PRO B O   1 
ATOM   1228 C CB  . PRO B 2 29  ? 2.068   -3.239  15.940  1.00 58.23  ? 29  PRO B CB  1 
ATOM   1229 C CG  . PRO B 2 29  ? 2.154   -4.584  16.549  1.00 53.33  ? 29  PRO B CG  1 
ATOM   1230 C CD  . PRO B 2 29  ? 3.493   -5.127  16.151  1.00 53.44  ? 29  PRO B CD  1 
ATOM   1231 N N   . ALA B 2 30  ? 2.930   -1.238  13.435  1.00 55.57  ? 30  ALA B N   1 
ATOM   1232 C CA  . ALA B 2 30  ? 3.439   0.086   13.097  1.00 58.64  ? 30  ALA B CA  1 
ATOM   1233 C C   . ALA B 2 30  ? 2.328   1.119   13.253  1.00 68.74  ? 30  ALA B C   1 
ATOM   1234 O O   . ALA B 2 30  ? 1.147   0.774   13.171  1.00 69.12  ? 30  ALA B O   1 
ATOM   1235 C CB  . ALA B 2 30  ? 3.986   0.103   11.682  1.00 63.51  ? 30  ALA B CB  1 
ATOM   1236 N N   . PRO B 2 31  ? 2.695   2.390   13.486  1.00 66.14  ? 31  PRO B N   1 
ATOM   1237 C CA  . PRO B 2 31  ? 1.673   3.437   13.603  1.00 68.77  ? 31  PRO B CA  1 
ATOM   1238 C C   . PRO B 2 31  ? 0.869   3.620   12.320  1.00 74.35  ? 31  PRO B C   1 
ATOM   1239 O O   . PRO B 2 31  ? 1.441   3.633   11.228  1.00 67.47  ? 31  PRO B O   1 
ATOM   1240 C CB  . PRO B 2 31  ? 2.489   4.697   13.914  1.00 70.91  ? 31  PRO B CB  1 
ATOM   1241 C CG  . PRO B 2 31  ? 3.782   4.204   14.447  1.00 73.14  ? 31  PRO B CG  1 
ATOM   1242 C CD  . PRO B 2 31  ? 4.048   2.916   13.738  1.00 65.12  ? 31  PRO B CD  1 
ATOM   1243 N N   . THR B 2 32  ? -0.446  3.760   12.460  1.00 74.34  ? 32  THR B N   1 
ATOM   1244 C CA  . THR B 2 32  ? -1.325  3.983   11.318  1.00 87.72  ? 32  THR B CA  1 
ATOM   1245 C C   . THR B 2 32  ? -1.556  5.472   11.078  1.00 80.88  ? 32  THR B C   1 
ATOM   1246 O O   . THR B 2 32  ? -1.441  5.955   9.953   1.00 74.31  ? 32  THR B O   1 
ATOM   1247 C CB  . THR B 2 32  ? -2.695  3.302   11.517  1.00 77.22  ? 32  THR B CB  1 
ATOM   1248 O OG1 . THR B 2 32  ? -3.278  3.746   12.748  1.00 83.11  ? 32  THR B OG1 1 
ATOM   1249 C CG2 . THR B 2 32  ? -2.552  1.789   11.544  1.00 71.79  ? 32  THR B CG2 1 
ATOM   1250 N N   . HIS B 2 33  ? -1.870  6.188   12.153  1.00 93.95  ? 33  HIS B N   1 
ATOM   1251 C CA  . HIS B 2 33  ? -2.338  7.568   12.065  1.00 92.48  ? 33  HIS B CA  1 
ATOM   1252 C C   . HIS B 2 33  ? -1.333  8.576   12.611  1.00 93.26  ? 33  HIS B C   1 
ATOM   1253 O O   . HIS B 2 33  ? -1.611  9.775   12.642  1.00 112.50 ? 33  HIS B O   1 
ATOM   1254 C CB  . HIS B 2 33  ? -3.656  7.710   12.825  1.00 93.37  ? 33  HIS B CB  1 
ATOM   1255 C CG  . HIS B 2 33  ? -3.545  7.374   14.279  1.00 95.75  ? 33  HIS B CG  1 
ATOM   1256 N ND1 . HIS B 2 33  ? -3.506  6.076   14.741  1.00 96.97  ? 33  HIS B ND1 1 
ATOM   1257 C CD2 . HIS B 2 33  ? -3.457  8.166   15.374  1.00 101.83 ? 33  HIS B CD2 1 
ATOM   1258 C CE1 . HIS B 2 33  ? -3.403  6.083   16.058  1.00 104.42 ? 33  HIS B CE1 1 
ATOM   1259 N NE2 . HIS B 2 33  ? -3.371  7.339   16.467  1.00 100.88 ? 33  HIS B NE2 1 
ATOM   1260 N N   . LEU B 2 34  ? -0.174  8.087   13.041  1.00 94.66  ? 34  LEU B N   1 
ATOM   1261 C CA  . LEU B 2 34  ? 0.878   8.946   13.577  1.00 114.68 ? 34  LEU B CA  1 
ATOM   1262 C C   . LEU B 2 34  ? 0.375   9.750   14.777  1.00 109.66 ? 34  LEU B C   1 
ATOM   1263 O O   . LEU B 2 34  ? 0.043   10.932  14.659  1.00 95.36  ? 34  LEU B O   1 
ATOM   1264 C CB  . LEU B 2 34  ? 1.409   9.888   12.489  1.00 159.65 ? 34  LEU B CB  1 
ATOM   1265 C CG  . LEU B 2 34  ? 1.915   9.272   11.174  1.00 110.71 ? 34  LEU B CG  1 
ATOM   1266 C CD1 . LEU B 2 34  ? 2.619   7.936   11.409  1.00 73.98  ? 34  LEU B CD1 1 
ATOM   1267 C CD2 . LEU B 2 34  ? 0.794   9.110   10.143  1.00 86.89  ? 34  LEU B CD2 1 
HETATM 1268 C C2  . BGC C 3 .   ? 14.355  12.554  0.484   1.00 122.00 ? 601 BGC A C2  1 
HETATM 1269 C C3  . BGC C 3 .   ? 14.163  12.062  1.864   1.00 125.00 ? 601 BGC A C3  1 
HETATM 1270 C C4  . BGC C 3 .   ? 15.378  12.158  2.673   1.00 156.74 ? 601 BGC A C4  1 
HETATM 1271 C C5  . BGC C 3 .   ? 16.081  13.465  2.581   1.00 122.50 ? 601 BGC A C5  1 
HETATM 1272 C C6  . BGC C 3 .   ? 17.495  13.266  3.074   1.00 143.98 ? 601 BGC A C6  1 
HETATM 1273 C C1  . BGC C 3 .   ? 14.806  14.031  0.489   1.00 120.08 ? 601 BGC A C1  1 
HETATM 1274 O O1  . BGC C 3 .   ? 14.944  14.471  -0.726  1.00 114.21 ? 601 BGC A O1  1 
HETATM 1275 O O2  . BGC C 3 .   ? 13.133  12.431  -0.234  1.00 116.48 ? 601 BGC A O2  1 
HETATM 1276 O O3  . BGC C 3 .   ? 13.759  10.652  1.800   1.00 121.27 ? 601 BGC A O3  1 
HETATM 1277 O O4  . BGC C 3 .   ? 15.002  11.940  4.077   1.00 160.74 ? 601 BGC A O4  1 
HETATM 1278 O O5  . BGC C 3 .   ? 16.155  14.038  1.226   1.00 113.50 ? 601 BGC A O5  1 
HETATM 1279 O O6  . BGC C 3 .   ? 18.346  13.077  1.966   1.00 94.36  ? 601 BGC A O6  1 
# 
